data_5KIZ
#
_entry.id   5KIZ
#
_entity_poly.entity_id   1
_entity_poly.type   'polypeptide(L)'
_entity_poly.pdbx_seq_one_letter_code
;GEFLDSKTFLSRFSMDMKFTYCDDRITELIGYHPEELLGRSASEFWHALDSENMTKSHQNLCTKGQVVSGQYRMLAKHGG
YVWLETQMTVIYNPRNLQPQCIMAVNYVLSEIEK
;
_entity_poly.pdbx_strand_id   A
#
# COMPACT_ATOMS: atom_id res chain seq x y z
N GLY A 1 -1.58 17.42 -2.09
CA GLY A 1 -0.30 18.14 -1.95
C GLY A 1 0.29 18.00 -0.56
N GLU A 2 1.10 18.96 -0.15
CA GLU A 2 1.75 18.90 1.16
C GLU A 2 0.73 19.11 2.27
N PHE A 3 0.78 18.23 3.27
CA PHE A 3 -0.10 18.29 4.43
C PHE A 3 -1.54 17.92 4.07
N LEU A 4 -2.06 16.93 4.78
CA LEU A 4 -3.47 16.54 4.72
C LEU A 4 -3.67 15.25 5.53
N ASP A 5 -4.25 15.40 6.71
CA ASP A 5 -4.35 14.30 7.66
C ASP A 5 -5.33 13.23 7.21
N SER A 6 -6.39 13.65 6.53
CA SER A 6 -7.44 12.73 6.13
C SER A 6 -7.06 11.95 4.86
N LYS A 7 -5.92 12.27 4.28
CA LYS A 7 -5.47 11.58 3.08
C LYS A 7 -4.64 10.37 3.44
N THR A 8 -5.32 9.36 3.91
CA THR A 8 -4.70 8.12 4.28
C THR A 8 -5.69 6.98 4.10
N PHE A 9 -5.21 5.82 3.70
CA PHE A 9 -6.05 4.66 3.54
C PHE A 9 -5.31 3.40 3.94
N LEU A 10 -5.89 2.71 4.88
CA LEU A 10 -5.33 1.48 5.41
C LEU A 10 -5.44 0.36 4.39
N SER A 11 -4.56 -0.61 4.50
CA SER A 11 -4.67 -1.81 3.71
C SER A 11 -3.97 -2.95 4.43
N ARG A 12 -4.35 -4.17 4.11
CA ARG A 12 -3.65 -5.32 4.63
C ARG A 12 -3.20 -6.19 3.48
N PHE A 13 -2.00 -6.73 3.60
CA PHE A 13 -1.43 -7.54 2.55
C PHE A 13 -1.13 -8.94 3.03
N SER A 14 -1.36 -9.90 2.15
CA SER A 14 -0.85 -11.23 2.33
C SER A 14 0.66 -11.15 2.17
N MET A 15 1.39 -12.15 2.67
CA MET A 15 2.85 -12.15 2.60
C MET A 15 3.34 -12.18 1.15
N ASP A 16 2.41 -12.34 0.22
CA ASP A 16 2.72 -12.32 -1.20
C ASP A 16 2.41 -10.94 -1.82
N MET A 17 2.14 -9.95 -0.96
CA MET A 17 1.83 -8.59 -1.38
C MET A 17 0.49 -8.51 -2.09
N LYS A 18 -0.43 -9.37 -1.69
CA LYS A 18 -1.78 -9.36 -2.25
C LYS A 18 -2.75 -8.66 -1.31
N PHE A 19 -3.67 -7.94 -1.92
CA PHE A 19 -4.67 -7.17 -1.20
C PHE A 19 -5.68 -8.05 -0.48
N THR A 20 -5.77 -7.90 0.83
CA THR A 20 -6.77 -8.57 1.63
C THR A 20 -7.69 -7.54 2.28
N TYR A 21 -7.19 -6.31 2.39
CA TYR A 21 -7.99 -5.19 2.87
C TYR A 21 -7.48 -3.89 2.29
N CYS A 22 -8.39 -2.96 2.07
CA CYS A 22 -8.07 -1.58 1.79
C CYS A 22 -9.22 -0.72 2.28
N ASP A 23 -8.90 0.45 2.80
CA ASP A 23 -9.91 1.36 3.33
C ASP A 23 -10.50 2.21 2.22
N ASP A 24 -11.73 2.63 2.42
CA ASP A 24 -12.57 3.19 1.35
C ASP A 24 -11.97 4.47 0.75
N ARG A 25 -11.08 5.12 1.50
CA ARG A 25 -10.35 6.30 1.01
C ARG A 25 -9.67 6.03 -0.33
N ILE A 26 -9.27 4.79 -0.54
CA ILE A 26 -8.61 4.39 -1.77
C ILE A 26 -9.39 4.86 -3.01
N THR A 27 -10.71 4.81 -2.93
CA THR A 27 -11.53 5.17 -4.07
C THR A 27 -11.57 6.68 -4.25
N GLU A 28 -11.37 7.38 -3.16
CA GLU A 28 -11.27 8.83 -3.16
C GLU A 28 -9.95 9.28 -3.79
N LEU A 29 -8.90 8.60 -3.40
CA LEU A 29 -7.53 9.01 -3.68
C LEU A 29 -6.98 8.40 -4.95
N ILE A 30 -7.46 7.22 -5.28
CA ILE A 30 -7.00 6.52 -6.48
C ILE A 30 -8.18 6.21 -7.37
N GLY A 31 -9.28 5.89 -6.72
CA GLY A 31 -10.47 5.56 -7.43
C GLY A 31 -10.75 4.08 -7.45
N TYR A 32 -9.89 3.29 -6.81
CA TYR A 32 -10.12 1.87 -6.70
C TYR A 32 -11.04 1.56 -5.56
N HIS A 33 -11.96 0.65 -5.79
CA HIS A 33 -12.72 0.12 -4.69
C HIS A 33 -11.81 -0.80 -3.93
N PRO A 34 -11.86 -0.79 -2.60
CA PRO A 34 -11.02 -1.67 -1.80
C PRO A 34 -11.08 -3.10 -2.32
N GLU A 35 -12.30 -3.53 -2.62
CA GLU A 35 -12.56 -4.89 -3.08
C GLU A 35 -12.10 -5.15 -4.52
N GLU A 36 -11.87 -4.10 -5.30
CA GLU A 36 -11.40 -4.27 -6.66
C GLU A 36 -9.96 -4.70 -6.63
N LEU A 37 -9.35 -4.42 -5.50
CA LEU A 37 -7.96 -4.70 -5.28
C LEU A 37 -7.81 -6.01 -4.54
N LEU A 38 -8.81 -6.32 -3.74
CA LEU A 38 -8.77 -7.50 -2.90
C LEU A 38 -8.78 -8.76 -3.75
N GLY A 39 -7.65 -9.43 -3.77
CA GLY A 39 -7.50 -10.61 -4.58
C GLY A 39 -6.40 -10.45 -5.60
N ARG A 40 -5.83 -9.25 -5.63
CA ARG A 40 -4.76 -8.94 -6.56
C ARG A 40 -3.56 -8.42 -5.79
N SER A 41 -2.59 -7.86 -6.50
CA SER A 41 -1.35 -7.41 -5.89
C SER A 41 -1.19 -5.91 -6.06
N ALA A 42 -0.49 -5.30 -5.11
CA ALA A 42 -0.22 -3.88 -5.16
C ALA A 42 0.84 -3.56 -6.21
N SER A 43 1.67 -4.55 -6.50
CA SER A 43 2.77 -4.38 -7.45
C SER A 43 2.23 -4.12 -8.84
N GLU A 44 0.93 -4.36 -9.02
CA GLU A 44 0.27 -4.14 -10.28
C GLU A 44 0.14 -2.65 -10.59
N PHE A 45 0.00 -1.84 -9.55
CA PHE A 45 -0.19 -0.41 -9.76
C PHE A 45 1.05 0.38 -9.37
N TRP A 46 2.08 -0.30 -8.90
CA TRP A 46 3.32 0.37 -8.60
C TRP A 46 3.99 0.85 -9.88
N HIS A 47 4.43 2.09 -9.85
CA HIS A 47 5.20 2.65 -10.94
C HIS A 47 6.41 1.74 -11.21
N ALA A 48 6.54 1.25 -12.44
CA ALA A 48 7.48 0.17 -12.74
C ALA A 48 8.87 0.48 -12.24
N LEU A 49 9.32 1.69 -12.50
CA LEU A 49 10.67 2.13 -12.20
C LEU A 49 10.87 2.32 -10.70
N ASP A 50 9.84 2.01 -9.93
CA ASP A 50 9.89 2.07 -8.47
C ASP A 50 9.49 0.74 -7.86
N SER A 51 8.79 -0.07 -8.66
CA SER A 51 8.19 -1.30 -8.17
C SER A 51 9.25 -2.27 -7.67
N GLU A 52 10.44 -2.24 -8.27
CA GLU A 52 11.52 -3.11 -7.84
C GLU A 52 11.95 -2.74 -6.44
N ASN A 53 12.30 -1.48 -6.27
CA ASN A 53 12.72 -0.94 -4.99
C ASN A 53 11.63 -1.13 -3.95
N MET A 54 10.41 -0.91 -4.38
CA MET A 54 9.23 -1.15 -3.56
C MET A 54 9.18 -2.59 -3.07
N THR A 55 9.48 -3.51 -3.96
CA THR A 55 9.49 -4.93 -3.61
C THR A 55 10.58 -5.23 -2.58
N LYS A 56 11.73 -4.58 -2.74
CA LYS A 56 12.84 -4.73 -1.81
C LYS A 56 12.44 -4.31 -0.40
N SER A 57 11.50 -3.38 -0.30
CA SER A 57 10.99 -2.96 0.99
C SER A 57 10.38 -4.17 1.71
N HIS A 58 9.58 -4.93 0.98
CA HIS A 58 9.01 -6.16 1.52
C HIS A 58 10.11 -7.21 1.73
N GLN A 59 11.10 -7.19 0.85
CA GLN A 59 12.25 -8.08 0.96
C GLN A 59 12.97 -7.84 2.28
N ASN A 60 13.00 -6.59 2.71
CA ASN A 60 13.56 -6.24 4.01
C ASN A 60 12.60 -6.68 5.12
N LEU A 61 11.66 -5.80 5.44
CA LEU A 61 10.68 -6.02 6.51
C LEU A 61 11.33 -6.67 7.73
N CYS A 62 12.49 -6.13 8.14
CA CYS A 62 13.22 -6.71 9.27
C CYS A 62 14.08 -5.67 9.98
N THR A 63 14.43 -4.58 9.31
CA THR A 63 15.31 -3.55 9.90
C THR A 63 14.84 -3.12 11.29
N LYS A 64 13.61 -2.65 11.38
CA LYS A 64 13.04 -2.23 12.66
C LYS A 64 12.02 -3.26 13.11
N GLY A 65 12.05 -4.41 12.48
CA GLY A 65 10.97 -5.36 12.63
C GLY A 65 9.81 -4.96 11.74
N GLN A 66 10.06 -3.94 10.94
CA GLN A 66 9.06 -3.33 10.10
C GLN A 66 9.77 -2.66 8.93
N VAL A 67 9.01 -2.24 7.92
CA VAL A 67 9.60 -1.54 6.79
C VAL A 67 8.63 -0.49 6.26
N VAL A 68 9.17 0.64 5.84
CA VAL A 68 8.36 1.70 5.28
C VAL A 68 8.93 2.15 3.94
N SER A 69 8.13 2.01 2.90
CA SER A 69 8.55 2.35 1.56
C SER A 69 8.55 3.87 1.38
N GLY A 70 9.13 4.34 0.30
CA GLY A 70 9.16 5.76 0.03
C GLY A 70 7.97 6.20 -0.81
N GLN A 71 7.75 7.50 -0.88
CA GLN A 71 6.68 8.08 -1.68
C GLN A 71 6.79 7.61 -3.12
N TYR A 72 5.87 6.75 -3.53
CA TYR A 72 5.91 6.20 -4.87
C TYR A 72 4.65 6.56 -5.63
N ARG A 73 4.68 6.29 -6.93
CA ARG A 73 3.52 6.51 -7.78
C ARG A 73 2.71 5.23 -7.88
N MET A 74 1.43 5.35 -7.59
CA MET A 74 0.51 4.23 -7.73
C MET A 74 -0.45 4.54 -8.85
N LEU A 75 -0.72 3.53 -9.66
CA LEU A 75 -1.65 3.68 -10.76
C LEU A 75 -3.03 4.01 -10.24
N ALA A 76 -3.69 4.89 -10.95
CA ALA A 76 -5.02 5.32 -10.59
C ALA A 76 -6.05 4.53 -11.37
N LYS A 77 -7.25 4.38 -10.79
CA LYS A 77 -8.30 3.53 -11.36
C LYS A 77 -8.46 3.76 -12.85
N HIS A 78 -8.57 5.03 -13.20
CA HIS A 78 -8.96 5.40 -14.55
C HIS A 78 -7.73 5.72 -15.40
N GLY A 79 -6.62 5.08 -15.04
CA GLY A 79 -5.44 5.09 -15.89
C GLY A 79 -4.56 6.30 -15.71
N GLY A 80 -4.67 6.95 -14.57
CA GLY A 80 -3.77 8.02 -14.26
C GLY A 80 -2.69 7.55 -13.32
N TYR A 81 -2.47 8.32 -12.29
CA TYR A 81 -1.51 7.99 -11.26
C TYR A 81 -1.87 8.73 -10.00
N VAL A 82 -1.15 8.44 -8.96
CA VAL A 82 -1.38 9.09 -7.69
C VAL A 82 -0.15 8.97 -6.80
N TRP A 83 -0.09 9.78 -5.77
CA TRP A 83 1.06 9.80 -4.87
C TRP A 83 0.66 9.33 -3.50
N LEU A 84 1.25 8.25 -3.02
CA LEU A 84 1.10 7.83 -1.64
C LEU A 84 2.32 7.03 -1.19
N GLU A 85 2.57 7.06 0.11
CA GLU A 85 3.68 6.33 0.70
C GLU A 85 3.13 5.23 1.60
N THR A 86 3.70 4.05 1.49
CA THR A 86 3.15 2.88 2.17
C THR A 86 4.04 2.40 3.31
N GLN A 87 3.46 2.32 4.50
CA GLN A 87 4.14 1.75 5.64
C GLN A 87 3.64 0.34 5.87
N MET A 88 4.53 -0.64 5.82
CA MET A 88 4.14 -2.03 5.93
C MET A 88 4.64 -2.64 7.23
N THR A 89 3.73 -3.30 7.91
CA THR A 89 3.96 -3.79 9.25
C THR A 89 3.64 -5.28 9.32
N VAL A 90 4.51 -6.06 9.93
CA VAL A 90 4.25 -7.48 10.09
C VAL A 90 3.28 -7.71 11.24
N ILE A 91 2.12 -8.24 10.94
CA ILE A 91 1.19 -8.64 11.97
C ILE A 91 1.28 -10.15 12.17
N TYR A 92 1.84 -10.53 13.30
CA TYR A 92 2.08 -11.92 13.60
C TYR A 92 0.85 -12.61 14.19
N ASN A 93 0.86 -13.92 14.13
CA ASN A 93 -0.18 -14.73 14.72
C ASN A 93 0.16 -15.03 16.18
N PRO A 94 -0.69 -14.62 17.12
CA PRO A 94 -0.43 -14.72 18.56
C PRO A 94 0.00 -16.11 19.04
N ARG A 95 -0.30 -17.15 18.25
CA ARG A 95 -0.03 -18.52 18.68
C ARG A 95 1.42 -18.93 18.45
N ASN A 96 1.94 -18.61 17.28
CA ASN A 96 3.26 -19.07 16.89
C ASN A 96 4.17 -17.90 16.52
N LEU A 97 3.55 -16.72 16.53
CA LEU A 97 4.21 -15.47 16.17
C LEU A 97 4.79 -15.53 14.78
N GLN A 98 4.01 -16.08 13.88
CA GLN A 98 4.37 -16.18 12.49
C GLN A 98 3.57 -15.16 11.68
N PRO A 99 4.29 -14.34 10.89
CA PRO A 99 3.69 -13.34 10.01
C PRO A 99 2.52 -13.89 9.19
N GLN A 100 1.32 -13.46 9.54
CA GLN A 100 0.12 -13.90 8.85
C GLN A 100 -0.40 -12.84 7.89
N CYS A 101 -0.34 -11.60 8.32
CA CYS A 101 -0.86 -10.49 7.54
C CYS A 101 0.02 -9.26 7.70
N ILE A 102 0.02 -8.40 6.71
CA ILE A 102 0.78 -7.16 6.78
C ILE A 102 -0.16 -5.97 7.01
N MET A 103 0.15 -5.18 8.02
CA MET A 103 -0.58 -3.96 8.30
C MET A 103 0.05 -2.84 7.48
N ALA A 104 -0.66 -2.40 6.45
CA ALA A 104 -0.12 -1.40 5.56
C ALA A 104 -0.87 -0.09 5.67
N VAL A 105 -0.12 0.96 5.90
CA VAL A 105 -0.66 2.30 5.98
C VAL A 105 -0.27 3.08 4.75
N ASN A 106 -1.26 3.44 3.95
CA ASN A 106 -1.02 4.22 2.75
C ASN A 106 -1.52 5.62 2.95
N TYR A 107 -0.74 6.59 2.57
CA TYR A 107 -1.17 7.97 2.68
C TYR A 107 -0.63 8.77 1.52
N VAL A 108 -1.49 9.59 0.97
CA VAL A 108 -1.24 10.18 -0.32
C VAL A 108 -0.58 11.55 -0.17
N LEU A 109 0.44 11.76 -0.98
CA LEU A 109 1.11 13.05 -1.06
C LEU A 109 0.33 13.95 -2.00
N SER A 110 -0.39 13.34 -2.92
CA SER A 110 -1.19 14.06 -3.89
C SER A 110 -2.23 13.12 -4.45
N GLU A 111 -3.36 13.68 -4.85
CA GLU A 111 -4.41 12.92 -5.51
C GLU A 111 -4.01 12.61 -6.93
N ILE A 112 -4.93 12.02 -7.69
CA ILE A 112 -4.61 11.55 -9.03
C ILE A 112 -4.01 12.62 -9.90
N GLU A 113 -3.11 12.17 -10.75
CA GLU A 113 -2.56 12.94 -11.82
C GLU A 113 -2.61 12.13 -13.09
N LYS A 114 -3.46 12.55 -14.01
CA LYS A 114 -3.69 11.82 -15.24
C LYS A 114 -2.84 12.38 -16.36
N GLY A 1 -2.39 25.79 6.38
CA GLY A 1 -3.57 25.11 6.96
C GLY A 1 -3.74 23.71 6.41
N GLU A 2 -4.35 22.84 7.18
CA GLU A 2 -4.51 21.44 6.78
C GLU A 2 -5.82 21.27 5.99
N PHE A 3 -5.68 21.20 4.69
CA PHE A 3 -6.82 20.93 3.82
C PHE A 3 -6.63 19.59 3.15
N LEU A 4 -7.74 18.86 2.97
CA LEU A 4 -7.75 17.50 2.42
C LEU A 4 -6.70 16.61 3.08
N ASP A 5 -6.40 16.88 4.34
CA ASP A 5 -5.31 16.20 5.05
C ASP A 5 -5.69 14.78 5.42
N SER A 6 -6.92 14.38 5.11
CA SER A 6 -7.39 13.02 5.35
C SER A 6 -6.85 12.06 4.28
N LYS A 7 -5.69 12.39 3.73
CA LYS A 7 -5.10 11.61 2.65
C LYS A 7 -4.40 10.38 3.19
N THR A 8 -5.18 9.46 3.63
CA THR A 8 -4.68 8.20 4.13
C THR A 8 -5.70 7.10 3.91
N PHE A 9 -5.21 5.89 3.65
CA PHE A 9 -6.08 4.73 3.53
C PHE A 9 -5.35 3.47 3.94
N LEU A 10 -5.95 2.78 4.89
CA LEU A 10 -5.41 1.56 5.43
C LEU A 10 -5.49 0.42 4.44
N SER A 11 -4.62 -0.56 4.61
CA SER A 11 -4.66 -1.77 3.82
C SER A 11 -3.97 -2.91 4.56
N ARG A 12 -4.29 -4.13 4.20
CA ARG A 12 -3.60 -5.27 4.75
C ARG A 12 -3.21 -6.21 3.62
N PHE A 13 -1.99 -6.72 3.68
CA PHE A 13 -1.46 -7.53 2.60
C PHE A 13 -1.11 -8.92 3.10
N SER A 14 -1.11 -9.86 2.17
CA SER A 14 -0.52 -11.15 2.42
C SER A 14 0.97 -11.07 2.11
N MET A 15 1.75 -12.08 2.45
CA MET A 15 3.19 -12.05 2.25
C MET A 15 3.54 -11.79 0.78
N ASP A 16 2.62 -12.17 -0.11
CA ASP A 16 2.84 -12.05 -1.56
C ASP A 16 2.39 -10.68 -2.07
N MET A 17 2.16 -9.77 -1.13
CA MET A 17 1.77 -8.39 -1.43
C MET A 17 0.43 -8.34 -2.14
N LYS A 18 -0.46 -9.24 -1.74
CA LYS A 18 -1.82 -9.25 -2.27
C LYS A 18 -2.79 -8.58 -1.31
N PHE A 19 -3.74 -7.88 -1.89
CA PHE A 19 -4.74 -7.13 -1.15
C PHE A 19 -5.72 -8.06 -0.42
N THR A 20 -5.78 -7.91 0.88
CA THR A 20 -6.75 -8.63 1.69
C THR A 20 -7.69 -7.64 2.37
N TYR A 21 -7.19 -6.42 2.53
CA TYR A 21 -7.98 -5.31 3.02
C TYR A 21 -7.47 -4.00 2.45
N CYS A 22 -8.41 -3.10 2.20
CA CYS A 22 -8.11 -1.72 1.89
C CYS A 22 -9.28 -0.85 2.37
N ASP A 23 -8.98 0.33 2.88
CA ASP A 23 -10.03 1.22 3.35
C ASP A 23 -10.58 2.04 2.20
N ASP A 24 -11.83 2.42 2.32
CA ASP A 24 -12.61 2.96 1.20
C ASP A 24 -12.04 4.28 0.66
N ARG A 25 -11.18 4.92 1.45
CA ARG A 25 -10.45 6.12 1.02
C ARG A 25 -9.77 5.90 -0.31
N ILE A 26 -9.32 4.68 -0.55
CA ILE A 26 -8.64 4.33 -1.80
C ILE A 26 -9.45 4.78 -3.01
N THR A 27 -10.76 4.69 -2.92
CA THR A 27 -11.61 5.02 -4.04
C THR A 27 -11.69 6.52 -4.23
N GLU A 28 -11.50 7.23 -3.15
CA GLU A 28 -11.43 8.68 -3.15
C GLU A 28 -10.12 9.15 -3.78
N LEU A 29 -9.04 8.50 -3.40
CA LEU A 29 -7.69 8.97 -3.68
C LEU A 29 -7.10 8.36 -4.94
N ILE A 30 -7.57 7.20 -5.30
CA ILE A 30 -7.11 6.52 -6.50
C ILE A 30 -8.28 6.20 -7.39
N GLY A 31 -9.37 5.86 -6.74
CA GLY A 31 -10.57 5.52 -7.45
C GLY A 31 -10.82 4.02 -7.46
N TYR A 32 -9.92 3.26 -6.83
CA TYR A 32 -10.13 1.83 -6.71
C TYR A 32 -11.02 1.50 -5.55
N HIS A 33 -11.92 0.60 -5.76
CA HIS A 33 -12.68 0.07 -4.64
C HIS A 33 -11.77 -0.88 -3.90
N PRO A 34 -11.78 -0.87 -2.57
CA PRO A 34 -10.98 -1.80 -1.80
C PRO A 34 -11.14 -3.22 -2.35
N GLU A 35 -12.39 -3.62 -2.54
CA GLU A 35 -12.71 -4.95 -3.01
C GLU A 35 -12.19 -5.23 -4.43
N GLU A 36 -11.97 -4.18 -5.23
CA GLU A 36 -11.49 -4.36 -6.58
C GLU A 36 -10.06 -4.82 -6.55
N LEU A 37 -9.43 -4.49 -5.45
CA LEU A 37 -8.02 -4.75 -5.25
C LEU A 37 -7.85 -6.05 -4.49
N LEU A 38 -8.85 -6.36 -3.69
CA LEU A 38 -8.81 -7.54 -2.84
C LEU A 38 -8.78 -8.81 -3.68
N GLY A 39 -7.63 -9.46 -3.68
CA GLY A 39 -7.44 -10.66 -4.45
C GLY A 39 -6.32 -10.49 -5.45
N ARG A 40 -5.87 -9.26 -5.61
CA ARG A 40 -4.83 -8.95 -6.56
C ARG A 40 -3.62 -8.37 -5.82
N SER A 41 -2.68 -7.84 -6.57
CA SER A 41 -1.43 -7.37 -6.01
C SER A 41 -1.31 -5.87 -6.17
N ALA A 42 -0.67 -5.23 -5.18
CA ALA A 42 -0.46 -3.78 -5.22
C ALA A 42 0.60 -3.41 -6.22
N SER A 43 1.57 -4.31 -6.36
CA SER A 43 2.71 -4.13 -7.26
C SER A 43 2.23 -3.88 -8.69
N GLU A 44 0.98 -4.26 -8.96
CA GLU A 44 0.39 -4.13 -10.27
C GLU A 44 0.17 -2.66 -10.63
N PHE A 45 -0.04 -1.81 -9.64
CA PHE A 45 -0.32 -0.41 -9.91
C PHE A 45 0.89 0.47 -9.62
N TRP A 46 1.92 -0.10 -9.01
CA TRP A 46 3.09 0.66 -8.66
C TRP A 46 3.83 1.12 -9.91
N HIS A 47 4.26 2.37 -9.88
CA HIS A 47 5.06 2.94 -10.97
C HIS A 47 6.28 2.05 -11.21
N ALA A 48 6.45 1.58 -12.44
CA ALA A 48 7.39 0.50 -12.73
C ALA A 48 8.79 0.80 -12.20
N LEU A 49 9.21 2.04 -12.39
CA LEU A 49 10.55 2.47 -12.06
C LEU A 49 10.72 2.69 -10.55
N ASP A 50 9.69 2.33 -9.81
CA ASP A 50 9.70 2.44 -8.36
C ASP A 50 9.26 1.13 -7.73
N SER A 51 8.47 0.38 -8.49
CA SER A 51 7.79 -0.81 -7.97
C SER A 51 8.79 -1.83 -7.45
N GLU A 52 9.73 -2.22 -8.29
CA GLU A 52 10.72 -3.20 -7.91
C GLU A 52 11.46 -2.74 -6.67
N ASN A 53 11.94 -1.51 -6.73
CA ASN A 53 12.70 -0.92 -5.65
C ASN A 53 11.93 -0.96 -4.35
N MET A 54 10.70 -0.48 -4.36
CA MET A 54 9.91 -0.45 -3.14
C MET A 54 9.47 -1.84 -2.73
N THR A 55 9.48 -2.79 -3.67
CA THR A 55 9.25 -4.18 -3.33
C THR A 55 10.37 -4.66 -2.41
N LYS A 56 11.59 -4.23 -2.72
CA LYS A 56 12.77 -4.52 -1.90
C LYS A 56 12.60 -3.93 -0.49
N SER A 57 11.83 -2.86 -0.37
CA SER A 57 11.49 -2.33 0.95
C SER A 57 10.76 -3.40 1.76
N HIS A 58 9.75 -4.00 1.15
CA HIS A 58 9.04 -5.13 1.75
C HIS A 58 10.00 -6.29 2.00
N GLN A 59 10.97 -6.43 1.12
CA GLN A 59 11.99 -7.47 1.23
C GLN A 59 12.94 -7.16 2.38
N ASN A 60 13.12 -5.88 2.66
CA ASN A 60 13.98 -5.43 3.76
C ASN A 60 13.37 -5.85 5.09
N LEU A 61 12.50 -5.00 5.63
CA LEU A 61 11.76 -5.27 6.87
C LEU A 61 12.68 -5.29 8.11
N CYS A 62 13.84 -5.91 7.98
CA CYS A 62 14.74 -6.16 9.09
C CYS A 62 15.15 -4.88 9.84
N THR A 63 15.09 -3.73 9.18
CA THR A 63 15.52 -2.47 9.77
C THR A 63 14.87 -2.23 11.14
N LYS A 64 13.56 -2.06 11.15
CA LYS A 64 12.84 -1.80 12.40
C LYS A 64 12.04 -3.03 12.80
N GLY A 65 12.15 -4.08 12.00
CA GLY A 65 11.19 -5.16 12.06
C GLY A 65 9.93 -4.74 11.32
N GLN A 66 10.06 -3.59 10.68
CA GLN A 66 8.97 -2.92 9.99
C GLN A 66 9.63 -2.03 8.94
N VAL A 67 8.91 -1.70 7.88
CA VAL A 67 9.54 -0.98 6.77
C VAL A 67 8.53 -0.06 6.06
N VAL A 68 9.06 0.96 5.39
CA VAL A 68 8.25 1.91 4.64
C VAL A 68 8.84 2.07 3.23
N SER A 69 7.97 2.24 2.24
CA SER A 69 8.40 2.23 0.85
C SER A 69 8.88 3.60 0.36
N GLY A 70 8.24 4.66 0.82
CA GLY A 70 8.57 5.99 0.36
C GLY A 70 7.55 6.54 -0.61
N GLN A 71 7.69 7.80 -0.99
CA GLN A 71 6.83 8.43 -1.97
C GLN A 71 6.93 7.75 -3.33
N TYR A 72 6.09 6.75 -3.54
CA TYR A 72 6.00 6.11 -4.83
C TYR A 72 4.71 6.53 -5.50
N ARG A 73 4.62 6.31 -6.80
CA ARG A 73 3.42 6.63 -7.53
C ARG A 73 2.62 5.36 -7.79
N MET A 74 1.33 5.45 -7.53
CA MET A 74 0.43 4.31 -7.72
C MET A 74 -0.51 4.62 -8.85
N LEU A 75 -0.79 3.63 -9.67
CA LEU A 75 -1.71 3.77 -10.77
C LEU A 75 -3.08 4.12 -10.27
N ALA A 76 -3.73 5.01 -10.98
CA ALA A 76 -5.06 5.44 -10.63
C ALA A 76 -6.08 4.64 -11.40
N LYS A 77 -7.29 4.51 -10.84
CA LYS A 77 -8.32 3.64 -11.40
C LYS A 77 -8.47 3.82 -12.89
N HIS A 78 -8.53 5.07 -13.31
CA HIS A 78 -8.88 5.38 -14.68
C HIS A 78 -7.65 5.71 -15.51
N GLY A 79 -6.52 5.13 -15.11
CA GLY A 79 -5.32 5.17 -15.93
C GLY A 79 -4.47 6.38 -15.74
N GLY A 80 -4.60 7.03 -14.60
CA GLY A 80 -3.71 8.10 -14.27
C GLY A 80 -2.63 7.63 -13.35
N TYR A 81 -2.44 8.36 -12.27
CA TYR A 81 -1.47 8.02 -11.25
C TYR A 81 -1.81 8.76 -9.99
N VAL A 82 -1.10 8.47 -8.93
CA VAL A 82 -1.30 9.15 -7.66
C VAL A 82 -0.08 8.96 -6.77
N TRP A 83 0.04 9.80 -5.76
CA TRP A 83 1.18 9.73 -4.85
C TRP A 83 0.75 9.32 -3.46
N LEU A 84 1.23 8.19 -2.99
CA LEU A 84 1.07 7.81 -1.58
C LEU A 84 2.27 6.98 -1.12
N GLU A 85 2.56 7.06 0.17
CA GLU A 85 3.64 6.30 0.76
C GLU A 85 3.07 5.17 1.61
N THR A 86 3.62 3.97 1.43
CA THR A 86 3.09 2.81 2.12
C THR A 86 4.02 2.35 3.24
N GLN A 87 3.48 2.31 4.45
CA GLN A 87 4.17 1.69 5.57
C GLN A 87 3.71 0.25 5.69
N MET A 88 4.66 -0.67 5.77
CA MET A 88 4.34 -2.07 5.87
C MET A 88 4.84 -2.67 7.17
N THR A 89 3.93 -3.32 7.85
CA THR A 89 4.17 -3.87 9.16
C THR A 89 3.75 -5.32 9.21
N VAL A 90 4.57 -6.17 9.79
CA VAL A 90 4.23 -7.57 9.91
C VAL A 90 3.20 -7.75 11.00
N ILE A 91 2.09 -8.40 10.67
CA ILE A 91 1.10 -8.73 11.64
C ILE A 91 1.20 -10.21 11.99
N TYR A 92 1.69 -10.46 13.19
CA TYR A 92 1.94 -11.82 13.65
C TYR A 92 0.71 -12.44 14.27
N ASN A 93 0.64 -13.75 14.20
CA ASN A 93 -0.45 -14.51 14.80
C ASN A 93 -0.19 -14.67 16.29
N PRO A 94 -1.12 -14.25 17.14
CA PRO A 94 -0.93 -14.20 18.60
C PRO A 94 -0.52 -15.53 19.23
N ARG A 95 -0.77 -16.62 18.52
CA ARG A 95 -0.49 -17.95 19.04
C ARG A 95 0.99 -18.31 18.99
N ASN A 96 1.60 -18.13 17.83
CA ASN A 96 2.97 -18.57 17.60
C ASN A 96 3.84 -17.43 17.14
N LEU A 97 3.21 -16.27 17.00
CA LEU A 97 3.84 -15.05 16.53
C LEU A 97 4.49 -15.24 15.18
N GLN A 98 3.74 -15.88 14.30
CA GLN A 98 4.13 -16.05 12.92
C GLN A 98 3.36 -15.07 12.03
N PRO A 99 4.09 -14.32 11.21
CA PRO A 99 3.52 -13.39 10.22
C PRO A 99 2.37 -14.00 9.42
N GLN A 100 1.17 -13.48 9.64
CA GLN A 100 -0.01 -13.93 8.91
C GLN A 100 -0.42 -12.90 7.88
N CYS A 101 -0.38 -11.64 8.26
CA CYS A 101 -0.79 -10.56 7.39
C CYS A 101 0.18 -9.38 7.52
N ILE A 102 0.01 -8.38 6.68
CA ILE A 102 0.81 -7.18 6.74
C ILE A 102 -0.07 -5.96 6.96
N MET A 103 0.25 -5.20 7.98
CA MET A 103 -0.44 -3.97 8.27
C MET A 103 0.16 -2.86 7.42
N ALA A 104 -0.56 -2.42 6.43
CA ALA A 104 -0.03 -1.44 5.50
C ALA A 104 -0.82 -0.14 5.56
N VAL A 105 -0.09 0.92 5.85
CA VAL A 105 -0.66 2.24 5.94
C VAL A 105 -0.27 3.05 4.72
N ASN A 106 -1.26 3.44 3.94
CA ASN A 106 -1.02 4.24 2.75
C ASN A 106 -1.52 5.64 2.98
N TYR A 107 -0.74 6.62 2.57
CA TYR A 107 -1.16 8.00 2.69
C TYR A 107 -0.60 8.80 1.54
N VAL A 108 -1.45 9.61 0.96
CA VAL A 108 -1.18 10.21 -0.32
C VAL A 108 -0.54 11.59 -0.16
N LEU A 109 0.53 11.80 -0.91
CA LEU A 109 1.22 13.07 -0.94
C LEU A 109 0.53 14.01 -1.92
N SER A 110 -0.17 13.43 -2.88
CA SER A 110 -0.84 14.23 -3.90
C SER A 110 -1.95 13.45 -4.55
N GLU A 111 -2.81 14.18 -5.23
CA GLU A 111 -3.98 13.61 -5.89
C GLU A 111 -3.56 12.90 -7.17
N ILE A 112 -4.53 12.44 -7.93
CA ILE A 112 -4.29 11.78 -9.19
C ILE A 112 -3.64 12.70 -10.23
N GLU A 113 -2.87 12.09 -11.09
CA GLU A 113 -2.32 12.76 -12.25
C GLU A 113 -2.72 12.02 -13.51
N LYS A 114 -3.69 12.57 -14.22
CA LYS A 114 -4.21 11.97 -15.43
C LYS A 114 -3.58 12.60 -16.65
N GLY A 1 -6.99 18.51 9.67
CA GLY A 1 -8.43 18.61 9.96
C GLY A 1 -9.02 17.28 10.41
N GLU A 2 -9.97 16.77 9.66
CA GLU A 2 -10.64 15.53 10.01
C GLU A 2 -10.53 14.53 8.87
N PHE A 3 -11.33 14.73 7.84
CA PHE A 3 -11.27 13.91 6.65
C PHE A 3 -10.70 14.74 5.51
N LEU A 4 -10.53 14.11 4.35
CA LEU A 4 -10.11 14.81 3.13
C LEU A 4 -8.62 15.18 3.21
N ASP A 5 -8.28 16.05 4.16
CA ASP A 5 -6.90 16.47 4.35
C ASP A 5 -6.08 15.36 5.01
N SER A 6 -6.79 14.39 5.56
CA SER A 6 -6.15 13.25 6.21
C SER A 6 -5.28 12.49 5.22
N LYS A 7 -5.81 12.32 4.01
CA LYS A 7 -5.15 11.61 2.92
C LYS A 7 -4.42 10.37 3.40
N THR A 8 -5.19 9.39 3.79
CA THR A 8 -4.66 8.12 4.24
C THR A 8 -5.69 7.03 4.03
N PHE A 9 -5.23 5.83 3.69
CA PHE A 9 -6.10 4.69 3.54
C PHE A 9 -5.37 3.42 3.92
N LEU A 10 -5.97 2.72 4.85
CA LEU A 10 -5.40 1.49 5.38
C LEU A 10 -5.51 0.35 4.39
N SER A 11 -4.64 -0.62 4.54
CA SER A 11 -4.69 -1.83 3.73
C SER A 11 -3.99 -2.96 4.48
N ARG A 12 -4.26 -4.18 4.07
CA ARG A 12 -3.59 -5.33 4.64
C ARG A 12 -3.15 -6.26 3.52
N PHE A 13 -1.93 -6.75 3.62
CA PHE A 13 -1.35 -7.57 2.58
C PHE A 13 -0.99 -8.95 3.10
N SER A 14 -1.08 -9.92 2.23
CA SER A 14 -0.55 -11.23 2.51
C SER A 14 0.94 -11.24 2.23
N MET A 15 1.62 -12.35 2.49
CA MET A 15 3.06 -12.43 2.26
C MET A 15 3.39 -12.17 0.79
N ASP A 16 2.41 -12.42 -0.09
CA ASP A 16 2.63 -12.27 -1.54
C ASP A 16 2.31 -10.86 -2.01
N MET A 17 2.21 -9.92 -1.07
CA MET A 17 1.90 -8.53 -1.38
C MET A 17 0.53 -8.41 -2.03
N LYS A 18 -0.38 -9.29 -1.63
CA LYS A 18 -1.73 -9.29 -2.17
C LYS A 18 -2.70 -8.61 -1.22
N PHE A 19 -3.68 -7.94 -1.81
CA PHE A 19 -4.67 -7.19 -1.07
C PHE A 19 -5.64 -8.10 -0.35
N THR A 20 -5.72 -7.93 0.96
CA THR A 20 -6.71 -8.63 1.77
C THR A 20 -7.65 -7.62 2.41
N TYR A 21 -7.14 -6.41 2.56
CA TYR A 21 -7.94 -5.29 3.02
C TYR A 21 -7.44 -3.99 2.43
N CYS A 22 -8.37 -3.09 2.21
CA CYS A 22 -8.08 -1.71 1.89
C CYS A 22 -9.25 -0.86 2.34
N ASP A 23 -8.98 0.33 2.82
CA ASP A 23 -10.03 1.22 3.26
C ASP A 23 -10.53 2.04 2.08
N ASP A 24 -11.80 2.37 2.14
CA ASP A 24 -12.52 2.93 0.99
C ASP A 24 -11.99 4.29 0.55
N ARG A 25 -11.18 4.93 1.40
CA ARG A 25 -10.46 6.15 1.01
C ARG A 25 -9.73 5.96 -0.30
N ILE A 26 -9.27 4.75 -0.55
CA ILE A 26 -8.58 4.41 -1.79
C ILE A 26 -9.39 4.86 -3.01
N THR A 27 -10.71 4.76 -2.93
CA THR A 27 -11.55 5.10 -4.04
C THR A 27 -11.65 6.62 -4.21
N GLU A 28 -11.46 7.30 -3.11
CA GLU A 28 -11.44 8.75 -3.07
C GLU A 28 -10.13 9.29 -3.66
N LEU A 29 -9.05 8.62 -3.34
CA LEU A 29 -7.70 9.10 -3.61
C LEU A 29 -7.10 8.51 -4.89
N ILE A 30 -7.55 7.31 -5.24
CA ILE A 30 -7.09 6.64 -6.45
C ILE A 30 -8.27 6.31 -7.32
N GLY A 31 -9.35 5.95 -6.67
CA GLY A 31 -10.54 5.59 -7.36
C GLY A 31 -10.78 4.10 -7.40
N TYR A 32 -9.86 3.33 -6.82
CA TYR A 32 -10.05 1.90 -6.72
C TYR A 32 -10.94 1.57 -5.57
N HIS A 33 -11.86 0.67 -5.79
CA HIS A 33 -12.60 0.13 -4.67
C HIS A 33 -11.67 -0.82 -3.94
N PRO A 34 -11.69 -0.81 -2.61
CA PRO A 34 -10.88 -1.74 -1.84
C PRO A 34 -11.04 -3.16 -2.39
N GLU A 35 -12.28 -3.56 -2.57
CA GLU A 35 -12.60 -4.89 -3.05
C GLU A 35 -12.07 -5.16 -4.46
N GLU A 36 -11.84 -4.10 -5.25
CA GLU A 36 -11.31 -4.25 -6.58
C GLU A 36 -9.88 -4.71 -6.51
N LEU A 37 -9.28 -4.40 -5.40
CA LEU A 37 -7.89 -4.67 -5.17
C LEU A 37 -7.75 -5.97 -4.43
N LEU A 38 -8.76 -6.28 -3.63
CA LEU A 38 -8.76 -7.48 -2.80
C LEU A 38 -8.76 -8.73 -3.66
N GLY A 39 -7.66 -9.44 -3.61
CA GLY A 39 -7.51 -10.64 -4.39
C GLY A 39 -6.40 -10.50 -5.39
N ARG A 40 -5.85 -9.29 -5.48
CA ARG A 40 -4.78 -9.02 -6.42
C ARG A 40 -3.60 -8.40 -5.69
N SER A 41 -2.63 -7.92 -6.45
CA SER A 41 -1.38 -7.44 -5.86
C SER A 41 -1.25 -5.93 -6.00
N ALA A 42 -0.55 -5.33 -5.04
CA ALA A 42 -0.25 -3.90 -5.10
C ALA A 42 0.82 -3.62 -6.13
N SER A 43 1.69 -4.61 -6.35
CA SER A 43 2.79 -4.48 -7.29
C SER A 43 2.26 -4.23 -8.71
N GLU A 44 0.96 -4.46 -8.88
CA GLU A 44 0.29 -4.27 -10.14
C GLU A 44 0.24 -2.79 -10.53
N PHE A 45 -0.09 -1.92 -9.58
CA PHE A 45 -0.34 -0.52 -9.92
C PHE A 45 0.88 0.36 -9.63
N TRP A 46 1.97 -0.23 -9.16
CA TRP A 46 3.16 0.53 -8.88
C TRP A 46 3.79 1.05 -10.16
N HIS A 47 4.15 2.32 -10.16
CA HIS A 47 4.89 2.92 -11.26
C HIS A 47 6.16 2.11 -11.52
N ALA A 48 6.38 1.70 -12.76
CA ALA A 48 7.42 0.72 -13.08
C ALA A 48 8.76 1.10 -12.49
N LEU A 49 9.11 2.38 -12.65
CA LEU A 49 10.41 2.89 -12.25
C LEU A 49 10.48 3.12 -10.74
N ASP A 50 9.44 2.69 -10.04
CA ASP A 50 9.41 2.75 -8.58
C ASP A 50 9.08 1.37 -8.01
N SER A 51 8.46 0.53 -8.83
CA SER A 51 7.95 -0.75 -8.39
C SER A 51 9.05 -1.66 -7.86
N GLU A 52 10.21 -1.62 -8.50
CA GLU A 52 11.32 -2.47 -8.11
C GLU A 52 11.80 -2.08 -6.73
N ASN A 53 12.12 -0.81 -6.58
CA ASN A 53 12.55 -0.26 -5.31
C ASN A 53 11.50 -0.52 -4.24
N MET A 54 10.26 -0.33 -4.62
CA MET A 54 9.12 -0.64 -3.77
C MET A 54 9.13 -2.10 -3.31
N THR A 55 9.45 -2.99 -4.22
CA THR A 55 9.53 -4.40 -3.93
C THR A 55 10.61 -4.67 -2.88
N LYS A 56 11.74 -3.99 -3.02
CA LYS A 56 12.86 -4.11 -2.09
C LYS A 56 12.44 -3.79 -0.64
N SER A 57 11.42 -2.97 -0.47
CA SER A 57 10.89 -2.68 0.85
C SER A 57 10.39 -3.97 1.49
N HIS A 58 9.58 -4.72 0.75
CA HIS A 58 9.09 -6.01 1.21
C HIS A 58 10.24 -7.00 1.34
N GLN A 59 11.22 -6.85 0.46
CA GLN A 59 12.42 -7.70 0.47
C GLN A 59 13.24 -7.45 1.73
N ASN A 60 13.33 -6.18 2.11
CA ASN A 60 14.15 -5.77 3.25
C ASN A 60 13.55 -6.30 4.54
N LEU A 61 12.57 -5.57 5.08
CA LEU A 61 11.95 -5.90 6.35
C LEU A 61 13.01 -5.97 7.46
N CYS A 62 12.58 -6.31 8.68
CA CYS A 62 13.50 -6.58 9.78
C CYS A 62 14.21 -5.32 10.31
N THR A 63 14.21 -4.25 9.52
CA THR A 63 14.89 -3.00 9.88
C THR A 63 14.51 -2.54 11.29
N LYS A 64 13.26 -2.17 11.45
CA LYS A 64 12.75 -1.74 12.76
C LYS A 64 11.85 -2.84 13.30
N GLY A 65 11.96 -4.01 12.70
CA GLY A 65 10.94 -5.03 12.86
C GLY A 65 9.79 -4.71 11.93
N GLN A 66 10.02 -3.67 11.13
CA GLN A 66 9.03 -3.12 10.23
C GLN A 66 9.80 -2.50 9.06
N VAL A 67 9.10 -2.12 8.00
CA VAL A 67 9.75 -1.48 6.87
C VAL A 67 8.84 -0.42 6.24
N VAL A 68 9.47 0.64 5.77
CA VAL A 68 8.75 1.72 5.08
C VAL A 68 9.41 1.92 3.72
N SER A 69 8.57 2.02 2.69
CA SER A 69 9.03 1.90 1.32
C SER A 69 9.57 3.20 0.76
N GLY A 70 8.73 4.21 0.66
CA GLY A 70 9.10 5.46 0.04
C GLY A 70 7.97 6.02 -0.77
N GLN A 71 7.88 7.35 -0.85
CA GLN A 71 6.85 7.99 -1.65
C GLN A 71 6.93 7.54 -3.09
N TYR A 72 5.94 6.79 -3.51
CA TYR A 72 5.95 6.22 -4.85
C TYR A 72 4.70 6.61 -5.60
N ARG A 73 4.70 6.31 -6.89
CA ARG A 73 3.57 6.59 -7.75
C ARG A 73 2.75 5.34 -7.95
N MET A 74 1.46 5.45 -7.67
CA MET A 74 0.55 4.33 -7.83
C MET A 74 -0.43 4.64 -8.94
N LEU A 75 -0.76 3.65 -9.73
CA LEU A 75 -1.71 3.80 -10.79
C LEU A 75 -3.06 4.18 -10.24
N ALA A 76 -3.73 5.04 -10.98
CA ALA A 76 -5.05 5.48 -10.59
C ALA A 76 -6.10 4.69 -11.35
N LYS A 77 -7.30 4.61 -10.78
CA LYS A 77 -8.35 3.73 -11.31
C LYS A 77 -8.53 3.86 -12.80
N HIS A 78 -8.59 5.08 -13.26
CA HIS A 78 -8.99 5.36 -14.63
C HIS A 78 -7.78 5.64 -15.50
N GLY A 79 -6.62 5.18 -15.03
CA GLY A 79 -5.42 5.20 -15.85
C GLY A 79 -4.54 6.41 -15.64
N GLY A 80 -4.77 7.11 -14.56
CA GLY A 80 -3.88 8.19 -14.21
C GLY A 80 -2.77 7.69 -13.33
N TYR A 81 -2.53 8.41 -12.26
CA TYR A 81 -1.51 8.08 -11.29
C TYR A 81 -1.81 8.81 -10.00
N VAL A 82 -1.06 8.50 -8.97
CA VAL A 82 -1.24 9.15 -7.70
C VAL A 82 0.00 8.97 -6.82
N TRP A 83 0.08 9.76 -5.76
CA TRP A 83 1.23 9.71 -4.84
C TRP A 83 0.79 9.32 -3.46
N LEU A 84 1.28 8.19 -2.97
CA LEU A 84 1.12 7.82 -1.57
C LEU A 84 2.30 6.97 -1.11
N GLU A 85 2.57 7.03 0.18
CA GLU A 85 3.59 6.20 0.80
C GLU A 85 2.92 5.02 1.47
N THR A 86 3.52 3.84 1.33
CA THR A 86 2.97 2.65 1.94
C THR A 86 3.88 2.16 3.06
N GLN A 87 3.39 2.35 4.28
CA GLN A 87 4.11 1.91 5.46
C GLN A 87 3.62 0.54 5.87
N MET A 88 4.45 -0.46 5.67
CA MET A 88 4.05 -1.84 5.89
C MET A 88 4.53 -2.34 7.24
N THR A 89 3.66 -3.10 7.88
CA THR A 89 3.87 -3.60 9.21
C THR A 89 3.53 -5.08 9.25
N VAL A 90 4.42 -5.90 9.78
CA VAL A 90 4.12 -7.31 9.92
C VAL A 90 3.22 -7.52 11.12
N ILE A 91 2.08 -8.13 10.89
CA ILE A 91 1.21 -8.49 11.98
C ILE A 91 1.36 -9.96 12.26
N TYR A 92 2.07 -10.23 13.34
CA TYR A 92 2.41 -11.59 13.73
C TYR A 92 1.25 -12.28 14.43
N ASN A 93 1.14 -13.57 14.21
CA ASN A 93 0.08 -14.37 14.83
C ASN A 93 0.39 -14.59 16.30
N PRO A 94 -0.55 -14.24 17.19
CA PRO A 94 -0.33 -14.26 18.65
C PRO A 94 0.13 -15.62 19.19
N ARG A 95 -0.12 -16.68 18.44
CA ARG A 95 0.20 -18.03 18.89
C ARG A 95 1.66 -18.40 18.65
N ASN A 96 2.18 -18.09 17.47
CA ASN A 96 3.52 -18.54 17.10
C ASN A 96 4.42 -17.36 16.79
N LEU A 97 3.78 -16.19 16.74
CA LEU A 97 4.44 -14.93 16.40
C LEU A 97 5.13 -15.03 15.06
N GLN A 98 4.42 -15.60 14.11
CA GLN A 98 4.88 -15.73 12.75
C GLN A 98 4.10 -14.81 11.84
N PRO A 99 4.81 -14.09 10.97
CA PRO A 99 4.23 -13.21 9.95
C PRO A 99 3.15 -13.88 9.12
N GLN A 100 1.92 -13.41 9.28
CA GLN A 100 0.81 -13.90 8.49
C GLN A 100 0.29 -12.82 7.57
N CYS A 101 -0.12 -11.72 8.19
CA CYS A 101 -0.69 -10.60 7.46
C CYS A 101 0.15 -9.35 7.67
N ILE A 102 0.04 -8.43 6.73
CA ILE A 102 0.76 -7.17 6.79
C ILE A 102 -0.20 -6.00 6.96
N MET A 103 0.06 -5.19 7.98
CA MET A 103 -0.68 -3.97 8.21
C MET A 103 -0.04 -2.86 7.39
N ALA A 104 -0.69 -2.45 6.34
CA ALA A 104 -0.12 -1.47 5.43
C ALA A 104 -0.88 -0.16 5.48
N VAL A 105 -0.17 0.88 5.82
CA VAL A 105 -0.74 2.20 5.91
C VAL A 105 -0.34 3.02 4.70
N ASN A 106 -1.32 3.38 3.90
CA ASN A 106 -1.08 4.17 2.71
C ASN A 106 -1.55 5.58 2.94
N TYR A 107 -0.76 6.55 2.53
CA TYR A 107 -1.19 7.92 2.66
C TYR A 107 -0.64 8.76 1.53
N VAL A 108 -1.50 9.56 0.96
CA VAL A 108 -1.23 10.19 -0.31
C VAL A 108 -0.68 11.59 -0.13
N LEU A 109 0.36 11.87 -0.89
CA LEU A 109 1.00 13.15 -0.89
C LEU A 109 0.31 14.07 -1.87
N SER A 110 -0.27 13.46 -2.90
CA SER A 110 -0.93 14.20 -3.95
C SER A 110 -2.00 13.34 -4.59
N GLU A 111 -3.00 13.98 -5.14
CA GLU A 111 -4.09 13.28 -5.80
C GLU A 111 -3.68 12.85 -7.19
N ILE A 112 -4.63 12.30 -7.92
CA ILE A 112 -4.36 11.73 -9.23
C ILE A 112 -3.73 12.71 -10.19
N GLU A 113 -2.89 12.16 -11.05
CA GLU A 113 -2.28 12.93 -12.12
C GLU A 113 -2.98 12.61 -13.43
N LYS A 114 -3.75 13.58 -13.91
CA LYS A 114 -4.52 13.40 -15.12
C LYS A 114 -4.00 14.32 -16.22
N GLY A 1 -7.57 18.28 14.27
CA GLY A 1 -7.43 16.83 14.56
C GLY A 1 -7.19 16.02 13.31
N GLU A 2 -7.48 14.73 13.37
CA GLU A 2 -7.35 13.87 12.21
C GLU A 2 -8.48 14.13 11.23
N PHE A 3 -8.15 14.78 10.12
CA PHE A 3 -9.14 15.10 9.10
C PHE A 3 -8.70 14.48 7.77
N LEU A 4 -9.65 14.39 6.85
CA LEU A 4 -9.44 13.72 5.56
C LEU A 4 -8.40 14.41 4.69
N ASP A 5 -7.89 15.56 5.14
CA ASP A 5 -6.85 16.27 4.42
C ASP A 5 -5.53 15.52 4.56
N SER A 6 -5.45 14.66 5.57
CA SER A 6 -4.25 13.88 5.83
C SER A 6 -4.09 12.80 4.76
N LYS A 7 -5.19 12.47 4.09
CA LYS A 7 -5.18 11.54 2.95
C LYS A 7 -4.45 10.24 3.28
N THR A 8 -5.18 9.31 3.84
CA THR A 8 -4.62 8.04 4.23
C THR A 8 -5.65 6.94 4.01
N PHE A 9 -5.17 5.78 3.61
CA PHE A 9 -6.03 4.63 3.44
C PHE A 9 -5.29 3.36 3.83
N LEU A 10 -5.84 2.70 4.81
CA LEU A 10 -5.28 1.48 5.34
C LEU A 10 -5.41 0.35 4.36
N SER A 11 -4.53 -0.63 4.46
CA SER A 11 -4.62 -1.81 3.66
C SER A 11 -3.94 -2.96 4.38
N ARG A 12 -4.29 -4.17 4.01
CA ARG A 12 -3.65 -5.35 4.57
C ARG A 12 -3.27 -6.28 3.44
N PHE A 13 -2.09 -6.84 3.54
CA PHE A 13 -1.57 -7.71 2.50
C PHE A 13 -1.29 -9.09 3.04
N SER A 14 -1.47 -10.09 2.20
CA SER A 14 -0.97 -11.41 2.49
C SER A 14 0.54 -11.43 2.29
N MET A 15 1.20 -12.53 2.59
CA MET A 15 2.67 -12.59 2.48
C MET A 15 3.13 -12.30 1.05
N ASP A 16 2.28 -12.58 0.07
CA ASP A 16 2.64 -12.42 -1.33
C ASP A 16 2.20 -11.04 -1.84
N MET A 17 1.96 -10.12 -0.91
CA MET A 17 1.57 -8.74 -1.23
C MET A 17 0.28 -8.69 -2.02
N LYS A 18 -0.69 -9.46 -1.55
CA LYS A 18 -2.01 -9.45 -2.15
C LYS A 18 -3.01 -8.81 -1.22
N PHE A 19 -3.92 -8.07 -1.82
CA PHE A 19 -4.88 -7.26 -1.09
C PHE A 19 -5.90 -8.11 -0.36
N THR A 20 -5.96 -7.93 0.95
CA THR A 20 -6.97 -8.56 1.78
C THR A 20 -7.83 -7.50 2.44
N TYR A 21 -7.31 -6.28 2.47
CA TYR A 21 -8.06 -5.12 2.94
C TYR A 21 -7.51 -3.85 2.31
N CYS A 22 -8.41 -2.91 2.10
CA CYS A 22 -8.06 -1.53 1.81
C CYS A 22 -9.21 -0.64 2.29
N ASP A 23 -8.87 0.53 2.78
CA ASP A 23 -9.88 1.45 3.28
C ASP A 23 -10.46 2.27 2.14
N ASP A 24 -11.72 2.61 2.30
CA ASP A 24 -12.55 3.17 1.23
C ASP A 24 -11.93 4.44 0.63
N ARG A 25 -11.08 5.10 1.41
CA ARG A 25 -10.35 6.28 0.93
C ARG A 25 -9.65 6.02 -0.39
N ILE A 26 -9.26 4.77 -0.61
CA ILE A 26 -8.61 4.36 -1.85
C ILE A 26 -9.42 4.81 -3.07
N THR A 27 -10.73 4.79 -2.96
CA THR A 27 -11.59 5.13 -4.07
C THR A 27 -11.63 6.65 -4.26
N GLU A 28 -11.40 7.35 -3.18
CA GLU A 28 -11.30 8.80 -3.18
C GLU A 28 -9.98 9.26 -3.79
N LEU A 29 -8.93 8.60 -3.38
CA LEU A 29 -7.57 9.02 -3.67
C LEU A 29 -7.00 8.39 -4.93
N ILE A 30 -7.50 7.22 -5.26
CA ILE A 30 -7.06 6.52 -6.46
C ILE A 30 -8.24 6.21 -7.34
N GLY A 31 -9.34 5.88 -6.69
CA GLY A 31 -10.54 5.56 -7.41
C GLY A 31 -10.83 4.08 -7.44
N TYR A 32 -9.97 3.29 -6.80
CA TYR A 32 -10.20 1.86 -6.72
C TYR A 32 -11.11 1.54 -5.57
N HIS A 33 -12.02 0.60 -5.79
CA HIS A 33 -12.77 0.07 -4.68
C HIS A 33 -11.82 -0.86 -3.95
N PRO A 34 -11.81 -0.87 -2.62
CA PRO A 34 -10.90 -1.72 -1.88
C PRO A 34 -11.05 -3.16 -2.35
N GLU A 35 -12.30 -3.57 -2.45
CA GLU A 35 -12.70 -4.86 -2.94
C GLU A 35 -12.14 -5.19 -4.34
N GLU A 36 -11.96 -4.17 -5.19
CA GLU A 36 -11.50 -4.39 -6.55
C GLU A 36 -10.06 -4.84 -6.54
N LEU A 37 -9.41 -4.51 -5.45
CA LEU A 37 -8.01 -4.77 -5.27
C LEU A 37 -7.85 -6.08 -4.52
N LEU A 38 -8.84 -6.37 -3.70
CA LEU A 38 -8.82 -7.54 -2.84
C LEU A 38 -8.78 -8.82 -3.66
N GLY A 39 -7.61 -9.45 -3.68
CA GLY A 39 -7.42 -10.64 -4.46
C GLY A 39 -6.32 -10.48 -5.46
N ARG A 40 -5.77 -9.27 -5.53
CA ARG A 40 -4.68 -8.99 -6.46
C ARG A 40 -3.52 -8.38 -5.70
N SER A 41 -2.53 -7.90 -6.44
CA SER A 41 -1.28 -7.46 -5.82
C SER A 41 -1.10 -5.95 -5.94
N ALA A 42 -0.36 -5.38 -4.98
CA ALA A 42 -0.07 -3.94 -4.98
C ALA A 42 0.85 -3.56 -6.11
N SER A 43 1.87 -4.38 -6.31
CA SER A 43 2.89 -4.16 -7.33
C SER A 43 2.27 -3.91 -8.71
N GLU A 44 1.04 -4.35 -8.89
CA GLU A 44 0.32 -4.17 -10.13
C GLU A 44 0.17 -2.69 -10.49
N PHE A 45 -0.06 -1.84 -9.49
CA PHE A 45 -0.31 -0.45 -9.76
C PHE A 45 0.93 0.40 -9.50
N TRP A 46 1.98 -0.20 -8.99
CA TRP A 46 3.20 0.52 -8.73
C TRP A 46 3.81 1.02 -10.03
N HIS A 47 4.33 2.24 -10.00
CA HIS A 47 5.05 2.80 -11.15
C HIS A 47 6.15 1.83 -11.56
N ALA A 48 6.10 1.35 -12.79
CA ALA A 48 6.92 0.21 -13.23
C ALA A 48 8.40 0.41 -12.90
N LEU A 49 8.87 1.61 -13.15
CA LEU A 49 10.29 1.93 -13.02
C LEU A 49 10.66 2.15 -11.56
N ASP A 50 9.72 1.89 -10.67
CA ASP A 50 9.93 2.09 -9.24
C ASP A 50 9.42 0.88 -8.45
N SER A 51 8.69 0.02 -9.15
CA SER A 51 8.06 -1.13 -8.53
C SER A 51 9.09 -2.13 -8.03
N GLU A 52 10.25 -2.16 -8.66
CA GLU A 52 11.28 -3.13 -8.35
C GLU A 52 11.84 -2.90 -6.97
N ASN A 53 12.30 -1.68 -6.73
CA ASN A 53 12.81 -1.28 -5.43
C ASN A 53 11.73 -1.44 -4.36
N MET A 54 10.52 -1.03 -4.71
CA MET A 54 9.37 -1.18 -3.83
C MET A 54 9.15 -2.64 -3.43
N THR A 55 9.50 -3.55 -4.32
CA THR A 55 9.36 -4.96 -4.04
C THR A 55 10.45 -5.41 -3.07
N LYS A 56 11.64 -4.84 -3.25
CA LYS A 56 12.76 -5.13 -2.37
C LYS A 56 12.50 -4.53 -1.00
N SER A 57 11.74 -3.45 -1.01
CA SER A 57 11.27 -2.81 0.21
C SER A 57 10.45 -3.82 1.03
N HIS A 58 9.57 -4.55 0.34
CA HIS A 58 8.80 -5.62 0.94
C HIS A 58 9.71 -6.79 1.30
N GLN A 59 10.77 -6.96 0.53
CA GLN A 59 11.75 -8.01 0.78
C GLN A 59 12.53 -7.75 2.07
N ASN A 60 12.60 -6.49 2.47
CA ASN A 60 13.33 -6.10 3.66
C ASN A 60 12.55 -6.45 4.93
N LEU A 61 11.72 -5.52 5.40
CA LEU A 61 11.02 -5.65 6.68
C LEU A 61 11.97 -6.07 7.79
N CYS A 62 13.21 -5.61 7.71
CA CYS A 62 14.25 -6.02 8.64
C CYS A 62 14.85 -4.81 9.36
N THR A 63 14.70 -3.63 8.76
CA THR A 63 15.26 -2.41 9.32
C THR A 63 14.84 -2.21 10.78
N LYS A 64 13.55 -2.03 11.01
CA LYS A 64 13.02 -1.87 12.36
C LYS A 64 12.24 -3.09 12.75
N GLY A 65 12.40 -4.15 11.97
CA GLY A 65 11.45 -5.25 12.04
C GLY A 65 10.19 -4.86 11.29
N GLN A 66 10.34 -3.77 10.56
CA GLN A 66 9.29 -3.13 9.81
C GLN A 66 9.96 -2.34 8.70
N VAL A 67 9.23 -1.94 7.68
CA VAL A 67 9.82 -1.20 6.59
C VAL A 67 8.89 -0.08 6.14
N VAL A 68 9.49 1.04 5.77
CA VAL A 68 8.76 2.14 5.20
C VAL A 68 9.32 2.41 3.81
N SER A 69 8.46 2.27 2.81
CA SER A 69 8.90 2.19 1.42
C SER A 69 9.40 3.53 0.88
N GLY A 70 8.60 4.55 1.08
CA GLY A 70 8.94 5.85 0.53
C GLY A 70 7.85 6.36 -0.38
N GLN A 71 7.72 7.67 -0.49
CA GLN A 71 6.67 8.30 -1.28
C GLN A 71 6.79 7.88 -2.74
N TYR A 72 5.83 7.10 -3.21
CA TYR A 72 5.88 6.58 -4.56
C TYR A 72 4.58 6.86 -5.30
N ARG A 73 4.55 6.49 -6.57
CA ARG A 73 3.38 6.71 -7.40
C ARG A 73 2.64 5.41 -7.65
N MET A 74 1.34 5.45 -7.45
CA MET A 74 0.48 4.29 -7.66
C MET A 74 -0.49 4.58 -8.78
N LEU A 75 -0.76 3.57 -9.60
CA LEU A 75 -1.69 3.70 -10.69
C LEU A 75 -3.07 4.06 -10.19
N ALA A 76 -3.71 4.94 -10.92
CA ALA A 76 -5.05 5.37 -10.57
C ALA A 76 -6.07 4.58 -11.34
N LYS A 77 -7.29 4.50 -10.81
CA LYS A 77 -8.34 3.63 -11.35
C LYS A 77 -8.47 3.75 -12.86
N HIS A 78 -8.50 4.97 -13.34
CA HIS A 78 -8.87 5.22 -14.72
C HIS A 78 -7.65 5.51 -15.57
N GLY A 79 -6.49 5.07 -15.07
CA GLY A 79 -5.28 5.08 -15.87
C GLY A 79 -4.41 6.29 -15.65
N GLY A 80 -4.65 7.02 -14.58
CA GLY A 80 -3.77 8.08 -14.22
C GLY A 80 -2.69 7.58 -13.28
N TYR A 81 -2.46 8.33 -12.24
CA TYR A 81 -1.50 7.98 -11.21
C TYR A 81 -1.85 8.73 -9.95
N VAL A 82 -1.15 8.44 -8.90
CA VAL A 82 -1.36 9.10 -7.63
C VAL A 82 -0.13 8.94 -6.75
N TRP A 83 -0.01 9.78 -5.73
CA TRP A 83 1.14 9.75 -4.85
C TRP A 83 0.72 9.35 -3.45
N LEU A 84 1.22 8.22 -2.98
CA LEU A 84 1.08 7.84 -1.58
C LEU A 84 2.29 7.04 -1.14
N GLU A 85 2.50 7.02 0.16
CA GLU A 85 3.57 6.24 0.76
C GLU A 85 2.96 5.04 1.46
N THR A 86 3.59 3.89 1.34
CA THR A 86 3.06 2.67 1.92
C THR A 86 3.95 2.16 3.04
N GLN A 87 3.49 2.35 4.25
CA GLN A 87 4.20 1.90 5.43
C GLN A 87 3.74 0.50 5.78
N MET A 88 4.63 -0.45 5.69
CA MET A 88 4.27 -1.86 5.83
C MET A 88 4.77 -2.43 7.14
N THR A 89 3.89 -3.17 7.77
CA THR A 89 4.10 -3.70 9.09
C THR A 89 3.79 -5.19 9.11
N VAL A 90 4.75 -6.01 9.46
CA VAL A 90 4.50 -7.44 9.54
C VAL A 90 3.61 -7.73 10.74
N ILE A 91 2.46 -8.29 10.49
CA ILE A 91 1.61 -8.72 11.57
C ILE A 91 1.81 -10.20 11.84
N TYR A 92 2.50 -10.48 12.91
CA TYR A 92 2.80 -11.85 13.31
C TYR A 92 1.61 -12.48 14.00
N ASN A 93 1.64 -13.80 14.06
CA ASN A 93 0.63 -14.56 14.78
C ASN A 93 1.12 -14.81 16.20
N PRO A 94 0.48 -14.18 17.21
CA PRO A 94 0.95 -14.19 18.60
C PRO A 94 1.33 -15.56 19.16
N ARG A 95 0.82 -16.62 18.55
CA ARG A 95 1.04 -17.98 19.05
C ARG A 95 2.43 -18.49 18.70
N ASN A 96 2.87 -18.27 17.46
CA ASN A 96 4.13 -18.81 16.99
C ASN A 96 5.02 -17.71 16.45
N LEU A 97 4.46 -16.51 16.46
CA LEU A 97 5.13 -15.31 15.97
C LEU A 97 5.57 -15.47 14.52
N GLN A 98 4.65 -16.00 13.74
CA GLN A 98 4.87 -16.20 12.32
C GLN A 98 3.96 -15.26 11.53
N PRO A 99 4.56 -14.40 10.68
CA PRO A 99 3.86 -13.45 9.83
C PRO A 99 2.63 -14.03 9.14
N GLN A 100 1.46 -13.51 9.50
CA GLN A 100 0.21 -13.94 8.90
C GLN A 100 -0.27 -12.96 7.84
N CYS A 101 -0.14 -11.67 8.14
CA CYS A 101 -0.56 -10.63 7.22
C CYS A 101 0.30 -9.39 7.40
N ILE A 102 0.11 -8.41 6.53
CA ILE A 102 0.85 -7.16 6.61
C ILE A 102 -0.08 -6.00 6.87
N MET A 103 0.27 -5.20 7.86
CA MET A 103 -0.44 -3.97 8.15
C MET A 103 0.17 -2.86 7.31
N ALA A 104 -0.54 -2.45 6.29
CA ALA A 104 -0.01 -1.46 5.36
C ALA A 104 -0.78 -0.17 5.42
N VAL A 105 -0.06 0.89 5.73
CA VAL A 105 -0.65 2.21 5.83
C VAL A 105 -0.26 3.02 4.61
N ASN A 106 -1.25 3.37 3.81
CA ASN A 106 -1.01 4.17 2.62
C ASN A 106 -1.50 5.58 2.86
N TYR A 107 -0.72 6.56 2.48
CA TYR A 107 -1.15 7.93 2.62
C TYR A 107 -0.61 8.77 1.49
N VAL A 108 -1.49 9.57 0.93
CA VAL A 108 -1.24 10.21 -0.33
C VAL A 108 -0.63 11.59 -0.16
N LEU A 109 0.43 11.83 -0.91
CA LEU A 109 1.09 13.12 -0.94
C LEU A 109 0.33 14.05 -1.87
N SER A 110 -0.31 13.46 -2.88
CA SER A 110 -1.05 14.21 -3.85
C SER A 110 -2.12 13.34 -4.47
N GLU A 111 -3.14 13.98 -5.01
CA GLU A 111 -4.22 13.28 -5.68
C GLU A 111 -3.79 12.76 -7.03
N ILE A 112 -4.74 12.23 -7.78
CA ILE A 112 -4.46 11.67 -9.08
C ILE A 112 -3.84 12.67 -10.04
N GLU A 113 -2.99 12.15 -10.90
CA GLU A 113 -2.44 12.90 -12.00
C GLU A 113 -3.11 12.46 -13.28
N LYS A 114 -3.88 13.36 -13.87
CA LYS A 114 -4.68 13.03 -15.02
C LYS A 114 -4.20 13.80 -16.24
N GLY A 1 -10.23 18.63 13.07
CA GLY A 1 -10.92 19.67 12.27
C GLY A 1 -10.18 19.98 10.98
N GLU A 2 -10.08 19.00 10.11
CA GLU A 2 -9.39 19.17 8.84
C GLU A 2 -10.33 18.93 7.67
N PHE A 3 -9.81 19.05 6.46
CA PHE A 3 -10.58 18.80 5.27
C PHE A 3 -9.75 18.04 4.27
N LEU A 4 -9.93 16.72 4.30
CA LEU A 4 -9.23 15.76 3.42
C LEU A 4 -7.71 16.01 3.34
N ASP A 5 -7.15 16.61 4.37
CA ASP A 5 -5.74 16.95 4.38
C ASP A 5 -4.87 15.73 4.64
N SER A 6 -5.36 14.85 5.52
CA SER A 6 -4.60 13.68 5.95
C SER A 6 -4.31 12.74 4.78
N LYS A 7 -5.33 12.46 3.97
CA LYS A 7 -5.22 11.57 2.81
C LYS A 7 -4.49 10.29 3.16
N THR A 8 -5.21 9.36 3.73
CA THR A 8 -4.64 8.09 4.13
C THR A 8 -5.66 6.98 3.93
N PHE A 9 -5.18 5.81 3.55
CA PHE A 9 -6.05 4.66 3.37
C PHE A 9 -5.34 3.39 3.79
N LEU A 10 -5.97 2.69 4.70
CA LEU A 10 -5.44 1.47 5.27
C LEU A 10 -5.50 0.32 4.27
N SER A 11 -4.63 -0.65 4.46
CA SER A 11 -4.66 -1.86 3.66
C SER A 11 -3.99 -2.99 4.41
N ARG A 12 -4.27 -4.21 4.03
CA ARG A 12 -3.57 -5.35 4.59
C ARG A 12 -3.10 -6.24 3.46
N PHE A 13 -1.92 -6.79 3.60
CA PHE A 13 -1.32 -7.61 2.58
C PHE A 13 -0.91 -8.97 3.13
N SER A 14 -0.92 -9.96 2.26
CA SER A 14 -0.29 -11.23 2.55
C SER A 14 1.20 -11.10 2.21
N MET A 15 1.98 -12.12 2.50
CA MET A 15 3.42 -12.08 2.22
C MET A 15 3.70 -12.15 0.71
N ASP A 16 2.64 -12.18 -0.07
CA ASP A 16 2.75 -12.13 -1.52
C ASP A 16 2.43 -10.72 -2.03
N MET A 17 2.17 -9.80 -1.08
CA MET A 17 1.82 -8.41 -1.38
C MET A 17 0.48 -8.34 -2.11
N LYS A 18 -0.38 -9.31 -1.82
CA LYS A 18 -1.72 -9.31 -2.35
C LYS A 18 -2.68 -8.65 -1.37
N PHE A 19 -3.65 -7.96 -1.95
CA PHE A 19 -4.63 -7.20 -1.19
C PHE A 19 -5.61 -8.11 -0.46
N THR A 20 -5.67 -7.94 0.86
CA THR A 20 -6.66 -8.63 1.68
C THR A 20 -7.59 -7.61 2.32
N TYR A 21 -7.11 -6.37 2.39
CA TYR A 21 -7.93 -5.26 2.87
C TYR A 21 -7.45 -3.95 2.28
N CYS A 22 -8.39 -3.03 2.08
CA CYS A 22 -8.08 -1.63 1.80
C CYS A 22 -9.26 -0.78 2.27
N ASP A 23 -8.96 0.40 2.77
CA ASP A 23 -9.98 1.30 3.27
C ASP A 23 -10.56 2.12 2.14
N ASP A 24 -11.81 2.52 2.29
CA ASP A 24 -12.62 3.06 1.20
C ASP A 24 -12.07 4.36 0.66
N ARG A 25 -11.19 5.00 1.43
CA ARG A 25 -10.51 6.21 1.03
C ARG A 25 -9.72 5.98 -0.24
N ILE A 26 -9.33 4.75 -0.48
CA ILE A 26 -8.65 4.36 -1.71
C ILE A 26 -9.41 4.87 -2.94
N THR A 27 -10.72 4.85 -2.86
CA THR A 27 -11.55 5.24 -3.98
C THR A 27 -11.55 6.75 -4.14
N GLU A 28 -11.35 7.43 -3.04
CA GLU A 28 -11.23 8.88 -3.02
C GLU A 28 -9.90 9.32 -3.65
N LEU A 29 -8.86 8.57 -3.31
CA LEU A 29 -7.49 8.97 -3.60
C LEU A 29 -6.96 8.36 -4.88
N ILE A 30 -7.46 7.19 -5.23
CA ILE A 30 -7.02 6.50 -6.43
C ILE A 30 -8.21 6.19 -7.32
N GLY A 31 -9.31 5.89 -6.66
CA GLY A 31 -10.51 5.56 -7.38
C GLY A 31 -10.80 4.08 -7.39
N TYR A 32 -9.92 3.29 -6.79
CA TYR A 32 -10.15 1.87 -6.69
C TYR A 32 -11.09 1.54 -5.55
N HIS A 33 -11.94 0.56 -5.78
CA HIS A 33 -12.71 0.02 -4.70
C HIS A 33 -11.81 -0.91 -3.92
N PRO A 34 -11.86 -0.88 -2.60
CA PRO A 34 -11.04 -1.77 -1.79
C PRO A 34 -11.13 -3.20 -2.28
N GLU A 35 -12.38 -3.64 -2.51
CA GLU A 35 -12.65 -4.99 -2.98
C GLU A 35 -12.09 -5.27 -4.38
N GLU A 36 -11.90 -4.23 -5.19
CA GLU A 36 -11.42 -4.41 -6.54
C GLU A 36 -9.99 -4.86 -6.51
N LEU A 37 -9.35 -4.51 -5.42
CA LEU A 37 -7.95 -4.76 -5.23
C LEU A 37 -7.78 -6.06 -4.47
N LEU A 38 -8.78 -6.38 -3.67
CA LEU A 38 -8.76 -7.58 -2.86
C LEU A 38 -8.80 -8.82 -3.76
N GLY A 39 -7.66 -9.48 -3.87
CA GLY A 39 -7.55 -10.63 -4.75
C GLY A 39 -6.47 -10.40 -5.78
N ARG A 40 -5.93 -9.19 -5.77
CA ARG A 40 -4.85 -8.83 -6.66
C ARG A 40 -3.72 -8.22 -5.84
N SER A 41 -2.77 -7.58 -6.49
CA SER A 41 -1.58 -7.13 -5.79
C SER A 41 -1.34 -5.64 -6.00
N ALA A 42 -0.71 -5.03 -5.01
CA ALA A 42 -0.37 -3.61 -5.06
C ALA A 42 0.69 -3.35 -6.11
N SER A 43 1.59 -4.31 -6.24
CA SER A 43 2.70 -4.23 -7.18
C SER A 43 2.20 -3.94 -8.60
N GLU A 44 0.95 -4.28 -8.85
CA GLU A 44 0.36 -4.11 -10.16
C GLU A 44 0.18 -2.64 -10.51
N PHE A 45 0.00 -1.80 -9.50
CA PHE A 45 -0.26 -0.39 -9.75
C PHE A 45 0.97 0.45 -9.43
N TRP A 46 2.00 -0.18 -8.88
CA TRP A 46 3.23 0.52 -8.61
C TRP A 46 3.86 0.97 -9.91
N HIS A 47 4.38 2.19 -9.92
CA HIS A 47 5.14 2.67 -11.06
C HIS A 47 6.30 1.69 -11.31
N ALA A 48 6.28 1.07 -12.48
CA ALA A 48 7.10 -0.12 -12.74
C ALA A 48 8.56 0.10 -12.44
N LEU A 49 9.06 1.27 -12.81
CA LEU A 49 10.47 1.58 -12.71
C LEU A 49 10.89 1.77 -11.25
N ASP A 50 9.92 1.68 -10.35
CA ASP A 50 10.18 1.76 -8.93
C ASP A 50 9.54 0.58 -8.21
N SER A 51 8.68 -0.15 -8.93
CA SER A 51 7.99 -1.31 -8.39
C SER A 51 8.99 -2.36 -7.92
N GLU A 52 10.14 -2.39 -8.57
CA GLU A 52 11.19 -3.30 -8.22
C GLU A 52 11.70 -3.00 -6.82
N ASN A 53 12.09 -1.75 -6.62
CA ASN A 53 12.57 -1.27 -5.33
C ASN A 53 11.48 -1.44 -4.28
N MET A 54 10.26 -1.12 -4.67
CA MET A 54 9.10 -1.26 -3.82
C MET A 54 8.94 -2.69 -3.32
N THR A 55 9.32 -3.64 -4.16
CA THR A 55 9.20 -5.04 -3.81
C THR A 55 10.30 -5.41 -2.81
N LYS A 56 11.44 -4.77 -2.97
CA LYS A 56 12.59 -4.98 -2.09
C LYS A 56 12.28 -4.48 -0.69
N SER A 57 11.37 -3.52 -0.59
CA SER A 57 10.92 -3.01 0.70
C SER A 57 10.38 -4.17 1.55
N HIS A 58 9.50 -4.96 0.94
CA HIS A 58 8.96 -6.15 1.60
C HIS A 58 10.10 -7.15 1.87
N GLN A 59 11.08 -7.14 0.99
CA GLN A 59 12.25 -8.01 1.12
C GLN A 59 13.14 -7.57 2.27
N ASN A 60 13.10 -6.28 2.58
CA ASN A 60 13.87 -5.73 3.68
C ASN A 60 13.21 -6.14 5.00
N LEU A 61 12.34 -5.28 5.52
CA LEU A 61 11.61 -5.54 6.76
C LEU A 61 12.57 -5.98 7.88
N CYS A 62 13.82 -5.54 7.79
CA CYS A 62 14.85 -5.97 8.72
C CYS A 62 15.53 -4.77 9.39
N THR A 63 15.37 -3.59 8.79
CA THR A 63 15.99 -2.37 9.30
C THR A 63 15.63 -2.13 10.77
N LYS A 64 14.35 -1.86 11.02
CA LYS A 64 13.88 -1.66 12.39
C LYS A 64 13.11 -2.87 12.85
N GLY A 65 13.20 -3.94 12.07
CA GLY A 65 12.31 -5.06 12.25
C GLY A 65 11.03 -4.84 11.48
N GLN A 66 11.01 -3.71 10.77
CA GLN A 66 9.86 -3.26 10.03
C GLN A 66 10.38 -2.60 8.74
N VAL A 67 9.48 -2.17 7.86
CA VAL A 67 9.90 -1.49 6.65
C VAL A 67 8.87 -0.45 6.22
N VAL A 68 9.34 0.64 5.67
CA VAL A 68 8.48 1.68 5.13
C VAL A 68 8.92 2.04 3.72
N SER A 69 8.02 1.87 2.76
CA SER A 69 8.31 2.16 1.38
C SER A 69 8.42 3.67 1.18
N GLY A 70 9.02 4.08 0.07
CA GLY A 70 9.19 5.49 -0.20
C GLY A 70 7.97 6.14 -0.81
N GLN A 71 8.07 7.43 -1.10
CA GLN A 71 6.99 8.17 -1.72
C GLN A 71 6.88 7.80 -3.19
N TYR A 72 6.15 6.74 -3.48
CA TYR A 72 6.06 6.23 -4.83
C TYR A 72 4.74 6.64 -5.49
N ARG A 73 4.67 6.47 -6.79
CA ARG A 73 3.47 6.77 -7.54
C ARG A 73 2.70 5.49 -7.84
N MET A 74 1.40 5.52 -7.56
CA MET A 74 0.54 4.36 -7.75
C MET A 74 -0.44 4.64 -8.87
N LEU A 75 -0.78 3.62 -9.62
CA LEU A 75 -1.73 3.76 -10.71
C LEU A 75 -3.10 4.10 -10.19
N ALA A 76 -3.78 4.95 -10.93
CA ALA A 76 -5.13 5.35 -10.57
C ALA A 76 -6.14 4.52 -11.32
N LYS A 77 -7.36 4.45 -10.79
CA LYS A 77 -8.39 3.56 -11.33
C LYS A 77 -8.53 3.67 -12.84
N HIS A 78 -8.56 4.90 -13.33
CA HIS A 78 -8.92 5.13 -14.71
C HIS A 78 -7.69 5.49 -15.55
N GLY A 79 -6.54 4.99 -15.12
CA GLY A 79 -5.34 5.10 -15.91
C GLY A 79 -4.55 6.37 -15.69
N GLY A 80 -4.78 7.01 -14.56
CA GLY A 80 -3.97 8.13 -14.18
C GLY A 80 -2.81 7.65 -13.33
N TYR A 81 -2.61 8.34 -12.25
CA TYR A 81 -1.59 8.02 -11.27
C TYR A 81 -1.91 8.74 -9.99
N VAL A 82 -1.17 8.43 -8.96
CA VAL A 82 -1.35 9.09 -7.69
C VAL A 82 -0.12 8.90 -6.82
N TRP A 83 0.03 9.71 -5.79
CA TRP A 83 1.20 9.63 -4.94
C TRP A 83 0.80 9.23 -3.55
N LEU A 84 1.32 8.09 -3.07
CA LEU A 84 1.16 7.71 -1.68
C LEU A 84 2.37 6.90 -1.21
N GLU A 85 2.71 7.07 0.04
CA GLU A 85 3.81 6.34 0.65
C GLU A 85 3.24 5.26 1.55
N THR A 86 3.76 4.05 1.42
CA THR A 86 3.19 2.90 2.12
C THR A 86 4.04 2.47 3.31
N GLN A 87 3.43 2.53 4.48
CA GLN A 87 4.04 2.03 5.70
C GLN A 87 3.52 0.63 5.99
N MET A 88 4.42 -0.32 6.06
CA MET A 88 4.04 -1.70 6.26
C MET A 88 4.49 -2.21 7.61
N THR A 89 3.58 -2.91 8.26
CA THR A 89 3.78 -3.41 9.59
C THR A 89 3.38 -4.88 9.66
N VAL A 90 4.21 -5.70 10.29
CA VAL A 90 3.90 -7.11 10.43
C VAL A 90 2.87 -7.31 11.51
N ILE A 91 1.76 -7.92 11.16
CA ILE A 91 0.78 -8.28 12.16
C ILE A 91 0.91 -9.76 12.46
N TYR A 92 1.42 -10.02 13.64
CA TYR A 92 1.63 -11.36 14.12
C TYR A 92 0.33 -11.93 14.67
N ASN A 93 0.22 -13.24 14.70
CA ASN A 93 -0.93 -13.90 15.28
C ASN A 93 -0.71 -14.02 16.79
N PRO A 94 -1.53 -13.33 17.60
CA PRO A 94 -1.38 -13.28 19.07
C PRO A 94 -1.17 -14.64 19.73
N ARG A 95 -1.56 -15.71 19.04
CA ARG A 95 -1.47 -17.06 19.60
C ARG A 95 -0.05 -17.62 19.54
N ASN A 96 0.61 -17.45 18.42
CA ASN A 96 1.90 -18.08 18.19
C ASN A 96 2.95 -17.05 17.80
N LEU A 97 2.46 -15.82 17.64
CA LEU A 97 3.28 -14.66 17.31
C LEU A 97 4.08 -14.87 16.04
N GLN A 98 3.41 -15.38 15.04
CA GLN A 98 3.99 -15.59 13.73
C GLN A 98 3.31 -14.69 12.72
N PRO A 99 4.11 -13.96 11.93
CA PRO A 99 3.64 -13.06 10.87
C PRO A 99 2.59 -13.67 9.96
N GLN A 100 1.37 -13.15 10.03
CA GLN A 100 0.28 -13.64 9.21
C GLN A 100 -0.08 -12.63 8.13
N CYS A 101 -0.39 -11.42 8.56
CA CYS A 101 -0.83 -10.38 7.65
C CYS A 101 0.01 -9.12 7.83
N ILE A 102 0.07 -8.32 6.79
CA ILE A 102 0.78 -7.05 6.86
C ILE A 102 -0.19 -5.90 7.01
N MET A 103 0.01 -5.12 8.06
CA MET A 103 -0.76 -3.92 8.27
C MET A 103 -0.10 -2.80 7.48
N ALA A 104 -0.71 -2.41 6.40
CA ALA A 104 -0.13 -1.42 5.51
C ALA A 104 -0.92 -0.14 5.52
N VAL A 105 -0.25 0.92 5.89
CA VAL A 105 -0.84 2.23 5.96
C VAL A 105 -0.38 3.05 4.76
N ASN A 106 -1.31 3.38 3.91
CA ASN A 106 -1.01 4.15 2.71
C ASN A 106 -1.49 5.56 2.88
N TYR A 107 -0.69 6.52 2.49
CA TYR A 107 -1.10 7.90 2.60
C TYR A 107 -0.54 8.69 1.46
N VAL A 108 -1.38 9.52 0.89
CA VAL A 108 -1.11 10.11 -0.39
C VAL A 108 -0.46 11.48 -0.24
N LEU A 109 0.62 11.67 -0.96
CA LEU A 109 1.33 12.93 -1.00
C LEU A 109 0.59 13.88 -1.92
N SER A 110 -0.12 13.31 -2.89
CA SER A 110 -0.88 14.09 -3.83
C SER A 110 -1.89 13.20 -4.52
N GLU A 111 -2.90 13.83 -5.06
CA GLU A 111 -4.02 13.13 -5.67
C GLU A 111 -3.71 12.73 -7.10
N ILE A 112 -4.70 12.18 -7.78
CA ILE A 112 -4.51 11.61 -9.10
C ILE A 112 -3.92 12.61 -10.09
N GLU A 113 -3.16 12.09 -11.02
CA GLU A 113 -2.69 12.83 -12.16
C GLU A 113 -3.03 12.09 -13.43
N LYS A 114 -4.16 12.44 -14.00
CA LYS A 114 -4.59 11.89 -15.25
C LYS A 114 -4.49 12.90 -16.38
N GLY A 1 -11.50 16.53 2.46
CA GLY A 1 -10.45 17.55 2.19
C GLY A 1 -9.39 17.04 1.25
N GLU A 2 -8.73 17.93 0.53
CA GLU A 2 -7.76 17.53 -0.47
C GLU A 2 -6.32 17.79 0.00
N PHE A 3 -6.12 18.88 0.72
CA PHE A 3 -4.77 19.35 1.06
C PHE A 3 -4.28 18.80 2.40
N LEU A 4 -5.18 18.18 3.14
CA LEU A 4 -4.91 17.83 4.53
C LEU A 4 -4.51 16.36 4.72
N ASP A 5 -4.22 16.03 5.97
CA ASP A 5 -3.59 14.77 6.35
C ASP A 5 -4.55 13.58 6.28
N SER A 6 -5.84 13.88 6.15
CA SER A 6 -6.86 12.83 6.07
C SER A 6 -6.68 11.97 4.82
N LYS A 7 -5.68 12.31 4.01
CA LYS A 7 -5.33 11.51 2.85
C LYS A 7 -4.55 10.30 3.27
N THR A 8 -5.26 9.37 3.83
CA THR A 8 -4.68 8.13 4.29
C THR A 8 -5.67 7.01 4.10
N PHE A 9 -5.17 5.83 3.77
CA PHE A 9 -6.02 4.66 3.62
C PHE A 9 -5.26 3.41 4.04
N LEU A 10 -5.78 2.78 5.06
CA LEU A 10 -5.24 1.55 5.58
C LEU A 10 -5.46 0.39 4.62
N SER A 11 -4.47 -0.46 4.50
CA SER A 11 -4.59 -1.66 3.71
C SER A 11 -3.89 -2.81 4.41
N ARG A 12 -4.22 -4.02 4.04
CA ARG A 12 -3.50 -5.18 4.53
C ARG A 12 -3.12 -6.07 3.38
N PHE A 13 -1.94 -6.64 3.46
CA PHE A 13 -1.41 -7.48 2.41
C PHE A 13 -1.13 -8.88 2.91
N SER A 14 -1.31 -9.84 2.04
CA SER A 14 -0.80 -11.16 2.26
C SER A 14 0.73 -11.11 2.12
N MET A 15 1.43 -12.15 2.52
CA MET A 15 2.89 -12.13 2.51
C MET A 15 3.45 -11.69 1.16
N ASP A 16 2.75 -12.02 0.08
CA ASP A 16 3.22 -11.71 -1.27
C ASP A 16 2.58 -10.43 -1.80
N MET A 17 2.19 -9.55 -0.89
CA MET A 17 1.64 -8.24 -1.23
C MET A 17 0.33 -8.36 -2.01
N LYS A 18 -0.54 -9.23 -1.54
CA LYS A 18 -1.88 -9.32 -2.11
C LYS A 18 -2.87 -8.65 -1.19
N PHE A 19 -3.74 -7.88 -1.79
CA PHE A 19 -4.76 -7.11 -1.08
C PHE A 19 -5.73 -8.01 -0.34
N THR A 20 -5.80 -7.84 0.97
CA THR A 20 -6.78 -8.52 1.79
C THR A 20 -7.70 -7.48 2.44
N TYR A 21 -7.18 -6.28 2.56
CA TYR A 21 -7.95 -5.14 3.04
C TYR A 21 -7.45 -3.85 2.41
N CYS A 22 -8.39 -2.96 2.19
CA CYS A 22 -8.10 -1.59 1.83
C CYS A 22 -9.27 -0.73 2.27
N ASP A 23 -8.98 0.41 2.87
CA ASP A 23 -10.04 1.30 3.32
C ASP A 23 -10.58 2.13 2.17
N ASP A 24 -11.85 2.48 2.30
CA ASP A 24 -12.65 3.08 1.22
C ASP A 24 -12.00 4.34 0.65
N ARG A 25 -11.16 4.98 1.44
CA ARG A 25 -10.40 6.16 1.01
C ARG A 25 -9.74 5.95 -0.34
N ILE A 26 -9.31 4.72 -0.59
CA ILE A 26 -8.65 4.36 -1.83
C ILE A 26 -9.46 4.83 -3.05
N THR A 27 -10.77 4.75 -2.96
CA THR A 27 -11.62 5.11 -4.07
C THR A 27 -11.69 6.62 -4.23
N GLU A 28 -11.48 7.31 -3.14
CA GLU A 28 -11.40 8.76 -3.11
C GLU A 28 -10.09 9.25 -3.73
N LEU A 29 -9.02 8.55 -3.40
CA LEU A 29 -7.66 9.00 -3.69
C LEU A 29 -7.11 8.41 -4.98
N ILE A 30 -7.60 7.24 -5.33
CA ILE A 30 -7.15 6.57 -6.54
C ILE A 30 -8.34 6.26 -7.42
N GLY A 31 -9.43 5.93 -6.75
CA GLY A 31 -10.63 5.58 -7.46
C GLY A 31 -10.88 4.10 -7.48
N TYR A 32 -9.99 3.33 -6.88
CA TYR A 32 -10.18 1.89 -6.79
C TYR A 32 -11.08 1.55 -5.64
N HIS A 33 -11.98 0.62 -5.87
CA HIS A 33 -12.72 0.05 -4.78
C HIS A 33 -11.79 -0.86 -4.03
N PRO A 34 -11.82 -0.84 -2.70
CA PRO A 34 -10.99 -1.74 -1.91
C PRO A 34 -11.12 -3.18 -2.43
N GLU A 35 -12.36 -3.60 -2.60
CA GLU A 35 -12.66 -4.94 -3.03
C GLU A 35 -12.22 -5.22 -4.47
N GLU A 36 -11.95 -4.17 -5.26
CA GLU A 36 -11.46 -4.34 -6.61
C GLU A 36 -10.03 -4.78 -6.57
N LEU A 37 -9.41 -4.47 -5.47
CA LEU A 37 -8.01 -4.71 -5.26
C LEU A 37 -7.84 -6.00 -4.50
N LEU A 38 -8.83 -6.31 -3.67
CA LEU A 38 -8.79 -7.48 -2.82
C LEU A 38 -8.77 -8.75 -3.63
N GLY A 39 -7.61 -9.39 -3.64
CA GLY A 39 -7.42 -10.58 -4.42
C GLY A 39 -6.30 -10.41 -5.41
N ARG A 40 -5.77 -9.20 -5.49
CA ARG A 40 -4.67 -8.91 -6.37
C ARG A 40 -3.54 -8.25 -5.59
N SER A 41 -2.55 -7.73 -6.29
CA SER A 41 -1.36 -7.20 -5.63
C SER A 41 -1.21 -5.70 -5.83
N ALA A 42 -0.46 -5.07 -4.93
CA ALA A 42 -0.18 -3.65 -5.01
C ALA A 42 0.79 -3.33 -6.13
N SER A 43 1.77 -4.22 -6.28
CA SER A 43 2.82 -4.09 -7.27
C SER A 43 2.24 -3.93 -8.68
N GLU A 44 0.98 -4.33 -8.83
CA GLU A 44 0.27 -4.21 -10.09
C GLU A 44 0.14 -2.75 -10.51
N PHE A 45 -0.03 -1.85 -9.55
CA PHE A 45 -0.25 -0.45 -9.86
C PHE A 45 0.99 0.38 -9.56
N TRP A 46 2.11 -0.27 -9.30
CA TRP A 46 3.35 0.42 -9.01
C TRP A 46 3.96 0.97 -10.29
N HIS A 47 4.43 2.21 -10.22
CA HIS A 47 5.15 2.83 -11.33
C HIS A 47 6.36 1.96 -11.68
N ALA A 48 6.37 1.41 -12.88
CA ALA A 48 7.30 0.35 -13.27
C ALA A 48 8.75 0.69 -12.94
N LEU A 49 9.14 1.89 -13.31
CA LEU A 49 10.54 2.32 -13.21
C LEU A 49 10.97 2.50 -11.76
N ASP A 50 10.02 2.35 -10.85
CA ASP A 50 10.29 2.50 -9.41
C ASP A 50 9.81 1.25 -8.67
N SER A 51 9.04 0.44 -9.38
CA SER A 51 8.40 -0.74 -8.80
C SER A 51 9.44 -1.78 -8.36
N GLU A 52 10.56 -1.83 -9.08
CA GLU A 52 11.60 -2.79 -8.79
C GLU A 52 12.18 -2.55 -7.41
N ASN A 53 12.63 -1.34 -7.20
CA ASN A 53 13.19 -0.94 -5.90
C ASN A 53 12.15 -1.09 -4.80
N MET A 54 10.92 -0.71 -5.12
CA MET A 54 9.78 -0.87 -4.22
C MET A 54 9.56 -2.33 -3.86
N THR A 55 9.97 -3.23 -4.75
CA THR A 55 9.85 -4.65 -4.49
C THR A 55 10.86 -5.08 -3.42
N LYS A 56 12.07 -4.55 -3.48
CA LYS A 56 13.06 -4.80 -2.45
C LYS A 56 12.61 -4.19 -1.13
N SER A 57 11.80 -3.13 -1.22
CA SER A 57 11.15 -2.55 -0.05
C SER A 57 10.28 -3.61 0.62
N HIS A 58 9.60 -4.40 -0.20
CA HIS A 58 8.80 -5.52 0.28
C HIS A 58 9.71 -6.66 0.76
N GLN A 59 10.84 -6.81 0.09
CA GLN A 59 11.82 -7.83 0.43
C GLN A 59 12.46 -7.54 1.78
N ASN A 60 12.49 -6.26 2.14
CA ASN A 60 13.10 -5.82 3.39
C ASN A 60 12.20 -6.18 4.57
N LEU A 61 11.47 -5.19 5.07
CA LEU A 61 10.55 -5.38 6.19
C LEU A 61 11.28 -5.93 7.44
N CYS A 62 12.60 -5.77 7.47
CA CYS A 62 13.41 -6.30 8.56
C CYS A 62 14.28 -5.22 9.20
N THR A 63 14.67 -4.22 8.40
CA THR A 63 15.59 -3.17 8.85
C THR A 63 15.17 -2.56 10.20
N LYS A 64 13.93 -2.08 10.27
CA LYS A 64 13.43 -1.47 11.48
C LYS A 64 12.56 -2.46 12.25
N GLY A 65 12.56 -3.70 11.79
CA GLY A 65 11.54 -4.64 12.22
C GLY A 65 10.26 -4.38 11.46
N GLN A 66 10.36 -3.39 10.59
CA GLN A 66 9.27 -2.89 9.80
C GLN A 66 9.89 -2.22 8.59
N VAL A 67 9.11 -1.77 7.62
CA VAL A 67 9.67 -1.04 6.50
C VAL A 67 8.68 -0.04 5.95
N VAL A 68 9.20 1.09 5.49
CA VAL A 68 8.40 2.11 4.85
C VAL A 68 8.97 2.35 3.45
N SER A 69 8.16 2.02 2.45
CA SER A 69 8.65 1.84 1.09
C SER A 69 9.25 3.10 0.46
N GLY A 70 8.56 4.21 0.61
CA GLY A 70 8.96 5.43 -0.05
C GLY A 70 7.77 6.08 -0.74
N GLN A 71 7.79 7.39 -0.84
CA GLN A 71 6.68 8.12 -1.46
C GLN A 71 6.63 7.80 -2.95
N TYR A 72 5.82 6.81 -3.30
CA TYR A 72 5.82 6.30 -4.66
C TYR A 72 4.53 6.66 -5.38
N ARG A 73 4.52 6.38 -6.68
CA ARG A 73 3.36 6.64 -7.50
C ARG A 73 2.61 5.35 -7.77
N MET A 74 1.31 5.39 -7.52
CA MET A 74 0.44 4.25 -7.73
C MET A 74 -0.51 4.57 -8.87
N LEU A 75 -0.80 3.56 -9.68
CA LEU A 75 -1.71 3.71 -10.79
C LEU A 75 -3.08 4.09 -10.29
N ALA A 76 -3.71 4.99 -11.01
CA ALA A 76 -5.03 5.45 -10.64
C ALA A 76 -6.07 4.68 -11.42
N LYS A 77 -7.27 4.58 -10.85
CA LYS A 77 -8.34 3.75 -11.40
C LYS A 77 -8.49 3.92 -12.90
N HIS A 78 -8.53 5.16 -13.33
CA HIS A 78 -8.87 5.48 -14.70
C HIS A 78 -7.63 5.74 -15.53
N GLY A 79 -6.53 5.13 -15.12
CA GLY A 79 -5.33 5.11 -15.93
C GLY A 79 -4.45 6.32 -15.78
N GLY A 80 -4.56 6.98 -14.64
CA GLY A 80 -3.65 8.05 -14.34
C GLY A 80 -2.60 7.56 -13.38
N TYR A 81 -2.39 8.32 -12.34
CA TYR A 81 -1.45 7.97 -11.29
C TYR A 81 -1.81 8.72 -10.03
N VAL A 82 -1.12 8.41 -8.97
CA VAL A 82 -1.35 9.07 -7.70
C VAL A 82 -0.15 8.86 -6.80
N TRP A 83 -0.05 9.67 -5.75
CA TRP A 83 1.10 9.60 -4.86
C TRP A 83 0.67 9.20 -3.47
N LEU A 84 1.14 8.06 -3.00
CA LEU A 84 0.98 7.67 -1.60
C LEU A 84 2.16 6.84 -1.12
N GLU A 85 2.46 6.94 0.16
CA GLU A 85 3.52 6.16 0.79
C GLU A 85 2.90 4.97 1.49
N THR A 86 3.59 3.84 1.48
CA THR A 86 3.08 2.63 2.09
C THR A 86 3.99 2.13 3.21
N GLN A 87 3.48 2.19 4.43
CA GLN A 87 4.18 1.65 5.58
C GLN A 87 3.75 0.21 5.79
N MET A 88 4.68 -0.72 5.64
CA MET A 88 4.37 -2.13 5.75
C MET A 88 4.83 -2.69 7.08
N THR A 89 3.95 -3.47 7.68
CA THR A 89 4.15 -3.99 9.02
C THR A 89 3.77 -5.47 9.08
N VAL A 90 4.63 -6.31 9.62
CA VAL A 90 4.25 -7.70 9.82
C VAL A 90 3.29 -7.80 10.99
N ILE A 91 2.12 -8.36 10.75
CA ILE A 91 1.19 -8.61 11.81
C ILE A 91 1.21 -10.09 12.18
N TYR A 92 1.80 -10.36 13.32
CA TYR A 92 1.92 -11.71 13.82
C TYR A 92 0.64 -12.12 14.53
N ASN A 93 0.28 -13.39 14.39
CA ASN A 93 -0.90 -13.93 15.05
C ASN A 93 -0.62 -14.09 16.53
N PRO A 94 -1.39 -13.42 17.39
CA PRO A 94 -1.15 -13.38 18.85
C PRO A 94 -0.95 -14.75 19.50
N ARG A 95 -1.40 -15.81 18.83
CA ARG A 95 -1.36 -17.15 19.40
C ARG A 95 -0.02 -17.85 19.20
N ASN A 96 0.53 -17.73 18.01
CA ASN A 96 1.77 -18.44 17.67
C ASN A 96 2.84 -17.46 17.24
N LEU A 97 2.41 -16.21 17.11
CA LEU A 97 3.25 -15.12 16.67
C LEU A 97 3.88 -15.39 15.33
N GLN A 98 3.05 -15.89 14.43
CA GLN A 98 3.44 -16.18 13.07
C GLN A 98 2.83 -15.15 12.13
N PRO A 99 3.68 -14.51 11.30
CA PRO A 99 3.25 -13.52 10.29
C PRO A 99 2.03 -13.97 9.49
N GLN A 100 0.90 -13.33 9.75
CA GLN A 100 -0.33 -13.63 9.05
C GLN A 100 -0.53 -12.68 7.89
N CYS A 101 -0.55 -11.40 8.21
CA CYS A 101 -0.80 -10.38 7.22
C CYS A 101 0.13 -9.20 7.42
N ILE A 102 0.16 -8.32 6.44
CA ILE A 102 0.96 -7.12 6.52
C ILE A 102 0.07 -5.91 6.74
N MET A 103 0.27 -5.24 7.87
CA MET A 103 -0.43 -4.00 8.17
C MET A 103 0.19 -2.89 7.34
N ALA A 104 -0.53 -2.45 6.34
CA ALA A 104 0.00 -1.46 5.43
C ALA A 104 -0.74 -0.15 5.56
N VAL A 105 0.01 0.89 5.86
CA VAL A 105 -0.54 2.21 5.96
C VAL A 105 -0.20 3.00 4.72
N ASN A 106 -1.21 3.32 3.93
CA ASN A 106 -1.01 4.10 2.73
C ASN A 106 -1.53 5.50 2.95
N TYR A 107 -0.80 6.48 2.52
CA TYR A 107 -1.27 7.86 2.61
C TYR A 107 -0.72 8.68 1.47
N VAL A 108 -1.58 9.48 0.91
CA VAL A 108 -1.30 10.11 -0.37
C VAL A 108 -0.66 11.48 -0.18
N LEU A 109 0.42 11.68 -0.91
CA LEU A 109 1.12 12.94 -0.91
C LEU A 109 0.42 13.91 -1.84
N SER A 110 -0.25 13.35 -2.84
CA SER A 110 -0.97 14.16 -3.80
C SER A 110 -1.99 13.31 -4.52
N GLU A 111 -2.94 13.99 -5.11
CA GLU A 111 -4.05 13.35 -5.81
C GLU A 111 -3.63 12.83 -7.17
N ILE A 112 -4.61 12.34 -7.91
CA ILE A 112 -4.35 11.75 -9.21
C ILE A 112 -3.71 12.72 -10.18
N GLU A 113 -2.89 12.16 -11.04
CA GLU A 113 -2.33 12.87 -12.17
C GLU A 113 -2.72 12.13 -13.44
N LYS A 114 -3.70 12.66 -14.14
CA LYS A 114 -4.23 12.03 -15.33
C LYS A 114 -3.53 12.54 -16.57
N GLY A 1 -13.55 18.07 -1.08
CA GLY A 1 -12.55 19.15 -0.93
C GLY A 1 -11.38 18.72 -0.07
N GLU A 2 -10.39 19.59 0.06
CA GLU A 2 -9.19 19.25 0.80
C GLU A 2 -9.34 19.46 2.31
N PHE A 3 -10.54 19.21 2.81
CA PHE A 3 -10.76 19.19 4.25
C PHE A 3 -10.13 17.92 4.83
N LEU A 4 -9.74 17.02 3.92
CA LEU A 4 -9.03 15.81 4.26
C LEU A 4 -7.73 16.14 4.97
N ASP A 5 -7.63 15.72 6.22
CA ASP A 5 -6.49 16.02 7.06
C ASP A 5 -5.28 15.18 6.70
N SER A 6 -5.47 13.87 6.64
CA SER A 6 -4.36 12.94 6.50
C SER A 6 -4.22 12.40 5.09
N LYS A 7 -5.35 12.20 4.40
CA LYS A 7 -5.34 11.52 3.11
C LYS A 7 -4.63 10.20 3.24
N THR A 8 -5.29 9.28 3.90
CA THR A 8 -4.69 8.02 4.23
C THR A 8 -5.71 6.89 4.07
N PHE A 9 -5.25 5.75 3.65
CA PHE A 9 -6.11 4.59 3.51
C PHE A 9 -5.37 3.32 3.91
N LEU A 10 -5.95 2.63 4.86
CA LEU A 10 -5.39 1.43 5.41
C LEU A 10 -5.49 0.27 4.42
N SER A 11 -4.57 -0.65 4.51
CA SER A 11 -4.65 -1.87 3.73
C SER A 11 -3.93 -2.99 4.46
N ARG A 12 -4.27 -4.22 4.11
CA ARG A 12 -3.55 -5.36 4.63
C ARG A 12 -3.17 -6.26 3.47
N PHE A 13 -1.99 -6.84 3.55
CA PHE A 13 -1.49 -7.68 2.47
C PHE A 13 -1.22 -9.09 2.95
N SER A 14 -1.29 -10.03 2.02
CA SER A 14 -0.74 -11.35 2.24
C SER A 14 0.77 -11.27 2.13
N MET A 15 1.48 -12.36 2.47
CA MET A 15 2.94 -12.35 2.43
C MET A 15 3.48 -12.03 1.03
N ASP A 16 2.61 -12.11 0.03
CA ASP A 16 3.02 -11.85 -1.34
C ASP A 16 2.50 -10.51 -1.86
N MET A 17 2.16 -9.61 -0.94
CA MET A 17 1.76 -8.25 -1.28
C MET A 17 0.41 -8.25 -2.02
N LYS A 18 -0.43 -9.21 -1.67
CA LYS A 18 -1.77 -9.27 -2.22
C LYS A 18 -2.76 -8.62 -1.29
N PHE A 19 -3.68 -7.89 -1.88
CA PHE A 19 -4.70 -7.13 -1.16
C PHE A 19 -5.68 -8.05 -0.44
N THR A 20 -5.71 -7.96 0.88
CA THR A 20 -6.70 -8.66 1.67
C THR A 20 -7.65 -7.65 2.32
N TYR A 21 -7.15 -6.43 2.48
CA TYR A 21 -7.95 -5.31 2.96
C TYR A 21 -7.45 -4.01 2.38
N CYS A 22 -8.38 -3.10 2.14
CA CYS A 22 -8.09 -1.72 1.83
C CYS A 22 -9.26 -0.86 2.29
N ASP A 23 -8.98 0.31 2.81
CA ASP A 23 -10.03 1.21 3.26
C ASP A 23 -10.53 2.05 2.10
N ASP A 24 -11.79 2.43 2.20
CA ASP A 24 -12.53 3.01 1.07
C ASP A 24 -11.96 4.33 0.59
N ARG A 25 -11.12 4.96 1.42
CA ARG A 25 -10.41 6.18 1.02
C ARG A 25 -9.68 5.97 -0.29
N ILE A 26 -9.24 4.75 -0.55
CA ILE A 26 -8.58 4.39 -1.79
C ILE A 26 -9.39 4.86 -3.00
N THR A 27 -10.69 4.81 -2.89
CA THR A 27 -11.57 5.17 -3.99
C THR A 27 -11.63 6.68 -4.16
N GLU A 28 -11.40 7.37 -3.07
CA GLU A 28 -11.34 8.81 -3.06
C GLU A 28 -10.02 9.32 -3.65
N LEU A 29 -8.96 8.64 -3.28
CA LEU A 29 -7.60 9.09 -3.53
C LEU A 29 -7.01 8.50 -4.81
N ILE A 30 -7.49 7.32 -5.18
CA ILE A 30 -7.04 6.65 -6.41
C ILE A 30 -8.22 6.37 -7.28
N GLY A 31 -9.32 6.01 -6.63
CA GLY A 31 -10.52 5.68 -7.35
C GLY A 31 -10.79 4.20 -7.37
N TYR A 32 -9.90 3.41 -6.79
CA TYR A 32 -10.13 1.98 -6.71
C TYR A 32 -11.02 1.63 -5.56
N HIS A 33 -11.93 0.70 -5.79
CA HIS A 33 -12.67 0.14 -4.69
C HIS A 33 -11.74 -0.80 -3.97
N PRO A 34 -11.76 -0.83 -2.64
CA PRO A 34 -10.95 -1.76 -1.88
C PRO A 34 -11.09 -3.17 -2.43
N GLU A 35 -12.34 -3.58 -2.62
CA GLU A 35 -12.65 -4.91 -3.09
C GLU A 35 -12.15 -5.18 -4.52
N GLU A 36 -11.94 -4.12 -5.30
CA GLU A 36 -11.44 -4.28 -6.65
C GLU A 36 -9.99 -4.71 -6.62
N LEU A 37 -9.38 -4.42 -5.50
CA LEU A 37 -7.99 -4.67 -5.28
C LEU A 37 -7.83 -5.98 -4.54
N LEU A 38 -8.81 -6.29 -3.73
CA LEU A 38 -8.79 -7.47 -2.89
C LEU A 38 -8.76 -8.74 -3.72
N GLY A 39 -7.63 -9.40 -3.69
CA GLY A 39 -7.44 -10.59 -4.47
C GLY A 39 -6.28 -10.45 -5.43
N ARG A 40 -5.81 -9.21 -5.56
CA ARG A 40 -4.72 -8.92 -6.47
C ARG A 40 -3.58 -8.30 -5.70
N SER A 41 -2.58 -7.80 -6.41
CA SER A 41 -1.37 -7.32 -5.76
C SER A 41 -1.22 -5.81 -5.88
N ALA A 42 -0.45 -5.24 -4.97
CA ALA A 42 -0.14 -3.82 -4.97
C ALA A 42 0.83 -3.48 -6.08
N SER A 43 1.77 -4.40 -6.29
CA SER A 43 2.79 -4.27 -7.32
C SER A 43 2.17 -4.04 -8.70
N GLU A 44 0.90 -4.39 -8.82
CA GLU A 44 0.17 -4.21 -10.07
C GLU A 44 0.06 -2.74 -10.45
N PHE A 45 -0.17 -1.88 -9.46
CA PHE A 45 -0.35 -0.46 -9.74
C PHE A 45 0.92 0.31 -9.39
N TRP A 46 1.89 -0.37 -8.80
CA TRP A 46 3.16 0.24 -8.49
C TRP A 46 3.85 0.70 -9.77
N HIS A 47 4.22 1.97 -9.80
CA HIS A 47 5.00 2.51 -10.91
C HIS A 47 6.16 1.58 -11.25
N ALA A 48 6.17 1.03 -12.45
CA ALA A 48 7.04 -0.10 -12.79
C ALA A 48 8.49 0.17 -12.46
N LEU A 49 8.95 1.34 -12.84
CA LEU A 49 10.35 1.72 -12.70
C LEU A 49 10.71 2.06 -11.27
N ASP A 50 9.77 1.81 -10.36
CA ASP A 50 10.01 2.03 -8.94
C ASP A 50 9.48 0.85 -8.13
N SER A 51 8.68 0.01 -8.79
CA SER A 51 8.06 -1.16 -8.16
C SER A 51 9.13 -2.12 -7.67
N GLU A 52 10.25 -2.16 -8.37
CA GLU A 52 11.35 -3.02 -8.01
C GLU A 52 11.89 -2.62 -6.65
N ASN A 53 12.27 -1.37 -6.53
CA ASN A 53 12.76 -0.82 -5.27
C ASN A 53 11.72 -0.97 -4.17
N MET A 54 10.48 -0.69 -4.53
CA MET A 54 9.34 -0.82 -3.63
C MET A 54 9.26 -2.23 -3.06
N THR A 55 9.53 -3.21 -3.90
CA THR A 55 9.52 -4.59 -3.49
C THR A 55 10.61 -4.84 -2.44
N LYS A 56 11.78 -4.28 -2.71
CA LYS A 56 12.94 -4.41 -1.83
C LYS A 56 12.70 -3.74 -0.48
N SER A 57 11.85 -2.71 -0.45
CA SER A 57 11.45 -2.12 0.82
C SER A 57 10.75 -3.16 1.68
N HIS A 58 9.84 -3.91 1.07
CA HIS A 58 9.15 -4.95 1.80
C HIS A 58 10.11 -6.09 2.11
N GLN A 59 11.13 -6.24 1.28
CA GLN A 59 12.20 -7.19 1.53
C GLN A 59 13.05 -6.69 2.71
N ASN A 60 13.17 -5.38 2.82
CA ASN A 60 13.95 -4.73 3.87
C ASN A 60 13.22 -4.77 5.21
N LEU A 61 11.99 -5.27 5.18
CA LEU A 61 11.15 -5.35 6.36
C LEU A 61 11.71 -6.40 7.33
N CYS A 62 12.79 -6.01 8.01
CA CYS A 62 13.51 -6.88 8.92
C CYS A 62 14.71 -6.15 9.52
N THR A 63 15.19 -5.12 8.82
CA THR A 63 16.37 -4.38 9.26
C THR A 63 16.14 -3.69 10.61
N LYS A 64 15.08 -2.90 10.68
CA LYS A 64 14.73 -2.21 11.92
C LYS A 64 13.60 -2.96 12.61
N GLY A 65 13.04 -3.90 11.88
CA GLY A 65 11.84 -4.57 12.34
C GLY A 65 10.60 -3.91 11.77
N GLN A 66 10.84 -2.80 11.07
CA GLN A 66 9.77 -2.06 10.40
C GLN A 66 10.32 -1.38 9.18
N VAL A 67 9.47 -1.22 8.18
CA VAL A 67 9.88 -0.62 6.93
C VAL A 67 8.77 0.26 6.37
N VAL A 68 9.14 1.42 5.87
CA VAL A 68 8.21 2.31 5.20
C VAL A 68 8.80 2.71 3.86
N SER A 69 7.99 2.63 2.81
CA SER A 69 8.47 2.90 1.47
C SER A 69 8.71 4.39 1.28
N GLY A 70 9.18 4.76 0.10
CA GLY A 70 9.27 6.16 -0.24
C GLY A 70 8.00 6.64 -0.88
N GLN A 71 7.95 7.91 -1.23
CA GLN A 71 6.79 8.46 -1.93
C GLN A 71 6.76 7.92 -3.34
N TYR A 72 5.93 6.93 -3.58
CA TYR A 72 5.90 6.27 -4.87
C TYR A 72 4.60 6.58 -5.60
N ARG A 73 4.61 6.31 -6.90
CA ARG A 73 3.46 6.52 -7.74
C ARG A 73 2.67 5.23 -7.89
N MET A 74 1.39 5.33 -7.60
CA MET A 74 0.48 4.20 -7.76
C MET A 74 -0.49 4.51 -8.88
N LEU A 75 -0.81 3.51 -9.67
CA LEU A 75 -1.75 3.67 -10.75
C LEU A 75 -3.10 4.08 -10.22
N ALA A 76 -3.76 4.94 -10.97
CA ALA A 76 -5.07 5.41 -10.60
C ALA A 76 -6.14 4.64 -11.34
N LYS A 77 -7.35 4.62 -10.81
CA LYS A 77 -8.43 3.80 -11.35
C LYS A 77 -8.58 3.95 -12.85
N HIS A 78 -8.59 5.20 -13.30
CA HIS A 78 -8.95 5.49 -14.68
C HIS A 78 -7.71 5.75 -15.52
N GLY A 79 -6.60 5.15 -15.11
CA GLY A 79 -5.41 5.13 -15.94
C GLY A 79 -4.54 6.35 -15.79
N GLY A 80 -4.65 7.01 -14.66
CA GLY A 80 -3.74 8.06 -14.34
C GLY A 80 -2.67 7.57 -13.40
N TYR A 81 -2.45 8.30 -12.35
CA TYR A 81 -1.48 7.95 -11.33
C TYR A 81 -1.80 8.70 -10.07
N VAL A 82 -1.09 8.40 -9.02
CA VAL A 82 -1.28 9.04 -7.73
C VAL A 82 -0.05 8.86 -6.86
N TRP A 83 0.05 9.66 -5.81
CA TRP A 83 1.21 9.60 -4.91
C TRP A 83 0.79 9.25 -3.51
N LEU A 84 1.24 8.11 -3.03
CA LEU A 84 1.08 7.77 -1.62
C LEU A 84 2.29 6.98 -1.12
N GLU A 85 2.58 7.14 0.15
CA GLU A 85 3.68 6.44 0.79
C GLU A 85 3.10 5.34 1.67
N THR A 86 3.70 4.16 1.63
CA THR A 86 3.11 3.00 2.27
C THR A 86 3.98 2.46 3.40
N GLN A 87 3.41 2.42 4.59
CA GLN A 87 4.05 1.82 5.75
C GLN A 87 3.62 0.37 5.86
N MET A 88 4.56 -0.54 5.78
CA MET A 88 4.24 -1.96 5.82
C MET A 88 4.81 -2.63 7.05
N THR A 89 3.95 -3.36 7.72
CA THR A 89 4.25 -3.94 9.01
C THR A 89 3.86 -5.41 9.03
N VAL A 90 4.71 -6.26 9.58
CA VAL A 90 4.39 -7.67 9.70
C VAL A 90 3.37 -7.88 10.80
N ILE A 91 2.24 -8.44 10.46
CA ILE A 91 1.26 -8.81 11.44
C ILE A 91 1.33 -10.31 11.67
N TYR A 92 1.84 -10.67 12.82
CA TYR A 92 2.01 -12.07 13.19
C TYR A 92 0.71 -12.63 13.75
N ASN A 93 0.55 -13.93 13.60
CA ASN A 93 -0.59 -14.63 14.15
C ASN A 93 -0.36 -14.82 15.65
N PRO A 94 -1.28 -14.33 16.49
CA PRO A 94 -1.08 -14.27 17.96
C PRO A 94 -0.78 -15.63 18.59
N ARG A 95 -1.13 -16.70 17.89
CA ARG A 95 -1.00 -18.04 18.43
C ARG A 95 0.44 -18.56 18.35
N ASN A 96 1.02 -18.52 17.16
CA ASN A 96 2.33 -19.11 16.92
C ASN A 96 3.32 -18.04 16.47
N LEU A 97 2.78 -16.83 16.37
CA LEU A 97 3.54 -15.64 16.04
C LEU A 97 4.29 -15.75 14.73
N GLN A 98 3.58 -16.23 13.74
CA GLN A 98 4.09 -16.32 12.40
C GLN A 98 3.36 -15.32 11.50
N PRO A 99 4.13 -14.57 10.70
CA PRO A 99 3.62 -13.59 9.75
C PRO A 99 2.46 -14.11 8.89
N GLN A 100 1.27 -13.62 9.18
CA GLN A 100 0.09 -14.03 8.43
C GLN A 100 -0.33 -12.94 7.45
N CYS A 101 -0.31 -11.70 7.92
CA CYS A 101 -0.75 -10.57 7.12
C CYS A 101 0.19 -9.39 7.31
N ILE A 102 -0.01 -8.36 6.51
CA ILE A 102 0.79 -7.15 6.59
C ILE A 102 -0.08 -5.95 6.89
N MET A 103 0.29 -5.19 7.90
CA MET A 103 -0.39 -3.97 8.24
C MET A 103 0.19 -2.85 7.39
N ALA A 104 -0.57 -2.39 6.42
CA ALA A 104 -0.08 -1.38 5.51
C ALA A 104 -0.88 -0.10 5.62
N VAL A 105 -0.15 0.99 5.83
CA VAL A 105 -0.73 2.30 5.92
C VAL A 105 -0.33 3.12 4.71
N ASN A 106 -1.30 3.47 3.90
CA ASN A 106 -1.05 4.23 2.69
C ASN A 106 -1.55 5.64 2.87
N TYR A 107 -0.74 6.61 2.52
CA TYR A 107 -1.16 8.00 2.62
C TYR A 107 -0.61 8.80 1.47
N VAL A 108 -1.48 9.58 0.89
CA VAL A 108 -1.23 10.17 -0.40
C VAL A 108 -0.67 11.58 -0.26
N LEU A 109 0.46 11.81 -0.93
CA LEU A 109 1.11 13.09 -0.95
C LEU A 109 0.37 14.00 -1.92
N SER A 110 -0.20 13.38 -2.94
CA SER A 110 -0.94 14.12 -3.96
C SER A 110 -1.95 13.20 -4.60
N GLU A 111 -3.02 13.78 -5.08
CA GLU A 111 -4.10 13.04 -5.72
C GLU A 111 -3.75 12.68 -7.15
N ILE A 112 -4.71 12.10 -7.86
CA ILE A 112 -4.47 11.57 -9.18
C ILE A 112 -3.86 12.58 -10.14
N GLU A 113 -3.03 12.06 -11.01
CA GLU A 113 -2.42 12.85 -12.05
C GLU A 113 -3.03 12.50 -13.39
N LYS A 114 -3.89 13.38 -13.87
CA LYS A 114 -4.57 13.16 -15.12
C LYS A 114 -4.08 14.15 -16.17
N GLY A 1 -1.78 18.17 11.15
CA GLY A 1 -1.31 18.22 9.75
C GLY A 1 -1.88 19.42 9.01
N GLU A 2 -2.13 19.25 7.73
CA GLU A 2 -2.67 20.34 6.91
C GLU A 2 -4.17 20.14 6.68
N PHE A 3 -4.72 20.90 5.74
CA PHE A 3 -6.08 20.68 5.28
C PHE A 3 -6.13 19.37 4.49
N LEU A 4 -7.28 18.70 4.54
CA LEU A 4 -7.47 17.37 3.91
C LEU A 4 -6.31 16.42 4.19
N ASP A 5 -5.70 16.57 5.35
CA ASP A 5 -4.51 15.80 5.73
C ASP A 5 -4.87 14.33 5.97
N SER A 6 -6.16 14.05 5.97
CA SER A 6 -6.67 12.70 6.18
C SER A 6 -6.60 11.87 4.88
N LYS A 7 -5.66 12.22 4.01
CA LYS A 7 -5.46 11.47 2.77
C LYS A 7 -4.69 10.21 3.06
N THR A 8 -5.34 9.31 3.72
CA THR A 8 -4.71 8.08 4.12
C THR A 8 -5.71 6.93 3.98
N PHE A 9 -5.22 5.76 3.60
CA PHE A 9 -6.07 4.60 3.47
C PHE A 9 -5.33 3.34 3.93
N LEU A 10 -5.89 2.72 4.95
CA LEU A 10 -5.33 1.51 5.52
C LEU A 10 -5.49 0.34 4.56
N SER A 11 -4.61 -0.63 4.67
CA SER A 11 -4.70 -1.84 3.88
C SER A 11 -3.99 -2.98 4.58
N ARG A 12 -4.34 -4.20 4.22
CA ARG A 12 -3.64 -5.36 4.70
C ARG A 12 -3.23 -6.21 3.52
N PHE A 13 -2.04 -6.77 3.59
CA PHE A 13 -1.53 -7.62 2.53
C PHE A 13 -1.24 -9.01 3.03
N SER A 14 -1.34 -9.96 2.13
CA SER A 14 -0.87 -11.31 2.41
C SER A 14 0.65 -11.32 2.26
N MET A 15 1.29 -12.45 2.50
CA MET A 15 2.75 -12.53 2.44
C MET A 15 3.27 -12.18 1.04
N ASP A 16 2.44 -12.40 0.03
CA ASP A 16 2.83 -12.14 -1.35
C ASP A 16 2.24 -10.81 -1.83
N MET A 17 1.95 -9.92 -0.89
CA MET A 17 1.45 -8.58 -1.20
C MET A 17 0.14 -8.63 -2.00
N LYS A 18 -0.73 -9.51 -1.58
CA LYS A 18 -2.09 -9.54 -2.12
C LYS A 18 -3.02 -8.80 -1.19
N PHE A 19 -3.89 -8.01 -1.78
CA PHE A 19 -4.84 -7.20 -1.04
C PHE A 19 -5.86 -8.07 -0.32
N THR A 20 -5.91 -7.93 1.00
CA THR A 20 -6.90 -8.62 1.80
C THR A 20 -7.82 -7.60 2.45
N TYR A 21 -7.31 -6.39 2.58
CA TYR A 21 -8.10 -5.26 3.04
C TYR A 21 -7.56 -3.95 2.48
N CYS A 22 -8.46 -3.04 2.22
CA CYS A 22 -8.14 -1.67 1.91
C CYS A 22 -9.29 -0.79 2.35
N ASP A 23 -8.98 0.39 2.86
CA ASP A 23 -10.00 1.32 3.31
C ASP A 23 -10.52 2.13 2.14
N ASP A 24 -11.77 2.53 2.23
CA ASP A 24 -12.52 3.08 1.10
C ASP A 24 -11.95 4.42 0.63
N ARG A 25 -11.10 5.04 1.46
CA ARG A 25 -10.34 6.22 1.05
C ARG A 25 -9.66 6.00 -0.30
N ILE A 26 -9.26 4.77 -0.56
CA ILE A 26 -8.63 4.39 -1.82
C ILE A 26 -9.45 4.89 -3.01
N THR A 27 -10.76 4.86 -2.87
CA THR A 27 -11.65 5.23 -3.96
C THR A 27 -11.68 6.74 -4.14
N GLU A 28 -11.41 7.43 -3.06
CA GLU A 28 -11.30 8.87 -3.05
C GLU A 28 -9.98 9.32 -3.70
N LEU A 29 -8.93 8.60 -3.37
CA LEU A 29 -7.57 9.01 -3.68
C LEU A 29 -7.03 8.40 -4.97
N ILE A 30 -7.53 7.23 -5.31
CA ILE A 30 -7.12 6.54 -6.52
C ILE A 30 -8.31 6.23 -7.38
N GLY A 31 -9.41 5.96 -6.71
CA GLY A 31 -10.62 5.64 -7.40
C GLY A 31 -10.96 4.17 -7.34
N TYR A 32 -10.04 3.34 -6.87
CA TYR A 32 -10.32 1.93 -6.79
C TYR A 32 -11.20 1.65 -5.62
N HIS A 33 -12.02 0.65 -5.75
CA HIS A 33 -12.72 0.13 -4.61
C HIS A 33 -11.77 -0.79 -3.90
N PRO A 34 -11.76 -0.79 -2.58
CA PRO A 34 -10.93 -1.72 -1.84
C PRO A 34 -11.06 -3.12 -2.41
N GLU A 35 -12.31 -3.52 -2.64
CA GLU A 35 -12.62 -4.84 -3.14
C GLU A 35 -12.13 -5.08 -4.58
N GLU A 36 -11.85 -4.02 -5.35
CA GLU A 36 -11.33 -4.18 -6.69
C GLU A 36 -9.91 -4.69 -6.59
N LEU A 37 -9.33 -4.41 -5.46
CA LEU A 37 -7.94 -4.69 -5.22
C LEU A 37 -7.81 -5.99 -4.47
N LEU A 38 -8.83 -6.29 -3.68
CA LEU A 38 -8.82 -7.46 -2.81
C LEU A 38 -8.75 -8.74 -3.63
N GLY A 39 -7.60 -9.38 -3.55
CA GLY A 39 -7.38 -10.60 -4.28
C GLY A 39 -6.21 -10.47 -5.23
N ARG A 40 -5.74 -9.24 -5.43
CA ARG A 40 -4.68 -8.99 -6.37
C ARG A 40 -3.49 -8.35 -5.66
N SER A 41 -2.51 -7.89 -6.43
CA SER A 41 -1.25 -7.42 -5.86
C SER A 41 -1.06 -5.93 -6.04
N ALA A 42 -0.34 -5.32 -5.10
CA ALA A 42 -0.06 -3.88 -5.13
C ALA A 42 0.92 -3.52 -6.23
N SER A 43 1.89 -4.39 -6.43
CA SER A 43 2.94 -4.19 -7.44
C SER A 43 2.35 -3.96 -8.82
N GLU A 44 1.07 -4.32 -8.99
CA GLU A 44 0.37 -4.11 -10.24
C GLU A 44 0.25 -2.64 -10.57
N PHE A 45 -0.16 -1.84 -9.58
CA PHE A 45 -0.38 -0.42 -9.82
C PHE A 45 0.89 0.36 -9.51
N TRP A 46 1.84 -0.29 -8.86
CA TRP A 46 3.12 0.33 -8.58
C TRP A 46 3.77 0.82 -9.86
N HIS A 47 4.17 2.09 -9.87
CA HIS A 47 4.94 2.65 -10.98
C HIS A 47 6.10 1.72 -11.30
N ALA A 48 6.23 1.31 -12.57
CA ALA A 48 7.16 0.26 -12.97
C ALA A 48 8.56 0.48 -12.39
N LEU A 49 9.08 1.67 -12.61
CA LEU A 49 10.46 1.98 -12.26
C LEU A 49 10.61 2.20 -10.75
N ASP A 50 9.49 2.19 -10.05
CA ASP A 50 9.49 2.32 -8.60
C ASP A 50 9.30 0.94 -7.98
N SER A 51 8.45 0.17 -8.65
CA SER A 51 7.97 -1.11 -8.16
C SER A 51 9.12 -2.04 -7.80
N GLU A 52 10.08 -2.18 -8.70
CA GLU A 52 11.20 -3.07 -8.49
C GLU A 52 11.91 -2.72 -7.19
N ASN A 53 12.33 -1.47 -7.11
CA ASN A 53 13.10 -0.99 -5.97
C ASN A 53 12.32 -1.12 -4.69
N MET A 54 11.07 -0.72 -4.70
CA MET A 54 10.27 -0.75 -3.49
C MET A 54 9.81 -2.16 -3.15
N THR A 55 9.84 -3.06 -4.11
CA THR A 55 9.61 -4.47 -3.81
C THR A 55 10.71 -4.95 -2.85
N LYS A 56 11.91 -4.44 -3.06
CA LYS A 56 13.03 -4.69 -2.15
C LYS A 56 12.72 -4.16 -0.76
N SER A 57 11.86 -3.14 -0.67
CA SER A 57 11.39 -2.67 0.62
C SER A 57 10.56 -3.76 1.31
N HIS A 58 9.70 -4.42 0.55
CA HIS A 58 8.93 -5.56 1.05
C HIS A 58 9.90 -6.70 1.41
N GLN A 59 11.02 -6.74 0.71
CA GLN A 59 12.08 -7.67 1.00
C GLN A 59 12.83 -7.25 2.26
N ASN A 60 12.91 -5.94 2.46
CA ASN A 60 13.57 -5.34 3.63
C ASN A 60 12.68 -5.43 4.86
N LEU A 61 11.44 -5.90 4.67
CA LEU A 61 10.46 -6.02 5.75
C LEU A 61 10.88 -7.10 6.74
N CYS A 62 11.87 -6.75 7.55
CA CYS A 62 12.44 -7.64 8.55
C CYS A 62 13.49 -6.89 9.35
N THR A 63 14.00 -5.80 8.76
CA THR A 63 15.03 -4.98 9.39
C THR A 63 14.64 -4.53 10.80
N LYS A 64 13.60 -3.72 10.88
CA LYS A 64 13.12 -3.21 12.17
C LYS A 64 11.91 -4.00 12.62
N GLY A 65 11.63 -5.08 11.90
CA GLY A 65 10.36 -5.76 12.07
C GLY A 65 9.28 -5.08 11.27
N GLN A 66 9.68 -4.00 10.62
CA GLN A 66 8.79 -3.20 9.81
C GLN A 66 9.61 -2.56 8.69
N VAL A 67 8.94 -1.98 7.70
CA VAL A 67 9.65 -1.32 6.61
C VAL A 67 8.82 -0.17 6.04
N VAL A 68 9.50 0.86 5.58
CA VAL A 68 8.86 1.99 4.92
C VAL A 68 9.56 2.24 3.59
N SER A 69 8.78 2.38 2.52
CA SER A 69 9.33 2.33 1.17
C SER A 69 9.75 3.70 0.65
N GLY A 70 8.83 4.64 0.64
CA GLY A 70 9.08 5.95 0.08
C GLY A 70 7.85 6.50 -0.59
N GLN A 71 7.80 7.81 -0.80
CA GLN A 71 6.68 8.45 -1.46
C GLN A 71 6.66 8.01 -2.92
N TYR A 72 5.97 6.93 -3.21
CA TYR A 72 6.02 6.34 -4.54
C TYR A 72 4.77 6.68 -5.34
N ARG A 73 4.74 6.18 -6.55
CA ARG A 73 3.64 6.45 -7.47
C ARG A 73 2.80 5.21 -7.69
N MET A 74 1.49 5.35 -7.52
CA MET A 74 0.57 4.25 -7.69
C MET A 74 -0.39 4.56 -8.83
N LEU A 75 -0.69 3.55 -9.63
CA LEU A 75 -1.62 3.70 -10.71
C LEU A 75 -3.01 4.05 -10.22
N ALA A 76 -3.64 4.96 -10.93
CA ALA A 76 -4.96 5.41 -10.59
C ALA A 76 -5.98 4.62 -11.41
N LYS A 77 -7.19 4.47 -10.85
CA LYS A 77 -8.22 3.64 -11.48
C LYS A 77 -8.37 3.95 -12.95
N HIS A 78 -8.47 5.23 -13.26
CA HIS A 78 -8.83 5.66 -14.59
C HIS A 78 -7.60 5.92 -15.45
N GLY A 79 -6.51 5.21 -15.13
CA GLY A 79 -5.33 5.20 -15.97
C GLY A 79 -4.45 6.40 -15.81
N GLY A 80 -4.56 7.07 -14.70
CA GLY A 80 -3.65 8.14 -14.39
C GLY A 80 -2.58 7.65 -13.44
N TYR A 81 -2.40 8.38 -12.36
CA TYR A 81 -1.47 8.03 -11.31
C TYR A 81 -1.85 8.75 -10.05
N VAL A 82 -1.15 8.44 -9.00
CA VAL A 82 -1.37 9.08 -7.71
C VAL A 82 -0.13 8.91 -6.83
N TRP A 83 -0.05 9.74 -5.80
CA TRP A 83 1.13 9.75 -4.94
C TRP A 83 0.77 9.34 -3.54
N LEU A 84 1.35 8.25 -3.05
CA LEU A 84 1.20 7.85 -1.66
C LEU A 84 2.38 7.00 -1.21
N GLU A 85 2.60 6.97 0.10
CA GLU A 85 3.63 6.14 0.71
C GLU A 85 2.96 4.95 1.39
N THR A 86 3.62 3.80 1.35
CA THR A 86 3.08 2.62 1.98
C THR A 86 3.99 2.11 3.08
N GLN A 87 3.53 2.26 4.31
CA GLN A 87 4.24 1.71 5.46
C GLN A 87 3.76 0.30 5.69
N MET A 88 4.67 -0.65 5.65
CA MET A 88 4.32 -2.05 5.77
C MET A 88 4.81 -2.63 7.08
N THR A 89 3.92 -3.34 7.74
CA THR A 89 4.16 -3.87 9.06
C THR A 89 3.82 -5.36 9.08
N VAL A 90 4.75 -6.18 9.53
CA VAL A 90 4.46 -7.59 9.67
C VAL A 90 3.50 -7.82 10.83
N ILE A 91 2.36 -8.40 10.53
CA ILE A 91 1.44 -8.78 11.58
C ILE A 91 1.59 -10.25 11.89
N TYR A 92 2.21 -10.50 13.02
CA TYR A 92 2.47 -11.85 13.48
C TYR A 92 1.23 -12.45 14.13
N ASN A 93 1.12 -13.77 14.05
CA ASN A 93 -0.01 -14.47 14.64
C ASN A 93 0.20 -14.62 16.14
N PRO A 94 -0.74 -14.11 16.95
CA PRO A 94 -0.63 -14.07 18.42
C PRO A 94 -0.25 -15.41 19.06
N ARG A 95 -0.50 -16.51 18.36
CA ARG A 95 -0.25 -17.85 18.88
C ARG A 95 1.21 -18.26 18.75
N ASN A 96 1.79 -18.06 17.57
CA ASN A 96 3.12 -18.58 17.29
C ASN A 96 4.07 -17.46 16.91
N LEU A 97 3.50 -16.28 16.79
CA LEU A 97 4.21 -15.07 16.41
C LEU A 97 4.90 -15.24 15.07
N GLN A 98 4.16 -15.81 14.14
CA GLN A 98 4.63 -16.00 12.79
C GLN A 98 3.88 -15.07 11.84
N PRO A 99 4.64 -14.36 11.00
CA PRO A 99 4.11 -13.45 9.97
C PRO A 99 2.96 -14.04 9.17
N GLN A 100 1.76 -13.49 9.38
CA GLN A 100 0.58 -13.91 8.65
C GLN A 100 0.22 -12.90 7.58
N CYS A 101 -0.01 -11.68 8.01
CA CYS A 101 -0.44 -10.62 7.12
C CYS A 101 0.40 -9.37 7.33
N ILE A 102 0.19 -8.37 6.50
CA ILE A 102 0.93 -7.13 6.60
C ILE A 102 -0.02 -5.96 6.88
N MET A 103 0.31 -5.18 7.90
CA MET A 103 -0.40 -3.97 8.21
C MET A 103 0.19 -2.85 7.38
N ALA A 104 -0.55 -2.42 6.38
CA ALA A 104 -0.03 -1.43 5.45
C ALA A 104 -0.80 -0.13 5.52
N VAL A 105 -0.07 0.92 5.81
CA VAL A 105 -0.62 2.26 5.89
C VAL A 105 -0.24 3.04 4.66
N ASN A 106 -1.23 3.40 3.88
CA ASN A 106 -1.01 4.18 2.67
C ASN A 106 -1.52 5.58 2.86
N TYR A 107 -0.75 6.56 2.47
CA TYR A 107 -1.20 7.94 2.57
C TYR A 107 -0.65 8.75 1.42
N VAL A 108 -1.51 9.56 0.86
CA VAL A 108 -1.22 10.17 -0.42
C VAL A 108 -0.70 11.59 -0.26
N LEU A 109 0.36 11.86 -0.99
CA LEU A 109 0.96 13.17 -1.05
C LEU A 109 0.15 14.05 -1.98
N SER A 110 -0.47 13.41 -2.96
CA SER A 110 -1.28 14.12 -3.93
C SER A 110 -2.30 13.16 -4.50
N GLU A 111 -3.44 13.69 -4.89
CA GLU A 111 -4.47 12.89 -5.51
C GLU A 111 -4.09 12.61 -6.95
N ILE A 112 -4.98 11.99 -7.70
CA ILE A 112 -4.65 11.55 -9.04
C ILE A 112 -4.08 12.64 -9.91
N GLU A 113 -3.14 12.24 -10.74
CA GLU A 113 -2.64 13.06 -11.80
C GLU A 113 -3.02 12.41 -13.13
N LYS A 114 -3.72 13.15 -13.95
CA LYS A 114 -4.25 12.61 -15.19
C LYS A 114 -3.52 13.23 -16.38
N GLY A 1 -5.47 22.74 5.66
CA GLY A 1 -4.55 23.62 4.89
C GLY A 1 -4.80 23.52 3.39
N GLU A 2 -3.87 24.08 2.61
CA GLU A 2 -3.98 24.06 1.16
C GLU A 2 -3.67 22.67 0.63
N PHE A 3 -4.73 21.91 0.34
CA PHE A 3 -4.61 20.53 -0.12
C PHE A 3 -4.13 19.63 1.01
N LEU A 4 -4.52 18.37 0.96
CA LEU A 4 -3.99 17.35 1.86
C LEU A 4 -4.41 17.63 3.30
N ASP A 5 -5.65 17.30 3.62
CA ASP A 5 -6.13 17.41 4.98
C ASP A 5 -5.60 16.25 5.81
N SER A 6 -5.88 15.03 5.36
CA SER A 6 -5.32 13.84 5.98
C SER A 6 -4.71 12.91 4.94
N LYS A 7 -5.47 12.65 3.87
CA LYS A 7 -5.09 11.73 2.79
C LYS A 7 -4.40 10.47 3.30
N THR A 8 -5.18 9.53 3.73
CA THR A 8 -4.65 8.26 4.19
C THR A 8 -5.68 7.15 3.96
N PHE A 9 -5.20 5.96 3.63
CA PHE A 9 -6.07 4.81 3.48
C PHE A 9 -5.34 3.54 3.89
N LEU A 10 -5.94 2.84 4.84
CA LEU A 10 -5.37 1.62 5.38
C LEU A 10 -5.49 0.47 4.39
N SER A 11 -4.61 -0.49 4.52
CA SER A 11 -4.68 -1.72 3.73
C SER A 11 -3.98 -2.85 4.46
N ARG A 12 -4.29 -4.06 4.06
CA ARG A 12 -3.64 -5.23 4.61
C ARG A 12 -3.28 -6.19 3.49
N PHE A 13 -2.11 -6.78 3.58
CA PHE A 13 -1.63 -7.68 2.55
C PHE A 13 -1.38 -9.06 3.11
N SER A 14 -1.40 -10.05 2.24
CA SER A 14 -0.91 -11.37 2.58
C SER A 14 0.61 -11.36 2.47
N MET A 15 1.26 -12.44 2.85
CA MET A 15 2.72 -12.49 2.81
C MET A 15 3.26 -12.25 1.40
N ASP A 16 2.40 -12.38 0.40
CA ASP A 16 2.82 -12.25 -0.99
C ASP A 16 2.37 -10.91 -1.60
N MET A 17 2.02 -9.95 -0.74
CA MET A 17 1.71 -8.59 -1.19
C MET A 17 0.41 -8.56 -2.00
N LYS A 18 -0.50 -9.46 -1.65
CA LYS A 18 -1.82 -9.46 -2.25
C LYS A 18 -2.80 -8.76 -1.34
N PHE A 19 -3.70 -8.02 -1.94
CA PHE A 19 -4.70 -7.25 -1.23
C PHE A 19 -5.68 -8.16 -0.52
N THR A 20 -5.79 -7.97 0.78
CA THR A 20 -6.78 -8.67 1.58
C THR A 20 -7.71 -7.66 2.22
N TYR A 21 -7.21 -6.44 2.35
CA TYR A 21 -8.01 -5.33 2.82
C TYR A 21 -7.48 -4.01 2.27
N CYS A 22 -8.40 -3.10 2.00
CA CYS A 22 -8.07 -1.70 1.74
C CYS A 22 -9.24 -0.86 2.22
N ASP A 23 -8.96 0.31 2.74
CA ASP A 23 -10.00 1.19 3.24
C ASP A 23 -10.54 2.04 2.11
N ASP A 24 -11.80 2.38 2.23
CA ASP A 24 -12.60 2.93 1.13
C ASP A 24 -12.05 4.28 0.65
N ARG A 25 -11.20 4.90 1.46
CA ARG A 25 -10.46 6.10 1.06
C ARG A 25 -9.77 5.89 -0.27
N ILE A 26 -9.34 4.66 -0.53
CA ILE A 26 -8.69 4.29 -1.78
C ILE A 26 -9.51 4.75 -2.98
N THR A 27 -10.81 4.71 -2.86
CA THR A 27 -11.68 5.07 -3.96
C THR A 27 -11.73 6.59 -4.14
N GLU A 28 -11.50 7.29 -3.05
CA GLU A 28 -11.43 8.73 -3.04
C GLU A 28 -10.10 9.21 -3.65
N LEU A 29 -9.04 8.53 -3.28
CA LEU A 29 -7.68 8.97 -3.54
C LEU A 29 -7.10 8.36 -4.81
N ILE A 30 -7.59 7.19 -5.16
CA ILE A 30 -7.15 6.52 -6.38
C ILE A 30 -8.33 6.23 -7.26
N GLY A 31 -9.42 5.89 -6.61
CA GLY A 31 -10.63 5.56 -7.30
C GLY A 31 -10.89 4.08 -7.35
N TYR A 32 -9.99 3.28 -6.77
CA TYR A 32 -10.20 1.86 -6.70
C TYR A 32 -11.11 1.51 -5.56
N HIS A 33 -12.02 0.60 -5.81
CA HIS A 33 -12.79 0.03 -4.73
C HIS A 33 -11.85 -0.87 -3.95
N PRO A 34 -11.93 -0.88 -2.62
CA PRO A 34 -11.09 -1.76 -1.83
C PRO A 34 -11.14 -3.18 -2.38
N GLU A 35 -12.36 -3.63 -2.65
CA GLU A 35 -12.61 -4.98 -3.14
C GLU A 35 -12.10 -5.19 -4.57
N GLU A 36 -11.87 -4.11 -5.32
CA GLU A 36 -11.38 -4.22 -6.67
C GLU A 36 -9.95 -4.71 -6.64
N LEU A 37 -9.34 -4.45 -5.50
CA LEU A 37 -7.96 -4.75 -5.28
C LEU A 37 -7.84 -6.07 -4.53
N LEU A 38 -8.86 -6.36 -3.76
CA LEU A 38 -8.85 -7.55 -2.92
C LEU A 38 -8.89 -8.81 -3.75
N GLY A 39 -7.75 -9.49 -3.81
CA GLY A 39 -7.62 -10.66 -4.65
C GLY A 39 -6.51 -10.49 -5.65
N ARG A 40 -5.93 -9.29 -5.68
CA ARG A 40 -4.82 -9.00 -6.56
C ARG A 40 -3.66 -8.44 -5.74
N SER A 41 -2.70 -7.81 -6.40
CA SER A 41 -1.49 -7.38 -5.73
C SER A 41 -1.24 -5.89 -5.93
N ALA A 42 -0.56 -5.29 -4.97
CA ALA A 42 -0.22 -3.86 -5.02
C ALA A 42 0.81 -3.59 -6.09
N SER A 43 1.71 -4.56 -6.24
CA SER A 43 2.82 -4.47 -7.19
C SER A 43 2.34 -4.19 -8.61
N GLU A 44 1.06 -4.45 -8.86
CA GLU A 44 0.46 -4.22 -10.15
C GLU A 44 0.40 -2.73 -10.48
N PHE A 45 -0.02 -1.92 -9.51
CA PHE A 45 -0.29 -0.52 -9.77
C PHE A 45 0.94 0.33 -9.48
N TRP A 46 2.00 -0.27 -8.93
CA TRP A 46 3.21 0.45 -8.68
C TRP A 46 3.81 0.93 -9.99
N HIS A 47 4.22 2.19 -10.01
CA HIS A 47 4.93 2.75 -11.15
C HIS A 47 6.14 1.88 -11.45
N ALA A 48 6.24 1.37 -12.68
CA ALA A 48 7.16 0.28 -13.01
C ALA A 48 8.58 0.56 -12.59
N LEU A 49 9.02 1.79 -12.84
CA LEU A 49 10.40 2.18 -12.59
C LEU A 49 10.67 2.33 -11.10
N ASP A 50 9.64 2.09 -10.31
CA ASP A 50 9.73 2.14 -8.85
C ASP A 50 9.29 0.82 -8.24
N SER A 51 8.53 0.05 -9.00
CA SER A 51 7.92 -1.19 -8.52
C SER A 51 8.99 -2.18 -8.06
N GLU A 52 10.14 -2.14 -8.70
CA GLU A 52 11.23 -3.03 -8.35
C GLU A 52 11.74 -2.71 -6.96
N ASN A 53 12.13 -1.45 -6.78
CA ASN A 53 12.61 -0.96 -5.51
C ASN A 53 11.55 -1.16 -4.42
N MET A 54 10.30 -0.92 -4.80
CA MET A 54 9.16 -1.11 -3.92
C MET A 54 9.10 -2.54 -3.41
N THR A 55 9.38 -3.48 -4.30
CA THR A 55 9.38 -4.88 -3.95
C THR A 55 10.51 -5.19 -2.96
N LYS A 56 11.66 -4.58 -3.19
CA LYS A 56 12.82 -4.74 -2.32
C LYS A 56 12.57 -4.10 -0.97
N SER A 57 11.73 -3.08 -0.92
CA SER A 57 11.31 -2.50 0.34
C SER A 57 10.63 -3.55 1.20
N HIS A 58 9.72 -4.33 0.62
CA HIS A 58 9.08 -5.40 1.36
C HIS A 58 10.04 -6.56 1.58
N GLN A 59 11.02 -6.70 0.70
CA GLN A 59 12.12 -7.61 0.93
C GLN A 59 12.84 -7.22 2.20
N ASN A 60 13.04 -5.91 2.36
CA ASN A 60 13.64 -5.36 3.56
C ASN A 60 12.64 -5.35 4.71
N LEU A 61 13.13 -5.09 5.91
CA LEU A 61 12.32 -5.04 7.11
C LEU A 61 13.24 -4.74 8.30
N CYS A 62 14.46 -5.23 8.20
CA CYS A 62 15.47 -5.06 9.24
C CYS A 62 15.84 -3.58 9.47
N THR A 63 15.49 -2.73 8.52
CA THR A 63 15.85 -1.31 8.56
C THR A 63 15.57 -0.68 9.93
N LYS A 64 14.30 -0.55 10.28
CA LYS A 64 13.92 -0.02 11.60
C LYS A 64 13.33 -1.12 12.45
N GLY A 65 13.30 -2.33 11.90
CA GLY A 65 12.48 -3.38 12.47
C GLY A 65 11.14 -3.40 11.77
N GLN A 66 11.00 -2.46 10.86
CA GLN A 66 9.84 -2.30 10.03
C GLN A 66 10.30 -1.58 8.76
N VAL A 67 9.52 -1.65 7.69
CA VAL A 67 9.94 -1.00 6.44
C VAL A 67 8.84 -0.10 5.90
N VAL A 68 9.28 1.05 5.38
CA VAL A 68 8.39 1.97 4.70
C VAL A 68 8.98 2.29 3.33
N SER A 69 8.19 2.08 2.29
CA SER A 69 8.69 2.13 0.92
C SER A 69 9.02 3.55 0.47
N GLY A 70 8.32 4.52 1.01
CA GLY A 70 8.58 5.89 0.63
C GLY A 70 7.58 6.41 -0.37
N GLN A 71 7.75 7.65 -0.79
CA GLN A 71 6.85 8.29 -1.73
C GLN A 71 6.96 7.64 -3.11
N TYR A 72 5.93 6.96 -3.53
CA TYR A 72 5.92 6.33 -4.84
C TYR A 72 4.62 6.61 -5.58
N ARG A 73 4.67 6.48 -6.88
CA ARG A 73 3.50 6.65 -7.72
C ARG A 73 2.73 5.34 -7.83
N MET A 74 1.44 5.41 -7.54
CA MET A 74 0.55 4.27 -7.68
C MET A 74 -0.44 4.56 -8.79
N LEU A 75 -0.74 3.55 -9.57
CA LEU A 75 -1.70 3.68 -10.65
C LEU A 75 -3.06 4.04 -10.13
N ALA A 76 -3.72 4.91 -10.86
CA ALA A 76 -5.03 5.38 -10.48
C ALA A 76 -6.09 4.64 -11.27
N LYS A 77 -7.29 4.53 -10.70
CA LYS A 77 -8.38 3.72 -11.25
C LYS A 77 -8.54 3.91 -12.75
N HIS A 78 -8.61 5.17 -13.15
CA HIS A 78 -8.98 5.51 -14.51
C HIS A 78 -7.73 5.74 -15.36
N GLY A 79 -6.65 5.08 -14.98
CA GLY A 79 -5.44 5.06 -15.76
C GLY A 79 -4.61 6.30 -15.63
N GLY A 80 -4.68 6.93 -14.49
CA GLY A 80 -3.79 8.01 -14.19
C GLY A 80 -2.69 7.52 -13.29
N TYR A 81 -2.48 8.26 -12.22
CA TYR A 81 -1.48 7.93 -11.22
C TYR A 81 -1.81 8.67 -9.95
N VAL A 82 -1.06 8.40 -8.91
CA VAL A 82 -1.24 9.08 -7.66
C VAL A 82 -0.01 8.93 -6.78
N TRP A 83 0.11 9.76 -5.76
CA TRP A 83 1.26 9.71 -4.86
C TRP A 83 0.82 9.36 -3.46
N LEU A 84 1.28 8.22 -2.96
CA LEU A 84 1.11 7.88 -1.55
C LEU A 84 2.33 7.10 -1.06
N GLU A 85 2.60 7.21 0.23
CA GLU A 85 3.70 6.47 0.83
C GLU A 85 3.14 5.32 1.65
N THR A 86 3.63 4.13 1.40
CA THR A 86 3.12 2.94 2.05
C THR A 86 4.05 2.46 3.16
N GLN A 87 3.50 2.42 4.37
CA GLN A 87 4.21 1.85 5.51
C GLN A 87 3.73 0.44 5.73
N MET A 88 4.63 -0.51 5.65
CA MET A 88 4.26 -1.91 5.78
C MET A 88 4.77 -2.51 7.07
N THR A 89 3.91 -3.28 7.68
CA THR A 89 4.15 -3.82 8.99
C THR A 89 3.82 -5.30 9.01
N VAL A 90 4.78 -6.14 9.33
CA VAL A 90 4.50 -7.55 9.48
C VAL A 90 3.67 -7.77 10.72
N ILE A 91 2.44 -8.22 10.57
CA ILE A 91 1.63 -8.53 11.71
C ILE A 91 1.70 -10.02 12.00
N TYR A 92 2.40 -10.33 13.06
CA TYR A 92 2.60 -11.70 13.49
C TYR A 92 1.36 -12.24 14.19
N ASN A 93 1.17 -13.55 14.12
CA ASN A 93 0.03 -14.19 14.76
C ASN A 93 0.33 -14.42 16.23
N PRO A 94 -0.45 -13.79 17.13
CA PRO A 94 -0.20 -13.82 18.58
C PRO A 94 0.05 -15.21 19.17
N ARG A 95 -0.39 -16.25 18.46
CA ARG A 95 -0.29 -17.62 18.96
C ARG A 95 1.11 -18.22 18.74
N ASN A 96 1.67 -17.99 17.56
CA ASN A 96 2.89 -18.66 17.15
C ASN A 96 3.94 -17.65 16.74
N LEU A 97 3.49 -16.40 16.70
CA LEU A 97 4.33 -15.26 16.33
C LEU A 97 4.94 -15.44 14.96
N GLN A 98 4.11 -15.96 14.08
CA GLN A 98 4.46 -16.12 12.69
C GLN A 98 3.57 -15.20 11.86
N PRO A 99 4.20 -14.40 11.00
CA PRO A 99 3.53 -13.45 10.12
C PRO A 99 2.33 -14.04 9.39
N GLN A 100 1.17 -13.42 9.57
CA GLN A 100 -0.05 -13.90 8.92
C GLN A 100 -0.66 -12.84 8.02
N CYS A 101 -0.41 -11.58 8.32
CA CYS A 101 -0.85 -10.49 7.45
C CYS A 101 0.10 -9.30 7.57
N ILE A 102 -0.06 -8.34 6.67
CA ILE A 102 0.75 -7.14 6.67
C ILE A 102 -0.12 -5.92 6.92
N MET A 103 0.27 -5.12 7.90
CA MET A 103 -0.40 -3.87 8.19
C MET A 103 0.20 -2.79 7.31
N ALA A 104 -0.55 -2.35 6.32
CA ALA A 104 -0.03 -1.37 5.38
C ALA A 104 -0.79 -0.07 5.44
N VAL A 105 -0.07 0.97 5.79
CA VAL A 105 -0.64 2.30 5.89
C VAL A 105 -0.25 3.12 4.67
N ASN A 106 -1.24 3.48 3.88
CA ASN A 106 -0.99 4.28 2.69
C ASN A 106 -1.50 5.68 2.92
N TYR A 107 -0.72 6.66 2.53
CA TYR A 107 -1.17 8.04 2.64
C TYR A 107 -0.62 8.86 1.50
N VAL A 108 -1.48 9.64 0.91
CA VAL A 108 -1.20 10.27 -0.36
C VAL A 108 -0.59 11.65 -0.16
N LEU A 109 0.50 11.88 -0.88
CA LEU A 109 1.17 13.16 -0.89
C LEU A 109 0.46 14.09 -1.86
N SER A 110 -0.10 13.49 -2.90
CA SER A 110 -0.77 14.24 -3.94
C SER A 110 -1.80 13.35 -4.60
N GLU A 111 -2.83 13.97 -5.15
CA GLU A 111 -3.93 13.24 -5.76
C GLU A 111 -3.58 12.80 -7.17
N ILE A 112 -4.57 12.24 -7.85
CA ILE A 112 -4.35 11.62 -9.15
C ILE A 112 -3.69 12.54 -10.16
N GLU A 113 -2.90 11.93 -11.00
CA GLU A 113 -2.25 12.60 -12.11
C GLU A 113 -2.67 11.96 -13.41
N LYS A 114 -3.51 12.66 -14.15
CA LYS A 114 -4.05 12.14 -15.39
C LYS A 114 -3.36 12.80 -16.58
N GLY A 1 -13.22 19.69 5.26
CA GLY A 1 -12.70 20.18 6.56
C GLY A 1 -11.81 21.40 6.40
N GLU A 2 -10.97 21.67 7.39
CA GLU A 2 -10.08 22.81 7.34
C GLU A 2 -8.89 22.51 6.44
N PHE A 3 -8.59 21.23 6.27
CA PHE A 3 -7.51 20.79 5.40
C PHE A 3 -7.72 19.33 5.01
N LEU A 4 -7.42 19.02 3.76
CA LEU A 4 -7.58 17.69 3.20
C LEU A 4 -6.52 16.70 3.72
N ASP A 5 -6.15 16.82 4.98
CA ASP A 5 -5.07 16.01 5.54
C ASP A 5 -5.53 14.57 5.79
N SER A 6 -6.80 14.32 5.56
CA SER A 6 -7.40 13.00 5.73
C SER A 6 -7.03 12.05 4.60
N LYS A 7 -5.87 12.27 3.98
CA LYS A 7 -5.45 11.47 2.85
C LYS A 7 -4.68 10.24 3.31
N THR A 8 -5.40 9.30 3.85
CA THR A 8 -4.82 8.06 4.28
C THR A 8 -5.79 6.92 4.08
N PHE A 9 -5.28 5.76 3.71
CA PHE A 9 -6.12 4.58 3.56
C PHE A 9 -5.36 3.33 3.98
N LEU A 10 -5.94 2.65 4.94
CA LEU A 10 -5.38 1.44 5.49
C LEU A 10 -5.51 0.29 4.51
N SER A 11 -4.60 -0.65 4.60
CA SER A 11 -4.67 -1.85 3.81
C SER A 11 -3.95 -2.99 4.52
N ARG A 12 -4.26 -4.20 4.14
CA ARG A 12 -3.55 -5.36 4.64
C ARG A 12 -3.09 -6.20 3.48
N PHE A 13 -1.90 -6.74 3.59
CA PHE A 13 -1.32 -7.52 2.51
C PHE A 13 -0.93 -8.90 2.97
N SER A 14 -0.92 -9.83 2.03
CA SER A 14 -0.34 -11.13 2.25
C SER A 14 1.16 -11.04 1.99
N MET A 15 1.89 -12.10 2.29
CA MET A 15 3.34 -12.10 2.12
C MET A 15 3.73 -12.10 0.64
N ASP A 16 2.73 -12.10 -0.22
CA ASP A 16 2.96 -12.01 -1.66
C ASP A 16 2.49 -10.65 -2.19
N MET A 17 2.21 -9.72 -1.26
CA MET A 17 1.81 -8.36 -1.61
C MET A 17 0.45 -8.33 -2.31
N LYS A 18 -0.44 -9.21 -1.87
CA LYS A 18 -1.81 -9.23 -2.39
C LYS A 18 -2.75 -8.57 -1.42
N PHE A 19 -3.72 -7.86 -1.98
CA PHE A 19 -4.70 -7.11 -1.22
C PHE A 19 -5.66 -8.03 -0.48
N THR A 20 -5.73 -7.88 0.83
CA THR A 20 -6.70 -8.56 1.65
C THR A 20 -7.64 -7.54 2.28
N TYR A 21 -7.12 -6.34 2.49
CA TYR A 21 -7.92 -5.23 2.98
C TYR A 21 -7.43 -3.92 2.40
N CYS A 22 -8.37 -3.03 2.17
CA CYS A 22 -8.10 -1.64 1.87
C CYS A 22 -9.29 -0.81 2.33
N ASP A 23 -9.02 0.37 2.84
CA ASP A 23 -10.09 1.26 3.27
C ASP A 23 -10.55 2.12 2.11
N ASP A 24 -11.82 2.51 2.17
CA ASP A 24 -12.53 3.11 1.04
C ASP A 24 -11.93 4.44 0.59
N ARG A 25 -11.09 5.04 1.42
CA ARG A 25 -10.32 6.23 1.03
C ARG A 25 -9.62 6.00 -0.29
N ILE A 26 -9.21 4.76 -0.54
CA ILE A 26 -8.56 4.39 -1.78
C ILE A 26 -9.37 4.87 -3.00
N THR A 27 -10.68 4.86 -2.88
CA THR A 27 -11.54 5.23 -3.98
C THR A 27 -11.55 6.74 -4.16
N GLU A 28 -11.31 7.44 -3.07
CA GLU A 28 -11.18 8.89 -3.09
C GLU A 28 -9.86 9.30 -3.73
N LEU A 29 -8.81 8.59 -3.36
CA LEU A 29 -7.45 9.00 -3.64
C LEU A 29 -6.91 8.39 -4.91
N ILE A 30 -7.42 7.23 -5.27
CA ILE A 30 -7.00 6.55 -6.48
C ILE A 30 -8.19 6.26 -7.35
N GLY A 31 -9.30 5.97 -6.70
CA GLY A 31 -10.51 5.67 -7.40
C GLY A 31 -10.82 4.19 -7.40
N TYR A 32 -9.94 3.39 -6.81
CA TYR A 32 -10.19 1.97 -6.71
C TYR A 32 -11.11 1.65 -5.56
N HIS A 33 -12.02 0.73 -5.78
CA HIS A 33 -12.76 0.18 -4.67
C HIS A 33 -11.82 -0.74 -3.94
N PRO A 34 -11.84 -0.75 -2.61
CA PRO A 34 -11.01 -1.65 -1.84
C PRO A 34 -11.12 -3.07 -2.37
N GLU A 35 -12.36 -3.52 -2.55
CA GLU A 35 -12.63 -4.88 -3.00
C GLU A 35 -12.16 -5.13 -4.44
N GLU A 36 -11.98 -4.08 -5.24
CA GLU A 36 -11.51 -4.24 -6.60
C GLU A 36 -10.07 -4.69 -6.58
N LEU A 37 -9.44 -4.40 -5.47
CA LEU A 37 -8.04 -4.68 -5.27
C LEU A 37 -7.88 -5.99 -4.52
N LEU A 38 -8.87 -6.28 -3.69
CA LEU A 38 -8.82 -7.44 -2.82
C LEU A 38 -8.84 -8.73 -3.60
N GLY A 39 -7.68 -9.36 -3.70
CA GLY A 39 -7.54 -10.57 -4.47
C GLY A 39 -6.50 -10.40 -5.54
N ARG A 40 -5.96 -9.20 -5.66
CA ARG A 40 -4.92 -8.92 -6.63
C ARG A 40 -3.72 -8.32 -5.91
N SER A 41 -2.74 -7.82 -6.66
CA SER A 41 -1.49 -7.41 -6.05
C SER A 41 -1.28 -5.91 -6.19
N ALA A 42 -0.62 -5.32 -5.20
CA ALA A 42 -0.34 -3.89 -5.19
C ALA A 42 0.77 -3.53 -6.16
N SER A 43 1.66 -4.49 -6.41
CA SER A 43 2.79 -4.29 -7.30
C SER A 43 2.30 -4.06 -8.73
N GLU A 44 1.03 -4.35 -8.97
CA GLU A 44 0.43 -4.18 -10.28
C GLU A 44 0.23 -2.72 -10.62
N PHE A 45 -0.01 -1.89 -9.61
CA PHE A 45 -0.27 -0.48 -9.86
C PHE A 45 0.95 0.37 -9.58
N TRP A 46 2.00 -0.22 -9.03
CA TRP A 46 3.23 0.49 -8.83
C TRP A 46 3.81 0.91 -10.17
N HIS A 47 4.38 2.11 -10.22
CA HIS A 47 5.10 2.55 -11.41
C HIS A 47 6.15 1.51 -11.76
N ALA A 48 6.06 0.96 -12.97
CA ALA A 48 6.80 -0.24 -13.35
C ALA A 48 8.29 -0.14 -13.05
N LEU A 49 8.87 0.97 -13.44
CA LEU A 49 10.31 1.15 -13.34
C LEU A 49 10.74 1.40 -11.89
N ASP A 50 9.77 1.47 -11.01
CA ASP A 50 10.03 1.69 -9.59
C ASP A 50 9.46 0.54 -8.76
N SER A 51 8.58 -0.23 -9.38
CA SER A 51 7.93 -1.36 -8.73
C SER A 51 8.97 -2.38 -8.29
N GLU A 52 10.06 -2.45 -9.03
CA GLU A 52 11.14 -3.36 -8.71
C GLU A 52 11.72 -3.03 -7.34
N ASN A 53 12.15 -1.79 -7.19
CA ASN A 53 12.72 -1.31 -5.93
C ASN A 53 11.72 -1.48 -4.80
N MET A 54 10.48 -1.08 -5.08
CA MET A 54 9.38 -1.22 -4.13
C MET A 54 9.20 -2.66 -3.67
N THR A 55 9.56 -3.60 -4.52
CA THR A 55 9.49 -5.00 -4.17
C THR A 55 10.55 -5.35 -3.13
N LYS A 56 11.78 -4.84 -3.31
CA LYS A 56 12.83 -5.02 -2.33
C LYS A 56 12.47 -4.33 -1.03
N SER A 57 11.68 -3.27 -1.13
CA SER A 57 11.15 -2.60 0.04
C SER A 57 10.40 -3.60 0.92
N HIS A 58 9.55 -4.40 0.30
CA HIS A 58 8.86 -5.48 1.00
C HIS A 58 9.84 -6.57 1.42
N GLN A 59 10.83 -6.81 0.57
CA GLN A 59 11.84 -7.84 0.83
C GLN A 59 12.63 -7.53 2.10
N ASN A 60 12.72 -6.25 2.45
CA ASN A 60 13.35 -5.85 3.69
C ASN A 60 12.45 -6.22 4.87
N LEU A 61 11.47 -5.36 5.14
CA LEU A 61 10.45 -5.61 6.17
C LEU A 61 11.04 -6.22 7.44
N CYS A 62 12.11 -5.61 7.95
CA CYS A 62 12.80 -6.15 9.11
C CYS A 62 13.37 -5.05 9.99
N THR A 63 13.68 -3.91 9.37
CA THR A 63 14.34 -2.79 10.04
C THR A 63 13.71 -2.43 11.39
N LYS A 64 12.47 -1.96 11.35
CA LYS A 64 11.76 -1.58 12.57
C LYS A 64 10.79 -2.68 12.97
N GLY A 65 10.97 -3.85 12.39
CA GLY A 65 9.94 -4.87 12.46
C GLY A 65 8.90 -4.61 11.39
N GLN A 66 9.22 -3.63 10.56
CA GLN A 66 8.35 -3.17 9.50
C GLN A 66 9.22 -2.47 8.46
N VAL A 67 8.62 -2.01 7.38
CA VAL A 67 9.34 -1.26 6.37
C VAL A 67 8.46 -0.15 5.81
N VAL A 68 9.06 0.99 5.53
CA VAL A 68 8.32 2.10 4.97
C VAL A 68 8.82 2.41 3.56
N SER A 69 7.93 2.28 2.60
CA SER A 69 8.24 2.62 1.24
C SER A 69 7.83 4.06 0.98
N GLY A 70 8.81 4.87 0.62
CA GLY A 70 8.61 6.30 0.50
C GLY A 70 7.65 6.70 -0.61
N GLN A 71 7.53 8.00 -0.83
CA GLN A 71 6.63 8.55 -1.84
C GLN A 71 6.82 7.87 -3.17
N TYR A 72 5.87 7.05 -3.56
CA TYR A 72 5.94 6.35 -4.82
C TYR A 72 4.69 6.60 -5.63
N ARG A 73 4.73 6.15 -6.87
CA ARG A 73 3.65 6.35 -7.81
C ARG A 73 2.76 5.12 -7.87
N MET A 74 1.48 5.30 -7.58
CA MET A 74 0.53 4.22 -7.72
C MET A 74 -0.44 4.55 -8.84
N LEU A 75 -0.76 3.54 -9.63
CA LEU A 75 -1.69 3.68 -10.73
C LEU A 75 -3.05 4.06 -10.23
N ALA A 76 -3.70 4.93 -10.96
CA ALA A 76 -5.02 5.39 -10.60
C ALA A 76 -6.07 4.60 -11.35
N LYS A 77 -7.28 4.55 -10.80
CA LYS A 77 -8.36 3.71 -11.32
C LYS A 77 -8.47 3.80 -12.83
N HIS A 78 -8.50 5.02 -13.34
CA HIS A 78 -8.82 5.25 -14.72
C HIS A 78 -7.57 5.43 -15.57
N GLY A 79 -6.45 4.94 -15.04
CA GLY A 79 -5.22 4.85 -15.81
C GLY A 79 -4.31 6.04 -15.67
N GLY A 80 -4.56 6.87 -14.66
CA GLY A 80 -3.65 7.93 -14.37
C GLY A 80 -2.60 7.49 -13.39
N TYR A 81 -2.41 8.27 -12.36
CA TYR A 81 -1.47 7.98 -11.31
C TYR A 81 -1.83 8.74 -10.06
N VAL A 82 -1.09 8.47 -9.00
CA VAL A 82 -1.28 9.15 -7.74
C VAL A 82 -0.03 9.02 -6.87
N TRP A 83 0.05 9.80 -5.80
CA TRP A 83 1.21 9.79 -4.90
C TRP A 83 0.81 9.37 -3.51
N LEU A 84 1.30 8.23 -3.04
CA LEU A 84 1.15 7.87 -1.64
C LEU A 84 2.37 7.08 -1.14
N GLU A 85 2.64 7.21 0.14
CA GLU A 85 3.74 6.52 0.79
C GLU A 85 3.16 5.40 1.66
N THR A 86 3.70 4.20 1.53
CA THR A 86 3.12 3.04 2.19
C THR A 86 4.03 2.48 3.28
N GLN A 87 3.51 2.46 4.51
CA GLN A 87 4.18 1.81 5.62
C GLN A 87 3.65 0.40 5.78
N MET A 88 4.53 -0.57 5.66
CA MET A 88 4.15 -1.96 5.79
C MET A 88 4.69 -2.54 7.08
N THR A 89 3.84 -3.26 7.77
CA THR A 89 4.12 -3.77 9.09
C THR A 89 3.87 -5.27 9.15
N VAL A 90 4.79 -6.02 9.72
CA VAL A 90 4.59 -7.45 9.87
C VAL A 90 3.60 -7.71 11.00
N ILE A 91 2.50 -8.33 10.68
CA ILE A 91 1.58 -8.77 11.69
C ILE A 91 1.80 -10.26 11.95
N TYR A 92 2.41 -10.53 13.08
CA TYR A 92 2.77 -11.89 13.46
C TYR A 92 1.57 -12.64 14.02
N ASN A 93 1.56 -13.94 13.80
CA ASN A 93 0.50 -14.81 14.31
C ASN A 93 0.63 -14.92 15.82
N PRO A 94 -0.40 -14.50 16.56
CA PRO A 94 -0.39 -14.51 18.04
C PRO A 94 0.01 -15.85 18.65
N ARG A 95 -0.10 -16.93 17.87
CA ARG A 95 0.18 -18.26 18.36
C ARG A 95 1.67 -18.57 18.43
N ASN A 96 2.39 -18.29 17.36
CA ASN A 96 3.80 -18.68 17.26
C ASN A 96 4.68 -17.47 16.95
N LEU A 97 4.01 -16.35 16.72
CA LEU A 97 4.64 -15.09 16.35
C LEU A 97 5.43 -15.22 15.06
N GLN A 98 4.79 -15.86 14.10
CA GLN A 98 5.32 -15.97 12.76
C GLN A 98 4.48 -15.10 11.83
N PRO A 99 5.15 -14.29 11.01
CA PRO A 99 4.52 -13.39 10.04
C PRO A 99 3.38 -14.03 9.25
N GLN A 100 2.14 -13.63 9.55
CA GLN A 100 0.98 -14.15 8.84
C GLN A 100 0.38 -13.11 7.90
N CYS A 101 0.31 -11.86 8.36
CA CYS A 101 -0.31 -10.79 7.59
C CYS A 101 0.57 -9.54 7.61
N ILE A 102 0.24 -8.56 6.78
CA ILE A 102 0.94 -7.29 6.77
C ILE A 102 -0.02 -6.13 6.99
N MET A 103 0.34 -5.25 7.91
CA MET A 103 -0.43 -4.06 8.20
C MET A 103 0.15 -2.90 7.40
N ALA A 104 -0.56 -2.48 6.40
CA ALA A 104 -0.05 -1.46 5.49
C ALA A 104 -0.84 -0.17 5.60
N VAL A 105 -0.12 0.90 5.89
CA VAL A 105 -0.70 2.22 6.00
C VAL A 105 -0.32 3.03 4.77
N ASN A 106 -1.30 3.39 3.99
CA ASN A 106 -1.07 4.19 2.80
C ASN A 106 -1.58 5.59 3.02
N TYR A 107 -0.82 6.58 2.61
CA TYR A 107 -1.26 7.95 2.72
C TYR A 107 -0.71 8.75 1.57
N VAL A 108 -1.55 9.57 0.99
CA VAL A 108 -1.26 10.16 -0.29
C VAL A 108 -0.73 11.58 -0.12
N LEU A 109 0.31 11.88 -0.88
CA LEU A 109 0.92 13.20 -0.87
C LEU A 109 0.22 14.08 -1.88
N SER A 110 -0.41 13.43 -2.85
CA SER A 110 -1.16 14.13 -3.88
C SER A 110 -2.16 13.16 -4.49
N GLU A 111 -3.22 13.71 -5.03
CA GLU A 111 -4.28 12.90 -5.61
C GLU A 111 -3.97 12.53 -7.04
N ILE A 112 -4.94 11.94 -7.71
CA ILE A 112 -4.75 11.45 -9.06
C ILE A 112 -4.18 12.50 -10.01
N GLU A 113 -3.40 12.01 -10.95
CA GLU A 113 -2.88 12.81 -12.02
C GLU A 113 -3.18 12.10 -13.33
N LYS A 114 -4.17 12.60 -14.03
CA LYS A 114 -4.65 11.96 -15.24
C LYS A 114 -3.97 12.57 -16.46
N GLY A 1 4.17 18.72 -1.55
CA GLY A 1 2.71 18.60 -1.33
C GLY A 1 2.39 18.18 0.09
N GLU A 2 2.03 16.91 0.25
CA GLU A 2 1.75 16.33 1.56
C GLU A 2 0.69 17.14 2.30
N PHE A 3 -0.49 17.21 1.71
CA PHE A 3 -1.59 17.98 2.27
C PHE A 3 -2.65 17.04 2.81
N LEU A 4 -3.43 17.53 3.78
CA LEU A 4 -4.58 16.80 4.32
C LEU A 4 -4.18 15.53 5.06
N ASP A 5 -4.40 15.54 6.37
CA ASP A 5 -4.12 14.38 7.21
C ASP A 5 -5.06 13.24 6.85
N SER A 6 -6.25 13.60 6.38
CA SER A 6 -7.26 12.64 6.00
C SER A 6 -6.85 11.84 4.75
N LYS A 7 -5.74 12.22 4.13
CA LYS A 7 -5.27 11.49 2.97
C LYS A 7 -4.46 10.29 3.38
N THR A 8 -5.15 9.32 3.88
CA THR A 8 -4.56 8.07 4.31
C THR A 8 -5.57 6.96 4.12
N PHE A 9 -5.11 5.77 3.77
CA PHE A 9 -5.98 4.62 3.64
C PHE A 9 -5.26 3.35 4.05
N LEU A 10 -5.87 2.65 4.99
CA LEU A 10 -5.32 1.40 5.49
C LEU A 10 -5.51 0.28 4.48
N SER A 11 -4.55 -0.61 4.44
CA SER A 11 -4.68 -1.82 3.63
C SER A 11 -3.99 -2.97 4.33
N ARG A 12 -4.36 -4.18 3.99
CA ARG A 12 -3.69 -5.35 4.49
C ARG A 12 -3.21 -6.21 3.35
N PHE A 13 -2.01 -6.75 3.49
CA PHE A 13 -1.43 -7.58 2.47
C PHE A 13 -1.13 -8.97 3.00
N SER A 14 -1.19 -9.94 2.13
CA SER A 14 -0.71 -11.27 2.44
C SER A 14 0.82 -11.26 2.44
N MET A 15 1.44 -12.38 2.77
CA MET A 15 2.90 -12.45 2.80
C MET A 15 3.49 -12.16 1.41
N ASP A 16 2.69 -12.37 0.38
CA ASP A 16 3.15 -12.16 -1.00
C ASP A 16 2.61 -10.85 -1.58
N MET A 17 2.20 -9.92 -0.71
CA MET A 17 1.79 -8.58 -1.10
C MET A 17 0.54 -8.59 -1.97
N LYS A 18 -0.48 -9.28 -1.52
CA LYS A 18 -1.77 -9.25 -2.18
C LYS A 18 -2.81 -8.63 -1.27
N PHE A 19 -3.76 -7.97 -1.90
CA PHE A 19 -4.76 -7.18 -1.19
C PHE A 19 -5.76 -8.07 -0.47
N THR A 20 -5.79 -7.95 0.84
CA THR A 20 -6.78 -8.64 1.65
C THR A 20 -7.71 -7.62 2.28
N TYR A 21 -7.22 -6.40 2.39
CA TYR A 21 -8.03 -5.28 2.85
C TYR A 21 -7.52 -3.97 2.27
N CYS A 22 -8.44 -3.06 2.02
CA CYS A 22 -8.14 -1.67 1.77
C CYS A 22 -9.31 -0.82 2.26
N ASP A 23 -9.02 0.35 2.78
CA ASP A 23 -10.05 1.25 3.26
C ASP A 23 -10.56 2.10 2.14
N ASP A 24 -11.82 2.50 2.26
CA ASP A 24 -12.58 3.10 1.15
C ASP A 24 -12.00 4.43 0.69
N ARG A 25 -11.13 5.02 1.51
CA ARG A 25 -10.34 6.19 1.11
C ARG A 25 -9.67 5.98 -0.23
N ILE A 26 -9.28 4.74 -0.50
CA ILE A 26 -8.63 4.38 -1.75
C ILE A 26 -9.41 4.88 -2.96
N THR A 27 -10.73 4.85 -2.87
CA THR A 27 -11.57 5.24 -3.99
C THR A 27 -11.57 6.75 -4.14
N GLU A 28 -11.36 7.42 -3.03
CA GLU A 28 -11.23 8.87 -2.98
C GLU A 28 -9.92 9.31 -3.63
N LEU A 29 -8.87 8.59 -3.29
CA LEU A 29 -7.50 8.99 -3.58
C LEU A 29 -6.97 8.41 -4.88
N ILE A 30 -7.48 7.23 -5.24
CA ILE A 30 -7.05 6.55 -6.45
C ILE A 30 -8.23 6.27 -7.33
N GLY A 31 -9.33 5.95 -6.68
CA GLY A 31 -10.54 5.64 -7.40
C GLY A 31 -10.83 4.16 -7.42
N TYR A 32 -9.96 3.35 -6.81
CA TYR A 32 -10.20 1.93 -6.73
C TYR A 32 -11.12 1.60 -5.60
N HIS A 33 -11.99 0.65 -5.83
CA HIS A 33 -12.76 0.10 -4.74
C HIS A 33 -11.85 -0.82 -3.96
N PRO A 34 -11.91 -0.77 -2.63
CA PRO A 34 -11.09 -1.64 -1.81
C PRO A 34 -11.16 -3.08 -2.29
N GLU A 35 -12.38 -3.53 -2.54
CA GLU A 35 -12.66 -4.89 -2.96
C GLU A 35 -12.21 -5.18 -4.41
N GLU A 36 -11.99 -4.13 -5.21
CA GLU A 36 -11.53 -4.32 -6.58
C GLU A 36 -10.09 -4.78 -6.57
N LEU A 37 -9.46 -4.48 -5.47
CA LEU A 37 -8.05 -4.73 -5.30
C LEU A 37 -7.85 -6.03 -4.56
N LEU A 38 -8.84 -6.36 -3.74
CA LEU A 38 -8.76 -7.52 -2.88
C LEU A 38 -8.71 -8.80 -3.69
N GLY A 39 -7.54 -9.43 -3.67
CA GLY A 39 -7.33 -10.65 -4.41
C GLY A 39 -6.21 -10.49 -5.39
N ARG A 40 -5.75 -9.25 -5.57
CA ARG A 40 -4.69 -8.97 -6.51
C ARG A 40 -3.50 -8.37 -5.77
N SER A 41 -2.52 -7.88 -6.51
CA SER A 41 -1.27 -7.46 -5.90
C SER A 41 -1.12 -5.94 -5.92
N ALA A 42 -0.33 -5.43 -4.97
CA ALA A 42 -0.04 -4.00 -4.92
C ALA A 42 0.86 -3.60 -6.07
N SER A 43 1.86 -4.43 -6.31
CA SER A 43 2.85 -4.22 -7.37
C SER A 43 2.20 -3.94 -8.72
N GLU A 44 0.95 -4.35 -8.86
CA GLU A 44 0.20 -4.13 -10.09
C GLU A 44 0.11 -2.66 -10.46
N PHE A 45 -0.03 -1.81 -9.45
CA PHE A 45 -0.22 -0.39 -9.69
C PHE A 45 1.03 0.41 -9.32
N TRP A 46 2.16 -0.26 -9.22
CA TRP A 46 3.40 0.39 -8.86
C TRP A 46 4.02 1.10 -10.06
N HIS A 47 4.37 2.36 -9.86
CA HIS A 47 5.17 3.10 -10.84
C HIS A 47 6.38 2.26 -11.22
N ALA A 48 6.51 1.99 -12.51
CA ALA A 48 7.48 1.00 -13.01
C ALA A 48 8.90 1.32 -12.62
N LEU A 49 9.21 2.61 -12.57
CA LEU A 49 10.55 3.05 -12.27
C LEU A 49 10.81 3.02 -10.76
N ASP A 50 9.86 2.46 -10.03
CA ASP A 50 9.97 2.30 -8.59
C ASP A 50 9.57 0.89 -8.16
N SER A 51 8.88 0.18 -9.04
CA SER A 51 8.29 -1.10 -8.70
C SER A 51 9.36 -2.12 -8.29
N GLU A 52 10.49 -2.13 -8.99
CA GLU A 52 11.58 -3.03 -8.67
C GLU A 52 12.14 -2.71 -7.30
N ASN A 53 12.52 -1.46 -7.14
CA ASN A 53 13.07 -0.96 -5.89
C ASN A 53 12.13 -1.20 -4.73
N MET A 54 10.86 -0.92 -4.96
CA MET A 54 9.84 -1.13 -3.95
C MET A 54 9.65 -2.60 -3.63
N THR A 55 9.91 -3.46 -4.60
CA THR A 55 9.89 -4.89 -4.33
C THR A 55 10.86 -5.19 -3.21
N LYS A 56 12.05 -4.62 -3.30
CA LYS A 56 13.09 -4.76 -2.29
C LYS A 56 12.61 -4.29 -0.92
N SER A 57 11.65 -3.36 -0.89
CA SER A 57 11.06 -2.93 0.37
C SER A 57 10.29 -4.09 0.99
N HIS A 58 9.51 -4.78 0.16
CA HIS A 58 8.79 -5.97 0.59
C HIS A 58 9.78 -7.07 0.98
N GLN A 59 10.93 -7.05 0.33
CA GLN A 59 11.99 -8.01 0.60
C GLN A 59 12.70 -7.67 1.91
N ASN A 60 12.88 -6.37 2.13
CA ASN A 60 13.50 -5.86 3.35
C ASN A 60 12.54 -5.92 4.53
N LEU A 61 13.07 -5.77 5.73
CA LEU A 61 12.27 -5.75 6.94
C LEU A 61 13.18 -5.49 8.14
N CYS A 62 12.57 -5.31 9.32
CA CYS A 62 13.29 -5.21 10.59
C CYS A 62 13.94 -3.84 10.80
N THR A 63 14.11 -3.07 9.73
CA THR A 63 14.80 -1.77 9.79
C THR A 63 14.29 -0.90 10.95
N LYS A 64 13.01 -0.59 10.93
CA LYS A 64 12.39 0.17 12.02
C LYS A 64 11.54 -0.77 12.85
N GLY A 65 11.76 -2.06 12.67
CA GLY A 65 10.84 -3.05 13.19
C GLY A 65 9.82 -3.40 12.13
N GLN A 66 9.90 -2.67 11.05
CA GLN A 66 9.01 -2.77 9.91
C GLN A 66 9.75 -2.25 8.70
N VAL A 67 9.13 -2.30 7.54
CA VAL A 67 9.73 -1.71 6.36
C VAL A 67 8.78 -0.70 5.74
N VAL A 68 9.32 0.41 5.29
CA VAL A 68 8.52 1.50 4.76
C VAL A 68 9.01 1.90 3.38
N SER A 69 8.13 1.81 2.40
CA SER A 69 8.48 2.20 1.04
C SER A 69 8.48 3.71 0.93
N GLY A 70 9.18 4.23 -0.07
CA GLY A 70 9.24 5.67 -0.26
C GLY A 70 7.98 6.21 -0.91
N GLN A 71 7.90 7.53 -1.04
CA GLN A 71 6.78 8.17 -1.71
C GLN A 71 6.74 7.76 -3.16
N TYR A 72 5.85 6.85 -3.49
CA TYR A 72 5.79 6.32 -4.83
C TYR A 72 4.50 6.70 -5.51
N ARG A 73 4.49 6.55 -6.82
CA ARG A 73 3.31 6.82 -7.59
C ARG A 73 2.56 5.52 -7.85
N MET A 74 1.30 5.51 -7.47
CA MET A 74 0.45 4.34 -7.65
C MET A 74 -0.50 4.60 -8.79
N LEU A 75 -0.77 3.57 -9.58
CA LEU A 75 -1.69 3.69 -10.68
C LEU A 75 -3.07 4.05 -10.19
N ALA A 76 -3.72 4.91 -10.95
CA ALA A 76 -5.04 5.36 -10.60
C ALA A 76 -6.08 4.57 -11.36
N LYS A 77 -7.30 4.53 -10.82
CA LYS A 77 -8.37 3.68 -11.36
C LYS A 77 -8.48 3.81 -12.87
N HIS A 78 -8.47 5.04 -13.35
CA HIS A 78 -8.79 5.31 -14.73
C HIS A 78 -7.53 5.53 -15.56
N GLY A 79 -6.41 5.02 -15.06
CA GLY A 79 -5.20 4.94 -15.84
C GLY A 79 -4.25 6.10 -15.66
N GLY A 80 -4.52 6.96 -14.69
CA GLY A 80 -3.58 7.99 -14.38
C GLY A 80 -2.57 7.50 -13.38
N TYR A 81 -2.42 8.26 -12.34
CA TYR A 81 -1.50 7.93 -11.26
C TYR A 81 -1.88 8.68 -10.03
N VAL A 82 -1.17 8.43 -8.95
CA VAL A 82 -1.41 9.10 -7.70
C VAL A 82 -0.19 8.95 -6.80
N TRP A 83 -0.10 9.76 -5.77
CA TRP A 83 1.06 9.74 -4.90
C TRP A 83 0.68 9.32 -3.51
N LEU A 84 1.19 8.19 -3.05
CA LEU A 84 1.09 7.80 -1.65
C LEU A 84 2.29 6.97 -1.24
N GLU A 85 2.60 7.04 0.03
CA GLU A 85 3.72 6.29 0.59
C GLU A 85 3.18 5.17 1.47
N THR A 86 3.62 3.96 1.22
CA THR A 86 3.10 2.80 1.92
C THR A 86 4.01 2.36 3.07
N GLN A 87 3.48 2.46 4.27
CA GLN A 87 4.16 1.99 5.47
C GLN A 87 3.67 0.60 5.81
N MET A 88 4.55 -0.37 5.73
CA MET A 88 4.15 -1.76 5.92
C MET A 88 4.59 -2.29 7.26
N THR A 89 3.65 -2.91 7.93
CA THR A 89 3.82 -3.43 9.26
C THR A 89 3.43 -4.90 9.28
N VAL A 90 4.24 -5.73 9.90
CA VAL A 90 3.90 -7.13 10.02
C VAL A 90 2.98 -7.32 11.21
N ILE A 91 1.82 -7.88 10.97
CA ILE A 91 0.94 -8.22 12.06
C ILE A 91 1.06 -9.70 12.37
N TYR A 92 1.72 -9.97 13.46
CA TYR A 92 1.99 -11.31 13.90
C TYR A 92 0.78 -11.89 14.61
N ASN A 93 0.67 -13.20 14.58
CA ASN A 93 -0.37 -13.90 15.31
C ASN A 93 -0.01 -13.90 16.78
N PRO A 94 -0.85 -13.27 17.63
CA PRO A 94 -0.55 -13.05 19.05
C PRO A 94 -0.10 -14.31 19.81
N ARG A 95 -0.40 -15.48 19.27
CA ARG A 95 -0.11 -16.73 19.95
C ARG A 95 1.33 -17.17 19.78
N ASN A 96 1.78 -17.25 18.53
CA ASN A 96 3.12 -17.77 18.24
C ASN A 96 3.99 -16.67 17.67
N LEU A 97 3.34 -15.55 17.44
CA LEU A 97 3.96 -14.36 16.90
C LEU A 97 4.58 -14.63 15.53
N GLN A 98 3.80 -15.31 14.71
CA GLN A 98 4.17 -15.57 13.34
C GLN A 98 3.37 -14.67 12.40
N PRO A 99 4.08 -13.95 11.51
CA PRO A 99 3.49 -13.06 10.50
C PRO A 99 2.31 -13.66 9.76
N GLN A 100 1.13 -13.11 10.00
CA GLN A 100 -0.08 -13.53 9.31
C GLN A 100 -0.41 -12.57 8.19
N CYS A 101 -0.63 -11.33 8.55
CA CYS A 101 -1.04 -10.30 7.60
C CYS A 101 -0.14 -9.09 7.73
N ILE A 102 -0.01 -8.34 6.64
CA ILE A 102 0.74 -7.10 6.67
C ILE A 102 -0.20 -5.92 6.81
N MET A 103 -0.02 -5.19 7.89
CA MET A 103 -0.76 -3.97 8.14
C MET A 103 -0.09 -2.84 7.39
N ALA A 104 -0.70 -2.41 6.33
CA ALA A 104 -0.13 -1.38 5.47
C ALA A 104 -0.87 -0.08 5.61
N VAL A 105 -0.13 0.96 5.89
CA VAL A 105 -0.67 2.29 6.01
C VAL A 105 -0.26 3.10 4.79
N ASN A 106 -1.22 3.47 3.98
CA ASN A 106 -0.97 4.21 2.77
C ASN A 106 -1.45 5.63 2.96
N TYR A 107 -0.65 6.59 2.57
CA TYR A 107 -1.06 7.97 2.68
C TYR A 107 -0.54 8.78 1.53
N VAL A 108 -1.41 9.59 0.98
CA VAL A 108 -1.17 10.19 -0.30
C VAL A 108 -0.54 11.57 -0.16
N LEU A 109 0.51 11.79 -0.92
CA LEU A 109 1.18 13.07 -0.99
C LEU A 109 0.41 13.99 -1.92
N SER A 110 -0.25 13.39 -2.90
CA SER A 110 -1.04 14.12 -3.88
C SER A 110 -2.04 13.17 -4.50
N GLU A 111 -3.12 13.71 -5.02
CA GLU A 111 -4.19 12.92 -5.63
C GLU A 111 -3.82 12.54 -7.06
N ILE A 112 -4.80 11.98 -7.76
CA ILE A 112 -4.57 11.47 -9.10
C ILE A 112 -3.96 12.50 -10.04
N GLU A 113 -3.18 12.01 -10.97
CA GLU A 113 -2.66 12.81 -12.05
C GLU A 113 -3.43 12.51 -13.31
N LYS A 114 -4.13 13.50 -13.81
CA LYS A 114 -4.96 13.34 -14.98
C LYS A 114 -4.42 14.19 -16.11
N GLY A 1 -7.69 21.24 10.98
CA GLY A 1 -8.54 20.01 10.94
C GLY A 1 -8.05 19.04 9.90
N GLU A 2 -8.47 17.79 10.00
CA GLU A 2 -8.05 16.75 9.07
C GLU A 2 -9.21 15.85 8.69
N PHE A 3 -10.16 16.40 7.94
CA PHE A 3 -11.30 15.61 7.47
C PHE A 3 -10.97 14.97 6.13
N LEU A 4 -9.98 15.51 5.45
CA LEU A 4 -9.46 14.90 4.24
C LEU A 4 -8.03 15.37 3.94
N ASP A 5 -7.44 16.12 4.86
CA ASP A 5 -6.08 16.62 4.66
C ASP A 5 -5.06 15.51 4.87
N SER A 6 -5.36 14.59 5.78
CA SER A 6 -4.45 13.50 6.09
C SER A 6 -4.19 12.62 4.87
N LYS A 7 -5.26 12.28 4.16
CA LYS A 7 -5.17 11.43 2.97
C LYS A 7 -4.46 10.14 3.27
N THR A 8 -5.19 9.18 3.79
CA THR A 8 -4.63 7.90 4.16
C THR A 8 -5.66 6.80 3.93
N PHE A 9 -5.18 5.63 3.54
CA PHE A 9 -6.05 4.49 3.38
C PHE A 9 -5.32 3.22 3.78
N LEU A 10 -5.90 2.56 4.75
CA LEU A 10 -5.33 1.35 5.31
C LEU A 10 -5.44 0.20 4.33
N SER A 11 -4.52 -0.75 4.45
CA SER A 11 -4.58 -1.95 3.66
C SER A 11 -3.90 -3.09 4.40
N ARG A 12 -4.28 -4.30 4.08
CA ARG A 12 -3.59 -5.46 4.61
C ARG A 12 -3.22 -6.39 3.49
N PHE A 13 -2.03 -6.96 3.57
CA PHE A 13 -1.54 -7.81 2.50
C PHE A 13 -1.27 -9.20 3.00
N SER A 14 -1.42 -10.16 2.10
CA SER A 14 -0.82 -11.46 2.27
C SER A 14 0.68 -11.30 2.06
N MET A 15 1.48 -12.32 2.36
CA MET A 15 2.93 -12.17 2.26
C MET A 15 3.39 -11.90 0.83
N ASP A 16 2.54 -12.17 -0.15
CA ASP A 16 2.85 -11.88 -1.54
C ASP A 16 2.40 -10.47 -1.93
N MET A 17 2.08 -9.66 -0.91
CA MET A 17 1.65 -8.29 -1.09
C MET A 17 0.38 -8.23 -1.91
N LYS A 18 -0.56 -9.08 -1.53
CA LYS A 18 -1.85 -9.11 -2.17
C LYS A 18 -2.90 -8.51 -1.26
N PHE A 19 -3.85 -7.84 -1.88
CA PHE A 19 -4.87 -7.10 -1.17
C PHE A 19 -5.84 -8.02 -0.47
N THR A 20 -5.87 -7.92 0.85
CA THR A 20 -6.83 -8.65 1.65
C THR A 20 -7.78 -7.65 2.31
N TYR A 21 -7.27 -6.43 2.46
CA TYR A 21 -8.06 -5.31 2.97
C TYR A 21 -7.57 -4.00 2.38
N CYS A 22 -8.49 -3.08 2.16
CA CYS A 22 -8.17 -1.71 1.83
C CYS A 22 -9.30 -0.82 2.32
N ASP A 23 -8.95 0.36 2.80
CA ASP A 23 -9.93 1.30 3.32
C ASP A 23 -10.50 2.14 2.20
N ASP A 24 -11.73 2.57 2.40
CA ASP A 24 -12.55 3.16 1.33
C ASP A 24 -11.97 4.48 0.80
N ARG A 25 -11.05 5.09 1.55
CA ARG A 25 -10.32 6.27 1.08
C ARG A 25 -9.67 6.02 -0.28
N ILE A 26 -9.30 4.78 -0.53
CA ILE A 26 -8.67 4.40 -1.79
C ILE A 26 -9.48 4.91 -2.99
N THR A 27 -10.79 4.89 -2.86
CA THR A 27 -11.66 5.27 -3.95
C THR A 27 -11.67 6.79 -4.12
N GLU A 28 -11.43 7.48 -3.03
CA GLU A 28 -11.29 8.92 -3.02
C GLU A 28 -9.97 9.33 -3.70
N LEU A 29 -8.92 8.62 -3.34
CA LEU A 29 -7.56 9.01 -3.65
C LEU A 29 -7.05 8.43 -4.94
N ILE A 30 -7.57 7.26 -5.29
CA ILE A 30 -7.15 6.57 -6.51
C ILE A 30 -8.35 6.28 -7.37
N GLY A 31 -9.45 5.98 -6.70
CA GLY A 31 -10.66 5.67 -7.41
C GLY A 31 -10.96 4.19 -7.41
N TYR A 32 -10.06 3.39 -6.83
CA TYR A 32 -10.29 1.96 -6.74
C TYR A 32 -11.19 1.64 -5.60
N HIS A 33 -12.07 0.68 -5.82
CA HIS A 33 -12.82 0.12 -4.72
C HIS A 33 -11.89 -0.80 -3.97
N PRO A 34 -11.92 -0.82 -2.64
CA PRO A 34 -11.11 -1.73 -1.86
C PRO A 34 -11.24 -3.16 -2.40
N GLU A 35 -12.48 -3.58 -2.58
CA GLU A 35 -12.77 -4.92 -3.08
C GLU A 35 -12.25 -5.16 -4.50
N GLU A 36 -12.04 -4.08 -5.27
CA GLU A 36 -11.55 -4.21 -6.63
C GLU A 36 -10.12 -4.67 -6.60
N LEU A 37 -9.49 -4.40 -5.48
CA LEU A 37 -8.11 -4.67 -5.28
C LEU A 37 -7.94 -5.99 -4.55
N LEU A 38 -8.94 -6.31 -3.75
CA LEU A 38 -8.89 -7.50 -2.90
C LEU A 38 -8.83 -8.76 -3.74
N GLY A 39 -7.67 -9.40 -3.72
CA GLY A 39 -7.46 -10.59 -4.50
C GLY A 39 -6.32 -10.41 -5.47
N ARG A 40 -5.80 -9.19 -5.54
CA ARG A 40 -4.71 -8.89 -6.45
C ARG A 40 -3.56 -8.25 -5.69
N SER A 41 -2.57 -7.71 -6.39
CA SER A 41 -1.37 -7.22 -5.75
C SER A 41 -1.20 -5.71 -5.93
N ALA A 42 -0.62 -5.07 -4.91
CA ALA A 42 -0.36 -3.64 -4.96
C ALA A 42 0.73 -3.32 -5.95
N SER A 43 1.67 -4.25 -6.06
CA SER A 43 2.83 -4.10 -6.93
C SER A 43 2.41 -3.91 -8.38
N GLU A 44 1.16 -4.22 -8.67
CA GLU A 44 0.61 -4.12 -10.00
C GLU A 44 0.39 -2.66 -10.40
N PHE A 45 0.03 -1.83 -9.42
CA PHE A 45 -0.24 -0.43 -9.71
C PHE A 45 1.00 0.42 -9.44
N TRP A 46 2.00 -0.20 -8.84
CA TRP A 46 3.25 0.47 -8.54
C TRP A 46 3.90 1.00 -9.80
N HIS A 47 4.23 2.29 -9.79
CA HIS A 47 5.05 2.88 -10.84
C HIS A 47 6.29 2.02 -11.04
N ALA A 48 6.50 1.55 -12.27
CA ALA A 48 7.44 0.47 -12.54
C ALA A 48 8.86 0.82 -12.14
N LEU A 49 9.19 2.09 -12.25
CA LEU A 49 10.53 2.56 -11.98
C LEU A 49 10.73 2.79 -10.49
N ASP A 50 9.73 2.39 -9.73
CA ASP A 50 9.80 2.42 -8.27
C ASP A 50 9.49 1.04 -7.72
N SER A 51 8.67 0.31 -8.45
CA SER A 51 8.13 -0.97 -8.01
C SER A 51 9.23 -1.95 -7.63
N GLU A 52 10.22 -2.11 -8.50
CA GLU A 52 11.29 -3.05 -8.26
C GLU A 52 11.99 -2.77 -6.96
N ASN A 53 12.47 -1.55 -6.84
CA ASN A 53 13.21 -1.12 -5.66
C ASN A 53 12.35 -1.25 -4.41
N MET A 54 11.10 -0.84 -4.55
CA MET A 54 10.15 -0.92 -3.45
C MET A 54 9.93 -2.35 -3.01
N THR A 55 9.94 -3.27 -3.97
CA THR A 55 9.77 -4.66 -3.66
C THR A 55 10.86 -5.12 -2.70
N LYS A 56 12.07 -4.64 -2.96
CA LYS A 56 13.23 -4.96 -2.13
C LYS A 56 13.05 -4.42 -0.71
N SER A 57 12.29 -3.35 -0.55
CA SER A 57 11.99 -2.83 0.78
C SER A 57 11.26 -3.87 1.61
N HIS A 58 10.26 -4.52 1.03
CA HIS A 58 9.56 -5.57 1.75
C HIS A 58 10.43 -6.82 1.85
N GLN A 59 11.32 -7.01 0.87
CA GLN A 59 12.31 -8.07 0.93
C GLN A 59 13.27 -7.83 2.08
N ASN A 60 13.57 -6.55 2.31
CA ASN A 60 14.39 -6.12 3.43
C ASN A 60 13.62 -6.27 4.73
N LEU A 61 12.84 -5.25 5.08
CA LEU A 61 12.00 -5.24 6.28
C LEU A 61 12.84 -5.33 7.57
N CYS A 62 13.44 -6.50 7.79
CA CYS A 62 14.22 -6.78 9.00
C CYS A 62 15.38 -5.79 9.18
N THR A 63 15.74 -5.09 8.11
CA THR A 63 16.81 -4.09 8.13
C THR A 63 16.69 -3.16 9.33
N LYS A 64 15.55 -2.49 9.45
CA LYS A 64 15.30 -1.61 10.59
C LYS A 64 14.32 -2.27 11.54
N GLY A 65 13.95 -3.49 11.19
CA GLY A 65 12.90 -4.19 11.88
C GLY A 65 11.54 -3.83 11.32
N GLN A 66 11.54 -2.84 10.45
CA GLN A 66 10.37 -2.45 9.69
C GLN A 66 10.83 -1.67 8.47
N VAL A 67 10.01 -1.60 7.44
CA VAL A 67 10.31 -0.73 6.31
C VAL A 67 9.15 0.19 6.04
N VAL A 68 9.48 1.28 5.40
CA VAL A 68 8.52 2.30 5.02
C VAL A 68 8.88 2.77 3.63
N SER A 69 8.18 2.26 2.64
CA SER A 69 8.49 2.57 1.25
C SER A 69 8.28 4.05 0.97
N GLY A 70 9.35 4.71 0.56
CA GLY A 70 9.32 6.14 0.31
C GLY A 70 8.26 6.53 -0.71
N GLN A 71 7.99 7.83 -0.79
CA GLN A 71 6.92 8.36 -1.62
C GLN A 71 7.03 7.84 -3.05
N TYR A 72 5.99 7.16 -3.49
CA TYR A 72 5.97 6.58 -4.82
C TYR A 72 4.64 6.87 -5.50
N ARG A 73 4.57 6.50 -6.78
CA ARG A 73 3.36 6.68 -7.54
C ARG A 73 2.63 5.36 -7.75
N MET A 74 1.34 5.39 -7.48
CA MET A 74 0.48 4.24 -7.67
C MET A 74 -0.50 4.54 -8.80
N LEU A 75 -0.82 3.52 -9.57
CA LEU A 75 -1.74 3.66 -10.67
C LEU A 75 -3.12 4.04 -10.19
N ALA A 76 -3.77 4.88 -10.96
CA ALA A 76 -5.09 5.36 -10.61
C ALA A 76 -6.15 4.57 -11.35
N LYS A 77 -7.39 4.61 -10.85
CA LYS A 77 -8.46 3.75 -11.35
C LYS A 77 -8.56 3.80 -12.88
N HIS A 78 -8.46 4.98 -13.43
CA HIS A 78 -8.74 5.18 -14.85
C HIS A 78 -7.46 5.38 -15.64
N GLY A 79 -6.36 4.88 -15.09
CA GLY A 79 -5.12 4.80 -15.85
C GLY A 79 -4.22 6.00 -15.69
N GLY A 80 -4.48 6.83 -14.70
CA GLY A 80 -3.58 7.91 -14.40
C GLY A 80 -2.54 7.45 -13.40
N TYR A 81 -2.41 8.20 -12.34
CA TYR A 81 -1.49 7.89 -11.26
C TYR A 81 -1.90 8.65 -10.02
N VAL A 82 -1.20 8.39 -8.95
CA VAL A 82 -1.42 9.06 -7.70
C VAL A 82 -0.19 8.93 -6.81
N TRP A 83 -0.09 9.76 -5.79
CA TRP A 83 1.07 9.76 -4.92
C TRP A 83 0.70 9.33 -3.53
N LEU A 84 1.24 8.20 -3.08
CA LEU A 84 1.14 7.82 -1.68
C LEU A 84 2.38 7.07 -1.24
N GLU A 85 2.68 7.20 0.04
CA GLU A 85 3.82 6.54 0.64
C GLU A 85 3.31 5.42 1.54
N THR A 86 3.84 4.23 1.36
CA THR A 86 3.29 3.06 2.03
C THR A 86 4.17 2.58 3.18
N GLN A 87 3.61 2.65 4.37
CA GLN A 87 4.26 2.15 5.56
C GLN A 87 3.75 0.75 5.86
N MET A 88 4.63 -0.21 5.78
CA MET A 88 4.26 -1.60 5.99
C MET A 88 4.70 -2.08 7.36
N THR A 89 3.88 -2.92 7.94
CA THR A 89 4.08 -3.43 9.27
C THR A 89 3.64 -4.89 9.34
N VAL A 90 4.37 -5.71 10.05
CA VAL A 90 4.00 -7.11 10.19
C VAL A 90 3.01 -7.28 11.31
N ILE A 91 1.90 -7.94 11.03
CA ILE A 91 0.95 -8.25 12.06
C ILE A 91 1.07 -9.71 12.44
N TYR A 92 1.58 -9.93 13.63
CA TYR A 92 1.80 -11.26 14.16
C TYR A 92 0.54 -11.82 14.78
N ASN A 93 0.41 -13.14 14.72
CA ASN A 93 -0.74 -13.83 15.27
C ASN A 93 -0.59 -14.00 16.77
N PRO A 94 -1.50 -13.40 17.55
CA PRO A 94 -1.44 -13.39 19.03
C PRO A 94 -1.13 -14.76 19.67
N ARG A 95 -1.51 -15.83 18.99
CA ARG A 95 -1.30 -17.18 19.51
C ARG A 95 0.17 -17.61 19.47
N ASN A 96 0.82 -17.44 18.33
CA ASN A 96 2.15 -18.02 18.12
C ASN A 96 3.14 -16.94 17.74
N LEU A 97 2.62 -15.73 17.60
CA LEU A 97 3.38 -14.55 17.21
C LEU A 97 4.08 -14.77 15.89
N GLN A 98 3.35 -15.37 14.97
CA GLN A 98 3.82 -15.58 13.63
C GLN A 98 3.08 -14.65 12.68
N PRO A 99 3.84 -13.92 11.84
CA PRO A 99 3.30 -13.02 10.83
C PRO A 99 2.14 -13.62 10.04
N GLN A 100 0.94 -13.12 10.29
CA GLN A 100 -0.26 -13.63 9.62
C GLN A 100 -0.70 -12.70 8.49
N CYS A 101 -0.63 -11.41 8.73
CA CYS A 101 -1.00 -10.42 7.74
C CYS A 101 -0.07 -9.21 7.80
N ILE A 102 0.00 -8.46 6.72
CA ILE A 102 0.81 -7.25 6.67
C ILE A 102 -0.08 -6.02 6.82
N MET A 103 0.19 -5.24 7.86
CA MET A 103 -0.50 -3.99 8.08
C MET A 103 0.16 -2.91 7.24
N ALA A 104 -0.50 -2.50 6.19
CA ALA A 104 0.07 -1.50 5.30
C ALA A 104 -0.73 -0.22 5.33
N VAL A 105 -0.07 0.82 5.74
CA VAL A 105 -0.66 2.13 5.83
C VAL A 105 -0.25 2.97 4.64
N ASN A 106 -1.22 3.30 3.82
CA ASN A 106 -0.95 4.09 2.62
C ASN A 106 -1.46 5.49 2.83
N TYR A 107 -0.66 6.47 2.51
CA TYR A 107 -1.08 7.85 2.66
C TYR A 107 -0.56 8.69 1.51
N VAL A 108 -1.43 9.49 0.97
CA VAL A 108 -1.19 10.11 -0.31
C VAL A 108 -0.60 11.51 -0.15
N LEU A 109 0.46 11.75 -0.89
CA LEU A 109 1.11 13.04 -0.93
C LEU A 109 0.32 13.97 -1.83
N SER A 110 -0.31 13.37 -2.82
CA SER A 110 -1.12 14.10 -3.76
C SER A 110 -2.07 13.14 -4.43
N GLU A 111 -3.12 13.71 -4.97
CA GLU A 111 -4.16 12.93 -5.61
C GLU A 111 -3.81 12.64 -7.05
N ILE A 112 -4.76 12.06 -7.77
CA ILE A 112 -4.50 11.56 -9.11
C ILE A 112 -3.86 12.59 -10.03
N GLU A 113 -3.01 12.08 -10.89
CA GLU A 113 -2.49 12.82 -12.00
C GLU A 113 -2.83 12.08 -13.29
N LYS A 114 -3.56 12.75 -14.15
CA LYS A 114 -4.06 12.15 -15.36
C LYS A 114 -3.27 12.62 -16.58
N GLY A 1 1.40 12.02 7.00
CA GLY A 1 1.29 12.83 5.76
C GLY A 1 2.09 14.12 5.84
N GLU A 2 2.22 14.66 7.06
CA GLU A 2 3.08 15.81 7.34
C GLU A 2 2.55 17.07 6.65
N PHE A 3 1.33 17.00 6.16
CA PHE A 3 0.70 18.10 5.44
C PHE A 3 -0.77 17.81 5.29
N LEU A 4 -1.06 16.87 4.43
CA LEU A 4 -2.42 16.47 4.16
C LEU A 4 -2.64 15.05 4.67
N ASP A 5 -2.73 14.96 5.98
CA ASP A 5 -2.84 13.68 6.66
C ASP A 5 -4.25 13.10 6.52
N SER A 6 -5.18 13.94 6.08
CA SER A 6 -6.56 13.51 5.89
C SER A 6 -6.67 12.58 4.68
N LYS A 7 -5.57 12.38 3.99
CA LYS A 7 -5.53 11.48 2.85
C LYS A 7 -4.73 10.24 3.19
N THR A 8 -5.39 9.32 3.83
CA THR A 8 -4.77 8.08 4.24
C THR A 8 -5.74 6.93 4.03
N PHE A 9 -5.21 5.78 3.64
CA PHE A 9 -6.03 4.59 3.47
C PHE A 9 -5.25 3.35 3.84
N LEU A 10 -5.77 2.68 4.83
CA LEU A 10 -5.19 1.46 5.34
C LEU A 10 -5.36 0.32 4.36
N SER A 11 -4.42 -0.60 4.37
CA SER A 11 -4.54 -1.82 3.62
C SER A 11 -3.88 -2.95 4.38
N ARG A 12 -4.24 -4.17 4.08
CA ARG A 12 -3.58 -5.31 4.67
C ARG A 12 -3.16 -6.27 3.59
N PHE A 13 -1.98 -6.83 3.73
CA PHE A 13 -1.41 -7.68 2.70
C PHE A 13 -1.03 -9.03 3.27
N SER A 14 -0.98 -10.00 2.40
CA SER A 14 -0.35 -11.27 2.72
C SER A 14 1.11 -11.20 2.26
N MET A 15 1.91 -12.18 2.60
CA MET A 15 3.33 -12.18 2.27
C MET A 15 3.57 -12.42 0.78
N ASP A 16 2.50 -12.34 0.00
CA ASP A 16 2.58 -12.43 -1.45
C ASP A 16 2.27 -11.06 -2.06
N MET A 17 2.17 -10.04 -1.20
CA MET A 17 1.96 -8.65 -1.63
C MET A 17 0.59 -8.50 -2.30
N LYS A 18 -0.36 -9.31 -1.87
CA LYS A 18 -1.71 -9.26 -2.41
C LYS A 18 -2.68 -8.65 -1.42
N PHE A 19 -3.71 -8.01 -1.96
CA PHE A 19 -4.67 -7.24 -1.19
C PHE A 19 -5.64 -8.14 -0.44
N THR A 20 -5.70 -7.95 0.87
CA THR A 20 -6.69 -8.62 1.69
C THR A 20 -7.61 -7.58 2.32
N TYR A 21 -7.11 -6.35 2.42
CA TYR A 21 -7.91 -5.23 2.91
C TYR A 21 -7.42 -3.93 2.30
N CYS A 22 -8.36 -3.01 2.10
CA CYS A 22 -8.05 -1.62 1.83
C CYS A 22 -9.22 -0.77 2.32
N ASP A 23 -8.93 0.39 2.86
CA ASP A 23 -9.96 1.30 3.31
C ASP A 23 -10.48 2.12 2.15
N ASP A 24 -11.75 2.50 2.25
CA ASP A 24 -12.50 3.07 1.13
C ASP A 24 -11.92 4.40 0.64
N ARG A 25 -11.07 5.03 1.44
CA ARG A 25 -10.34 6.22 1.03
C ARG A 25 -9.65 6.00 -0.30
N ILE A 26 -9.25 4.76 -0.54
CA ILE A 26 -8.60 4.38 -1.79
C ILE A 26 -9.40 4.83 -3.01
N THR A 27 -10.71 4.78 -2.90
CA THR A 27 -11.56 5.12 -4.02
C THR A 27 -11.61 6.64 -4.20
N GLU A 28 -11.39 7.32 -3.11
CA GLU A 28 -11.31 8.76 -3.08
C GLU A 28 -10.00 9.26 -3.69
N LEU A 29 -8.93 8.55 -3.37
CA LEU A 29 -7.58 8.98 -3.66
C LEU A 29 -7.01 8.38 -4.93
N ILE A 30 -7.50 7.21 -5.28
CA ILE A 30 -7.04 6.52 -6.47
C ILE A 30 -8.22 6.21 -7.36
N GLY A 31 -9.32 5.89 -6.71
CA GLY A 31 -10.51 5.55 -7.43
C GLY A 31 -10.79 4.07 -7.43
N TYR A 32 -9.92 3.28 -6.80
CA TYR A 32 -10.14 1.86 -6.70
C TYR A 32 -11.05 1.55 -5.55
N HIS A 33 -11.96 0.62 -5.75
CA HIS A 33 -12.73 0.11 -4.65
C HIS A 33 -11.82 -0.81 -3.87
N PRO A 34 -11.87 -0.78 -2.54
CA PRO A 34 -11.05 -1.65 -1.72
C PRO A 34 -11.14 -3.09 -2.21
N GLU A 35 -12.37 -3.52 -2.43
CA GLU A 35 -12.67 -4.88 -2.85
C GLU A 35 -12.19 -5.19 -4.27
N GLU A 36 -11.98 -4.17 -5.10
CA GLU A 36 -11.53 -4.37 -6.46
C GLU A 36 -10.10 -4.84 -6.44
N LEU A 37 -9.44 -4.49 -5.38
CA LEU A 37 -8.03 -4.74 -5.21
C LEU A 37 -7.85 -6.05 -4.46
N LEU A 38 -8.84 -6.37 -3.65
CA LEU A 38 -8.80 -7.56 -2.81
C LEU A 38 -8.86 -8.81 -3.67
N GLY A 39 -7.71 -9.45 -3.83
CA GLY A 39 -7.62 -10.61 -4.66
C GLY A 39 -6.63 -10.41 -5.78
N ARG A 40 -5.95 -9.27 -5.75
CA ARG A 40 -4.93 -8.98 -6.72
C ARG A 40 -3.69 -8.47 -6.00
N SER A 41 -2.73 -7.96 -6.76
CA SER A 41 -1.45 -7.57 -6.21
C SER A 41 -1.29 -6.06 -6.27
N ALA A 42 -0.63 -5.51 -5.25
CA ALA A 42 -0.38 -4.07 -5.20
C ALA A 42 0.68 -3.67 -6.23
N SER A 43 1.58 -4.61 -6.51
CA SER A 43 2.67 -4.38 -7.45
C SER A 43 2.14 -4.08 -8.85
N GLU A 44 0.86 -4.35 -9.05
CA GLU A 44 0.23 -4.13 -10.33
C GLU A 44 0.04 -2.65 -10.62
N PHE A 45 -0.13 -1.85 -9.57
CA PHE A 45 -0.31 -0.42 -9.75
C PHE A 45 0.95 0.34 -9.35
N TRP A 46 1.92 -0.39 -8.83
CA TRP A 46 3.20 0.18 -8.49
C TRP A 46 3.90 0.66 -9.76
N HIS A 47 4.31 1.91 -9.77
CA HIS A 47 5.09 2.47 -10.87
C HIS A 47 6.23 1.51 -11.22
N ALA A 48 6.28 1.07 -12.48
CA ALA A 48 7.21 0.03 -12.92
C ALA A 48 8.61 0.20 -12.37
N LEU A 49 9.14 1.40 -12.51
CA LEU A 49 10.52 1.68 -12.17
C LEU A 49 10.74 1.73 -10.66
N ASP A 50 9.68 1.50 -9.91
CA ASP A 50 9.76 1.52 -8.45
C ASP A 50 9.26 0.22 -7.86
N SER A 51 8.48 -0.52 -8.65
CA SER A 51 7.81 -1.72 -8.17
C SER A 51 8.81 -2.74 -7.63
N GLU A 52 9.99 -2.80 -8.23
CA GLU A 52 11.01 -3.74 -7.82
C GLU A 52 11.52 -3.39 -6.42
N ASN A 53 11.99 -2.17 -6.28
CA ASN A 53 12.48 -1.67 -5.00
C ASN A 53 11.39 -1.76 -3.94
N MET A 54 10.16 -1.47 -4.36
CA MET A 54 8.99 -1.56 -3.51
C MET A 54 8.81 -2.97 -2.97
N THR A 55 9.09 -3.95 -3.83
CA THR A 55 9.02 -5.34 -3.44
C THR A 55 10.07 -5.65 -2.36
N LYS A 56 11.26 -5.09 -2.55
CA LYS A 56 12.35 -5.24 -1.58
C LYS A 56 11.97 -4.66 -0.22
N SER A 57 11.07 -3.68 -0.21
CA SER A 57 10.57 -3.14 1.05
C SER A 57 9.87 -4.23 1.86
N HIS A 58 9.08 -5.06 1.20
CA HIS A 58 8.46 -6.21 1.86
C HIS A 58 9.55 -7.19 2.30
N GLN A 59 10.62 -7.23 1.54
CA GLN A 59 11.76 -8.06 1.85
C GLN A 59 12.47 -7.49 3.08
N ASN A 60 12.51 -6.16 3.15
CA ASN A 60 13.07 -5.43 4.28
C ASN A 60 12.11 -5.40 5.47
N LEU A 61 10.94 -6.02 5.32
CA LEU A 61 9.90 -5.98 6.34
C LEU A 61 10.28 -6.83 7.56
N CYS A 62 11.19 -6.29 8.35
CA CYS A 62 11.64 -6.93 9.58
C CYS A 62 12.61 -6.00 10.32
N THR A 63 13.15 -5.04 9.59
CA THR A 63 14.15 -4.10 10.14
C THR A 63 13.67 -3.45 11.44
N LYS A 64 12.63 -2.64 11.34
CA LYS A 64 12.10 -1.92 12.49
C LYS A 64 10.96 -2.70 13.13
N GLY A 65 10.81 -3.94 12.69
CA GLY A 65 9.59 -4.68 12.99
C GLY A 65 8.52 -4.31 11.98
N GLN A 66 8.91 -3.39 11.12
CA GLN A 66 8.07 -2.87 10.07
C GLN A 66 8.98 -2.30 8.99
N VAL A 67 8.40 -1.82 7.91
CA VAL A 67 9.17 -1.21 6.85
C VAL A 67 8.38 -0.06 6.22
N VAL A 68 9.08 0.96 5.80
CA VAL A 68 8.46 2.07 5.11
C VAL A 68 9.11 2.19 3.73
N SER A 69 8.29 2.02 2.70
CA SER A 69 8.79 1.77 1.36
C SER A 69 9.42 2.99 0.70
N GLY A 70 8.75 4.11 0.76
CA GLY A 70 9.20 5.30 0.09
C GLY A 70 8.14 5.82 -0.86
N GLN A 71 7.98 7.14 -0.89
CA GLN A 71 6.96 7.76 -1.72
C GLN A 71 7.07 7.31 -3.17
N TYR A 72 6.08 6.55 -3.59
CA TYR A 72 6.03 6.04 -4.94
C TYR A 72 4.74 6.47 -5.60
N ARG A 73 4.69 6.35 -6.92
CA ARG A 73 3.51 6.65 -7.67
C ARG A 73 2.68 5.38 -7.85
N MET A 74 1.41 5.46 -7.49
CA MET A 74 0.52 4.33 -7.65
C MET A 74 -0.44 4.61 -8.79
N LEU A 75 -0.70 3.60 -9.58
CA LEU A 75 -1.62 3.73 -10.70
C LEU A 75 -3.01 4.06 -10.20
N ALA A 76 -3.66 4.93 -10.93
CA ALA A 76 -5.00 5.35 -10.58
C ALA A 76 -6.02 4.55 -11.36
N LYS A 77 -7.25 4.48 -10.83
CA LYS A 77 -8.28 3.61 -11.37
C LYS A 77 -8.40 3.72 -12.88
N HIS A 78 -8.39 4.95 -13.38
CA HIS A 78 -8.73 5.20 -14.77
C HIS A 78 -7.48 5.51 -15.59
N GLY A 79 -6.35 5.03 -15.11
CA GLY A 79 -5.13 5.04 -15.91
C GLY A 79 -4.26 6.27 -15.71
N GLY A 80 -4.49 7.00 -14.64
CA GLY A 80 -3.60 8.06 -14.29
C GLY A 80 -2.56 7.58 -13.32
N TYR A 81 -2.38 8.32 -12.26
CA TYR A 81 -1.43 8.00 -11.21
C TYR A 81 -1.80 8.75 -9.96
N VAL A 82 -1.07 8.50 -8.90
CA VAL A 82 -1.30 9.17 -7.65
C VAL A 82 -0.08 9.06 -6.73
N TRP A 83 -0.01 9.91 -5.72
CA TRP A 83 1.11 9.94 -4.80
C TRP A 83 0.69 9.44 -3.44
N LEU A 84 1.26 8.35 -2.98
CA LEU A 84 1.10 7.92 -1.58
C LEU A 84 2.30 7.11 -1.12
N GLU A 85 2.54 7.14 0.18
CA GLU A 85 3.59 6.36 0.79
C GLU A 85 2.97 5.15 1.48
N THR A 86 3.58 3.98 1.31
CA THR A 86 3.07 2.78 1.91
C THR A 86 3.99 2.30 3.02
N GLN A 87 3.51 2.45 4.23
CA GLN A 87 4.18 1.94 5.40
C GLN A 87 3.62 0.58 5.73
N MET A 88 4.48 -0.40 5.85
CA MET A 88 4.05 -1.75 6.12
C MET A 88 4.59 -2.24 7.44
N THR A 89 3.73 -2.93 8.14
CA THR A 89 4.03 -3.42 9.48
C THR A 89 3.69 -4.90 9.56
N VAL A 90 4.52 -5.67 10.24
CA VAL A 90 4.27 -7.08 10.37
C VAL A 90 3.15 -7.32 11.37
N ILE A 91 2.10 -7.97 10.94
CA ILE A 91 1.07 -8.38 11.85
C ILE A 91 1.22 -9.86 12.14
N TYR A 92 1.74 -10.14 13.30
CA TYR A 92 2.01 -11.49 13.74
C TYR A 92 0.72 -12.14 14.21
N ASN A 93 0.68 -13.46 14.12
CA ASN A 93 -0.48 -14.22 14.56
C ASN A 93 -0.32 -14.55 16.04
N PRO A 94 -1.17 -13.98 16.91
CA PRO A 94 -1.06 -14.12 18.37
C PRO A 94 -0.84 -15.56 18.86
N ARG A 95 -1.20 -16.53 18.02
CA ARG A 95 -1.07 -17.92 18.37
C ARG A 95 0.39 -18.41 18.32
N ASN A 96 1.13 -17.99 17.31
CA ASN A 96 2.49 -18.48 17.11
C ASN A 96 3.49 -17.33 17.01
N LEU A 97 2.92 -16.13 16.89
CA LEU A 97 3.68 -14.90 16.72
C LEU A 97 4.54 -14.95 15.48
N GLN A 98 3.94 -15.42 14.39
CA GLN A 98 4.60 -15.52 13.11
C GLN A 98 4.04 -14.49 12.15
N PRO A 99 4.94 -13.79 11.45
CA PRO A 99 4.61 -12.89 10.34
C PRO A 99 3.74 -13.55 9.28
N GLN A 100 2.43 -13.31 9.35
CA GLN A 100 1.49 -13.89 8.40
C GLN A 100 0.80 -12.80 7.59
N CYS A 101 0.37 -11.79 8.30
CA CYS A 101 -0.36 -10.69 7.71
C CYS A 101 0.42 -9.38 7.82
N ILE A 102 0.05 -8.40 7.01
CA ILE A 102 0.74 -7.12 7.01
C ILE A 102 -0.23 -5.97 7.26
N MET A 103 0.19 -5.06 8.13
CA MET A 103 -0.55 -3.84 8.37
C MET A 103 0.07 -2.74 7.52
N ALA A 104 -0.63 -2.36 6.47
CA ALA A 104 -0.10 -1.39 5.53
C ALA A 104 -0.87 -0.08 5.61
N VAL A 105 -0.13 0.98 5.82
CA VAL A 105 -0.68 2.29 5.92
C VAL A 105 -0.29 3.10 4.69
N ASN A 106 -1.28 3.44 3.89
CA ASN A 106 -1.04 4.24 2.70
C ASN A 106 -1.56 5.63 2.93
N TYR A 107 -0.80 6.62 2.53
CA TYR A 107 -1.26 7.99 2.64
C TYR A 107 -0.70 8.82 1.52
N VAL A 108 -1.56 9.64 0.95
CA VAL A 108 -1.26 10.27 -0.31
C VAL A 108 -0.65 11.65 -0.12
N LEU A 109 0.40 11.89 -0.89
CA LEU A 109 1.07 13.18 -0.90
C LEU A 109 0.34 14.10 -1.86
N SER A 110 -0.34 13.50 -2.83
CA SER A 110 -1.09 14.24 -3.82
C SER A 110 -2.15 13.33 -4.42
N GLU A 111 -3.19 13.95 -4.92
CA GLU A 111 -4.28 13.21 -5.56
C GLU A 111 -3.87 12.74 -6.95
N ILE A 112 -4.81 12.18 -7.68
CA ILE A 112 -4.52 11.63 -9.00
C ILE A 112 -3.85 12.64 -9.92
N GLU A 113 -3.00 12.10 -10.78
CA GLU A 113 -2.35 12.89 -11.80
C GLU A 113 -3.03 12.65 -13.13
N LYS A 114 -3.86 13.61 -13.52
CA LYS A 114 -4.68 13.48 -14.69
C LYS A 114 -4.12 14.31 -15.82
N GLY A 1 0.65 12.61 4.75
CA GLY A 1 0.27 13.10 3.41
C GLY A 1 0.59 14.57 3.23
N GLU A 2 1.28 14.91 2.14
CA GLU A 2 1.70 16.28 1.87
C GLU A 2 0.55 17.10 1.30
N PHE A 3 -0.48 17.31 2.12
CA PHE A 3 -1.65 18.09 1.73
C PHE A 3 -2.56 18.26 2.93
N LEU A 4 -2.92 17.13 3.51
CA LEU A 4 -3.72 17.08 4.73
C LEU A 4 -3.75 15.65 5.25
N ASP A 5 -4.00 15.53 6.56
CA ASP A 5 -3.84 14.26 7.28
C ASP A 5 -4.88 13.23 6.87
N SER A 6 -6.03 13.69 6.40
CA SER A 6 -7.10 12.78 6.01
C SER A 6 -6.75 12.01 4.73
N LYS A 7 -5.61 12.35 4.13
CA LYS A 7 -5.12 11.62 2.97
C LYS A 7 -4.38 10.39 3.40
N THR A 8 -5.13 9.44 3.88
CA THR A 8 -4.59 8.18 4.33
C THR A 8 -5.63 7.08 4.15
N PHE A 9 -5.17 5.89 3.81
CA PHE A 9 -6.05 4.74 3.69
C PHE A 9 -5.32 3.47 4.10
N LEU A 10 -5.86 2.84 5.12
CA LEU A 10 -5.31 1.60 5.63
C LEU A 10 -5.53 0.46 4.66
N SER A 11 -4.61 -0.48 4.64
CA SER A 11 -4.79 -1.69 3.84
C SER A 11 -4.02 -2.83 4.46
N ARG A 12 -4.29 -4.05 4.02
CA ARG A 12 -3.56 -5.20 4.49
C ARG A 12 -3.11 -6.04 3.30
N PHE A 13 -1.99 -6.70 3.47
CA PHE A 13 -1.39 -7.48 2.40
C PHE A 13 -1.02 -8.87 2.88
N SER A 14 -0.88 -9.77 1.92
CA SER A 14 -0.24 -11.04 2.16
C SER A 14 1.24 -10.88 1.82
N MET A 15 2.06 -11.87 2.17
CA MET A 15 3.47 -11.84 1.81
C MET A 15 3.70 -12.01 0.30
N ASP A 16 2.63 -11.87 -0.47
CA ASP A 16 2.71 -11.83 -1.92
C ASP A 16 2.48 -10.40 -2.40
N MET A 17 2.23 -9.50 -1.43
CA MET A 17 1.86 -8.12 -1.70
C MET A 17 0.51 -8.09 -2.42
N LYS A 18 -0.37 -8.96 -1.95
CA LYS A 18 -1.72 -9.03 -2.49
C LYS A 18 -2.70 -8.40 -1.51
N PHE A 19 -3.71 -7.77 -2.07
CA PHE A 19 -4.71 -7.05 -1.30
C PHE A 19 -5.68 -7.99 -0.62
N THR A 20 -5.75 -7.87 0.70
CA THR A 20 -6.73 -8.60 1.49
C THR A 20 -7.66 -7.61 2.15
N TYR A 21 -7.17 -6.39 2.31
CA TYR A 21 -7.98 -5.28 2.81
C TYR A 21 -7.47 -3.96 2.24
N CYS A 22 -8.40 -3.05 2.00
CA CYS A 22 -8.08 -1.67 1.72
C CYS A 22 -9.21 -0.80 2.24
N ASP A 23 -8.88 0.37 2.72
CA ASP A 23 -9.86 1.28 3.29
C ASP A 23 -10.48 2.14 2.22
N ASP A 24 -11.73 2.52 2.46
CA ASP A 24 -12.60 3.13 1.46
C ASP A 24 -11.99 4.39 0.85
N ARG A 25 -11.10 5.04 1.60
CA ARG A 25 -10.39 6.23 1.12
C ARG A 25 -9.71 6.00 -0.23
N ILE A 26 -9.32 4.75 -0.48
CA ILE A 26 -8.69 4.38 -1.74
C ILE A 26 -9.48 4.88 -2.94
N THR A 27 -10.79 4.90 -2.82
CA THR A 27 -11.65 5.28 -3.93
C THR A 27 -11.63 6.79 -4.14
N GLU A 28 -11.39 7.50 -3.05
CA GLU A 28 -11.22 8.94 -3.09
C GLU A 28 -9.90 9.31 -3.75
N LEU A 29 -8.87 8.56 -3.40
CA LEU A 29 -7.50 8.94 -3.67
C LEU A 29 -6.96 8.31 -4.93
N ILE A 30 -7.48 7.15 -5.27
CA ILE A 30 -7.06 6.44 -6.47
C ILE A 30 -8.26 6.16 -7.34
N GLY A 31 -9.37 5.93 -6.69
CA GLY A 31 -10.57 5.65 -7.40
C GLY A 31 -10.95 4.19 -7.36
N TYR A 32 -10.07 3.35 -6.83
CA TYR A 32 -10.39 1.94 -6.75
C TYR A 32 -11.30 1.68 -5.59
N HIS A 33 -12.12 0.67 -5.73
CA HIS A 33 -12.85 0.18 -4.59
C HIS A 33 -11.90 -0.73 -3.86
N PRO A 34 -11.91 -0.71 -2.54
CA PRO A 34 -11.08 -1.61 -1.76
C PRO A 34 -11.15 -3.03 -2.30
N GLU A 35 -12.38 -3.44 -2.58
CA GLU A 35 -12.67 -4.78 -3.07
C GLU A 35 -12.18 -5.03 -4.50
N GLU A 36 -11.93 -3.98 -5.29
CA GLU A 36 -11.42 -4.17 -6.64
C GLU A 36 -10.04 -4.73 -6.59
N LEU A 37 -9.39 -4.41 -5.49
CA LEU A 37 -8.00 -4.70 -5.31
C LEU A 37 -7.84 -6.00 -4.56
N LEU A 38 -8.84 -6.31 -3.77
CA LEU A 38 -8.80 -7.48 -2.91
C LEU A 38 -8.77 -8.75 -3.74
N GLY A 39 -7.61 -9.37 -3.79
CA GLY A 39 -7.42 -10.57 -4.58
C GLY A 39 -6.34 -10.37 -5.62
N ARG A 40 -5.85 -9.15 -5.72
CA ARG A 40 -4.81 -8.83 -6.68
C ARG A 40 -3.60 -8.26 -5.94
N SER A 41 -2.66 -7.68 -6.67
CA SER A 41 -1.40 -7.26 -6.06
C SER A 41 -1.16 -5.77 -6.25
N ALA A 42 -0.57 -5.15 -5.24
CA ALA A 42 -0.21 -3.74 -5.29
C ALA A 42 0.93 -3.50 -6.24
N SER A 43 1.76 -4.53 -6.43
CA SER A 43 2.89 -4.46 -7.34
C SER A 43 2.42 -4.14 -8.76
N GLU A 44 1.13 -4.36 -9.00
CA GLU A 44 0.54 -4.13 -10.30
C GLU A 44 0.37 -2.64 -10.57
N PHE A 45 0.07 -1.86 -9.54
CA PHE A 45 -0.17 -0.45 -9.71
C PHE A 45 1.06 0.37 -9.34
N TRP A 46 2.06 -0.27 -8.74
CA TRP A 46 3.29 0.41 -8.43
C TRP A 46 3.94 0.96 -9.69
N HIS A 47 4.42 2.19 -9.60
CA HIS A 47 5.22 2.79 -10.66
C HIS A 47 6.37 1.85 -11.01
N ALA A 48 6.35 1.37 -12.25
CA ALA A 48 7.19 0.26 -12.69
C ALA A 48 8.66 0.50 -12.43
N LEU A 49 9.09 1.73 -12.65
CA LEU A 49 10.50 2.07 -12.54
C LEU A 49 10.94 2.17 -11.09
N ASP A 50 10.00 1.94 -10.18
CA ASP A 50 10.27 1.99 -8.75
C ASP A 50 9.71 0.75 -8.05
N SER A 51 8.96 -0.05 -8.80
CA SER A 51 8.29 -1.22 -8.25
C SER A 51 9.32 -2.23 -7.74
N GLU A 52 10.47 -2.30 -8.40
CA GLU A 52 11.53 -3.18 -7.97
C GLU A 52 12.02 -2.78 -6.59
N ASN A 53 12.37 -1.51 -6.47
CA ASN A 53 12.80 -0.93 -5.20
C ASN A 53 11.74 -1.16 -4.12
N MET A 54 10.51 -0.89 -4.49
CA MET A 54 9.35 -1.11 -3.63
C MET A 54 9.30 -2.56 -3.14
N THR A 55 9.63 -3.48 -4.04
CA THR A 55 9.63 -4.90 -3.70
C THR A 55 10.65 -5.21 -2.60
N LYS A 56 11.85 -4.64 -2.73
CA LYS A 56 12.92 -4.85 -1.74
C LYS A 56 12.48 -4.32 -0.37
N SER A 57 11.62 -3.31 -0.36
CA SER A 57 11.11 -2.77 0.90
C SER A 57 10.35 -3.86 1.64
N HIS A 58 9.50 -4.59 0.94
CA HIS A 58 8.79 -5.73 1.52
C HIS A 58 9.78 -6.84 1.87
N GLN A 59 10.87 -6.90 1.12
CA GLN A 59 11.90 -7.89 1.35
C GLN A 59 12.68 -7.57 2.62
N ASN A 60 12.72 -6.29 2.95
CA ASN A 60 13.50 -5.78 4.08
C ASN A 60 12.82 -6.11 5.41
N LEU A 61 12.01 -5.17 5.91
CA LEU A 61 11.38 -5.29 7.23
C LEU A 61 12.38 -5.63 8.34
N CYS A 62 13.64 -5.31 8.11
CA CYS A 62 14.70 -5.66 9.06
C CYS A 62 15.38 -4.42 9.60
N THR A 63 15.44 -3.36 8.78
CA THR A 63 16.09 -2.11 9.15
C THR A 63 15.60 -1.60 10.51
N LYS A 64 14.31 -1.35 10.62
CA LYS A 64 13.74 -0.81 11.85
C LYS A 64 12.93 -1.87 12.55
N GLY A 65 13.01 -3.09 12.04
CA GLY A 65 12.09 -4.12 12.49
C GLY A 65 10.78 -4.00 11.75
N GLN A 66 10.75 -3.02 10.86
CA GLN A 66 9.58 -2.65 10.09
C GLN A 66 10.09 -1.97 8.84
N VAL A 67 9.21 -1.61 7.92
CA VAL A 67 9.66 -0.93 6.72
C VAL A 67 8.66 0.14 6.29
N VAL A 68 9.18 1.30 5.93
CA VAL A 68 8.38 2.35 5.34
C VAL A 68 9.03 2.79 4.05
N SER A 69 8.49 2.30 2.94
CA SER A 69 9.07 2.56 1.64
C SER A 69 8.92 4.03 1.28
N GLY A 70 9.87 4.55 0.50
CA GLY A 70 9.79 5.92 0.06
C GLY A 70 8.54 6.18 -0.74
N GLN A 71 7.99 7.38 -0.64
CA GLN A 71 6.74 7.72 -1.27
C GLN A 71 6.81 7.49 -2.77
N TYR A 72 5.86 6.73 -3.28
CA TYR A 72 5.89 6.30 -4.66
C TYR A 72 4.60 6.69 -5.37
N ARG A 73 4.58 6.42 -6.67
CA ARG A 73 3.39 6.68 -7.45
C ARG A 73 2.64 5.38 -7.69
N MET A 74 1.35 5.42 -7.47
CA MET A 74 0.50 4.26 -7.65
C MET A 74 -0.47 4.51 -8.79
N LEU A 75 -0.76 3.49 -9.56
CA LEU A 75 -1.68 3.59 -10.66
C LEU A 75 -3.07 3.92 -10.17
N ALA A 76 -3.72 4.77 -10.92
CA ALA A 76 -5.06 5.20 -10.57
C ALA A 76 -6.08 4.38 -11.34
N LYS A 77 -7.32 4.33 -10.85
CA LYS A 77 -8.34 3.49 -11.45
C LYS A 77 -8.45 3.72 -12.95
N HIS A 78 -8.47 4.99 -13.32
CA HIS A 78 -8.78 5.36 -14.68
C HIS A 78 -7.51 5.60 -15.49
N GLY A 79 -6.44 4.91 -15.09
CA GLY A 79 -5.23 4.87 -15.89
C GLY A 79 -4.32 6.05 -15.72
N GLY A 80 -4.57 6.85 -14.70
CA GLY A 80 -3.66 7.90 -14.38
C GLY A 80 -2.63 7.42 -13.39
N TYR A 81 -2.45 8.18 -12.35
CA TYR A 81 -1.52 7.86 -11.30
C TYR A 81 -1.89 8.63 -10.06
N VAL A 82 -1.20 8.35 -8.98
CA VAL A 82 -1.43 9.02 -7.73
C VAL A 82 -0.22 8.86 -6.83
N TRP A 83 -0.13 9.68 -5.80
CA TRP A 83 1.02 9.65 -4.91
C TRP A 83 0.61 9.25 -3.51
N LEU A 84 1.13 8.13 -3.04
CA LEU A 84 0.99 7.75 -1.64
C LEU A 84 2.20 6.94 -1.19
N GLU A 85 2.47 7.00 0.10
CA GLU A 85 3.58 6.28 0.69
C GLU A 85 3.04 5.16 1.58
N THR A 86 3.67 4.00 1.51
CA THR A 86 3.15 2.83 2.19
C THR A 86 4.05 2.38 3.34
N GLN A 87 3.49 2.40 4.54
CA GLN A 87 4.15 1.84 5.71
C GLN A 87 3.70 0.40 5.89
N MET A 88 4.63 -0.52 5.86
CA MET A 88 4.30 -1.92 5.96
C MET A 88 4.78 -2.51 7.28
N THR A 89 3.87 -3.24 7.89
CA THR A 89 4.08 -3.82 9.19
C THR A 89 3.81 -5.32 9.12
N VAL A 90 4.76 -6.14 9.50
CA VAL A 90 4.53 -7.57 9.48
C VAL A 90 3.57 -7.94 10.61
N ILE A 91 2.45 -8.52 10.24
CA ILE A 91 1.57 -9.08 11.22
C ILE A 91 1.80 -10.58 11.28
N TYR A 92 2.46 -10.99 12.33
CA TYR A 92 2.85 -12.38 12.51
C TYR A 92 1.68 -13.21 13.00
N ASN A 93 1.78 -14.52 12.82
CA ASN A 93 0.80 -15.45 13.33
C ASN A 93 1.12 -15.76 14.79
N PRO A 94 0.28 -15.30 15.73
CA PRO A 94 0.55 -15.39 17.18
C PRO A 94 1.02 -16.77 17.67
N ARG A 95 0.73 -17.81 16.91
CA ARG A 95 1.06 -19.17 17.30
C ARG A 95 2.52 -19.53 17.02
N ASN A 96 3.04 -19.10 15.88
CA ASN A 96 4.39 -19.49 15.48
C ASN A 96 5.24 -18.26 15.22
N LEU A 97 4.58 -17.11 15.26
CA LEU A 97 5.18 -15.82 15.00
C LEU A 97 5.83 -15.77 13.63
N GLN A 98 5.13 -16.33 12.68
CA GLN A 98 5.55 -16.33 11.29
C GLN A 98 4.78 -15.27 10.51
N PRO A 99 5.51 -14.39 9.83
CA PRO A 99 4.95 -13.36 8.94
C PRO A 99 3.87 -13.91 8.00
N GLN A 100 2.61 -13.61 8.28
CA GLN A 100 1.52 -14.10 7.47
C GLN A 100 0.78 -12.97 6.76
N CYS A 101 0.55 -11.87 7.45
CA CYS A 101 -0.14 -10.72 6.88
C CYS A 101 0.70 -9.47 7.07
N ILE A 102 0.31 -8.40 6.40
CA ILE A 102 0.99 -7.12 6.52
C ILE A 102 0.00 -6.02 6.85
N MET A 103 0.31 -5.26 7.87
CA MET A 103 -0.45 -4.09 8.23
C MET A 103 0.12 -2.90 7.46
N ALA A 104 -0.61 -2.44 6.47
CA ALA A 104 -0.09 -1.41 5.58
C ALA A 104 -0.86 -0.12 5.71
N VAL A 105 -0.11 0.93 5.98
CA VAL A 105 -0.66 2.26 6.06
C VAL A 105 -0.28 3.05 4.82
N ASN A 106 -1.26 3.40 4.02
CA ASN A 106 -1.03 4.15 2.81
C ASN A 106 -1.53 5.57 3.00
N TYR A 107 -0.76 6.53 2.58
CA TYR A 107 -1.18 7.92 2.66
C TYR A 107 -0.65 8.71 1.51
N VAL A 108 -1.50 9.54 0.95
CA VAL A 108 -1.25 10.15 -0.33
C VAL A 108 -0.61 11.52 -0.19
N LEU A 109 0.42 11.73 -0.99
CA LEU A 109 1.09 13.01 -1.06
C LEU A 109 0.32 13.92 -2.00
N SER A 110 -0.31 13.31 -3.00
CA SER A 110 -1.07 14.04 -3.99
C SER A 110 -2.12 13.11 -4.59
N GLU A 111 -3.19 13.70 -5.05
CA GLU A 111 -4.26 12.94 -5.69
C GLU A 111 -3.89 12.61 -7.13
N ILE A 112 -4.84 12.04 -7.85
CA ILE A 112 -4.58 11.51 -9.17
C ILE A 112 -4.01 12.54 -10.14
N GLU A 113 -3.17 12.04 -11.02
CA GLU A 113 -2.66 12.80 -12.14
C GLU A 113 -3.15 12.16 -13.41
N LYS A 114 -4.02 12.87 -14.11
CA LYS A 114 -4.68 12.33 -15.30
C LYS A 114 -4.11 12.93 -16.57
N GLY A 1 1.12 17.09 0.51
CA GLY A 1 -0.20 17.71 0.74
C GLY A 1 -0.71 17.44 2.14
N GLU A 2 -0.07 18.05 3.12
CA GLU A 2 -0.39 17.79 4.52
C GLU A 2 -1.43 18.77 5.04
N PHE A 3 -2.34 19.19 4.17
CA PHE A 3 -3.39 20.14 4.54
C PHE A 3 -4.46 19.46 5.39
N LEU A 4 -4.44 18.13 5.38
CA LEU A 4 -5.30 17.34 6.26
C LEU A 4 -4.82 15.90 6.30
N ASP A 5 -5.01 15.27 7.46
CA ASP A 5 -4.56 13.91 7.71
C ASP A 5 -5.49 12.88 7.05
N SER A 6 -6.64 13.34 6.59
CA SER A 6 -7.66 12.44 6.05
C SER A 6 -7.22 11.77 4.75
N LYS A 7 -6.08 12.18 4.21
CA LYS A 7 -5.57 11.55 2.99
C LYS A 7 -4.72 10.35 3.33
N THR A 8 -5.37 9.34 3.81
CA THR A 8 -4.72 8.11 4.19
C THR A 8 -5.69 6.96 4.05
N PHE A 9 -5.19 5.80 3.65
CA PHE A 9 -6.03 4.63 3.51
C PHE A 9 -5.29 3.37 3.89
N LEU A 10 -5.85 2.69 4.87
CA LEU A 10 -5.30 1.47 5.39
C LEU A 10 -5.45 0.33 4.39
N SER A 11 -4.58 -0.65 4.50
CA SER A 11 -4.66 -1.83 3.68
C SER A 11 -3.96 -2.99 4.38
N ARG A 12 -4.29 -4.19 3.98
CA ARG A 12 -3.60 -5.36 4.50
C ARG A 12 -3.26 -6.30 3.36
N PHE A 13 -2.12 -6.94 3.45
CA PHE A 13 -1.67 -7.84 2.42
C PHE A 13 -1.44 -9.22 2.98
N SER A 14 -1.53 -10.22 2.11
CA SER A 14 -1.04 -11.53 2.44
C SER A 14 0.47 -11.53 2.24
N MET A 15 1.15 -12.63 2.52
CA MET A 15 2.61 -12.65 2.44
C MET A 15 3.11 -12.32 1.03
N ASP A 16 2.29 -12.58 0.03
CA ASP A 16 2.69 -12.34 -1.37
C ASP A 16 2.20 -10.98 -1.84
N MET A 17 1.85 -10.10 -0.90
CA MET A 17 1.47 -8.73 -1.19
C MET A 17 0.17 -8.68 -1.99
N LYS A 18 -0.74 -9.59 -1.66
CA LYS A 18 -2.08 -9.57 -2.20
C LYS A 18 -3.01 -8.81 -1.26
N PHE A 19 -3.88 -8.03 -1.84
CA PHE A 19 -4.83 -7.20 -1.09
C PHE A 19 -5.84 -8.06 -0.36
N THR A 20 -5.84 -7.98 0.95
CA THR A 20 -6.84 -8.64 1.77
C THR A 20 -7.77 -7.60 2.39
N TYR A 21 -7.24 -6.40 2.53
CA TYR A 21 -8.01 -5.27 3.02
C TYR A 21 -7.51 -3.97 2.41
N CYS A 22 -8.44 -3.06 2.18
CA CYS A 22 -8.14 -1.69 1.86
C CYS A 22 -9.29 -0.82 2.33
N ASP A 23 -8.99 0.36 2.84
CA ASP A 23 -10.01 1.27 3.32
C ASP A 23 -10.53 2.12 2.17
N ASP A 24 -11.78 2.52 2.29
CA ASP A 24 -12.53 3.11 1.18
C ASP A 24 -11.94 4.43 0.70
N ARG A 25 -11.07 5.03 1.51
CA ARG A 25 -10.32 6.23 1.10
C ARG A 25 -9.65 6.02 -0.24
N ILE A 26 -9.24 4.79 -0.51
CA ILE A 26 -8.59 4.44 -1.77
C ILE A 26 -9.37 4.94 -2.98
N THR A 27 -10.69 4.93 -2.88
CA THR A 27 -11.54 5.31 -3.98
C THR A 27 -11.55 6.83 -4.15
N GLU A 28 -11.35 7.53 -3.06
CA GLU A 28 -11.22 8.98 -3.04
C GLU A 28 -9.91 9.41 -3.70
N LEU A 29 -8.88 8.65 -3.43
CA LEU A 29 -7.51 9.05 -3.73
C LEU A 29 -6.99 8.44 -5.00
N ILE A 30 -7.49 7.27 -5.34
CA ILE A 30 -7.06 6.56 -6.54
C ILE A 30 -8.25 6.26 -7.40
N GLY A 31 -9.35 5.95 -6.74
CA GLY A 31 -10.55 5.62 -7.44
C GLY A 31 -10.83 4.13 -7.45
N TYR A 32 -9.96 3.34 -6.84
CA TYR A 32 -10.18 1.92 -6.73
C TYR A 32 -11.10 1.62 -5.59
N HIS A 33 -11.97 0.65 -5.79
CA HIS A 33 -12.73 0.13 -4.68
C HIS A 33 -11.82 -0.82 -3.95
N PRO A 34 -11.83 -0.81 -2.62
CA PRO A 34 -11.01 -1.73 -1.84
C PRO A 34 -11.16 -3.17 -2.38
N GLU A 35 -12.40 -3.59 -2.55
CA GLU A 35 -12.71 -4.92 -3.03
C GLU A 35 -12.12 -5.21 -4.43
N GLU A 36 -11.94 -4.18 -5.25
CA GLU A 36 -11.45 -4.36 -6.60
C GLU A 36 -9.99 -4.78 -6.55
N LEU A 37 -9.40 -4.47 -5.44
CA LEU A 37 -8.00 -4.72 -5.22
C LEU A 37 -7.82 -6.02 -4.46
N LEU A 38 -8.84 -6.35 -3.67
CA LEU A 38 -8.79 -7.52 -2.82
C LEU A 38 -8.72 -8.80 -3.64
N GLY A 39 -7.56 -9.42 -3.61
CA GLY A 39 -7.33 -10.64 -4.35
C GLY A 39 -6.23 -10.45 -5.38
N ARG A 40 -5.75 -9.22 -5.51
CA ARG A 40 -4.72 -8.92 -6.48
C ARG A 40 -3.49 -8.36 -5.77
N SER A 41 -2.54 -7.84 -6.54
CA SER A 41 -1.27 -7.40 -5.99
C SER A 41 -1.15 -5.88 -6.01
N ALA A 42 -0.47 -5.35 -5.00
CA ALA A 42 -0.18 -3.92 -4.94
C ALA A 42 0.77 -3.51 -6.05
N SER A 43 1.78 -4.36 -6.25
CA SER A 43 2.82 -4.13 -7.24
C SER A 43 2.25 -3.84 -8.63
N GLU A 44 1.00 -4.26 -8.86
CA GLU A 44 0.33 -4.02 -10.12
C GLU A 44 0.27 -2.53 -10.46
N PHE A 45 -0.04 -1.72 -9.46
CA PHE A 45 -0.23 -0.30 -9.68
C PHE A 45 1.00 0.48 -9.24
N TRP A 46 2.02 -0.22 -8.76
CA TRP A 46 3.25 0.40 -8.35
C TRP A 46 4.00 0.99 -9.53
N HIS A 47 4.30 2.28 -9.44
CA HIS A 47 5.19 2.93 -10.39
C HIS A 47 6.46 2.11 -10.54
N ALA A 48 6.68 1.62 -11.75
CA ALA A 48 7.68 0.59 -12.03
C ALA A 48 9.08 1.01 -11.61
N LEU A 49 9.37 2.28 -11.80
CA LEU A 49 10.70 2.80 -11.55
C LEU A 49 10.95 2.94 -10.04
N ASP A 50 9.96 2.57 -9.26
CA ASP A 50 10.11 2.50 -7.80
C ASP A 50 9.70 1.14 -7.29
N SER A 51 8.85 0.47 -8.06
CA SER A 51 8.24 -0.81 -7.67
C SER A 51 9.32 -1.83 -7.30
N GLU A 52 10.33 -1.95 -8.15
CA GLU A 52 11.40 -2.90 -7.92
C GLU A 52 12.05 -2.63 -6.57
N ASN A 53 12.52 -1.40 -6.42
CA ASN A 53 13.24 -0.99 -5.23
C ASN A 53 12.40 -1.19 -3.97
N MET A 54 11.14 -0.78 -4.03
CA MET A 54 10.30 -0.84 -2.84
C MET A 54 9.81 -2.26 -2.56
N THR A 55 9.85 -3.12 -3.57
CA THR A 55 9.59 -4.53 -3.34
C THR A 55 10.66 -5.07 -2.38
N LYS A 56 11.89 -4.63 -2.63
CA LYS A 56 13.04 -4.98 -1.80
C LYS A 56 12.91 -4.32 -0.43
N SER A 57 12.20 -3.20 -0.38
CA SER A 57 11.87 -2.57 0.89
C SER A 57 11.13 -3.57 1.78
N HIS A 58 10.08 -4.19 1.25
CA HIS A 58 9.34 -5.19 1.99
C HIS A 58 10.22 -6.41 2.27
N GLN A 59 11.20 -6.62 1.40
CA GLN A 59 12.17 -7.69 1.58
C GLN A 59 13.11 -7.37 2.75
N ASN A 60 13.36 -6.09 2.97
CA ASN A 60 14.27 -5.64 4.02
C ASN A 60 13.69 -5.90 5.41
N LEU A 61 12.92 -4.94 5.92
CA LEU A 61 12.30 -5.03 7.24
C LEU A 61 13.37 -5.20 8.35
N CYS A 62 14.59 -4.80 8.06
CA CYS A 62 15.70 -5.03 8.97
C CYS A 62 16.12 -3.74 9.66
N THR A 63 16.15 -2.64 8.90
CA THR A 63 16.66 -1.36 9.38
C THR A 63 16.01 -0.94 10.71
N LYS A 64 14.72 -0.66 10.69
CA LYS A 64 14.04 -0.14 11.87
C LYS A 64 13.36 -1.26 12.64
N GLY A 65 13.53 -2.48 12.17
CA GLY A 65 12.72 -3.58 12.66
C GLY A 65 11.40 -3.61 11.93
N GLN A 66 11.27 -2.65 11.03
CA GLN A 66 10.12 -2.49 10.18
C GLN A 66 10.62 -1.82 8.90
N VAL A 67 9.79 -1.62 7.91
CA VAL A 67 10.24 -0.97 6.70
C VAL A 67 9.19 -0.01 6.15
N VAL A 68 9.65 1.14 5.69
CA VAL A 68 8.78 2.14 5.07
C VAL A 68 9.43 2.65 3.80
N SER A 69 8.76 2.42 2.67
CA SER A 69 9.26 2.87 1.38
C SER A 69 9.11 4.38 1.25
N GLY A 70 9.83 4.98 0.32
CA GLY A 70 9.69 6.40 0.05
C GLY A 70 8.47 6.70 -0.79
N GLN A 71 8.27 7.96 -1.15
CA GLN A 71 7.12 8.36 -1.95
C GLN A 71 7.13 7.63 -3.28
N TYR A 72 6.10 6.84 -3.52
CA TYR A 72 5.99 6.17 -4.80
C TYR A 72 4.66 6.52 -5.45
N ARG A 73 4.60 6.36 -6.76
CA ARG A 73 3.38 6.64 -7.48
C ARG A 73 2.59 5.36 -7.67
N MET A 74 1.29 5.46 -7.52
CA MET A 74 0.41 4.33 -7.69
C MET A 74 -0.54 4.61 -8.84
N LEU A 75 -0.81 3.59 -9.63
CA LEU A 75 -1.73 3.72 -10.74
C LEU A 75 -3.11 4.07 -10.25
N ALA A 76 -3.78 4.91 -11.01
CA ALA A 76 -5.11 5.35 -10.65
C ALA A 76 -6.15 4.52 -11.38
N LYS A 77 -7.37 4.49 -10.85
CA LYS A 77 -8.43 3.63 -11.37
C LYS A 77 -8.52 3.73 -12.89
N HIS A 78 -8.53 4.96 -13.37
CA HIS A 78 -8.82 5.21 -14.77
C HIS A 78 -7.55 5.48 -15.57
N GLY A 79 -6.45 4.91 -15.10
CA GLY A 79 -5.24 4.89 -15.90
C GLY A 79 -4.36 6.10 -15.72
N GLY A 80 -4.60 6.88 -14.67
CA GLY A 80 -3.71 7.96 -14.36
C GLY A 80 -2.67 7.51 -13.38
N TYR A 81 -2.50 8.30 -12.34
CA TYR A 81 -1.54 8.00 -11.30
C TYR A 81 -1.91 8.77 -10.04
N VAL A 82 -1.20 8.48 -8.98
CA VAL A 82 -1.41 9.14 -7.71
C VAL A 82 -0.18 8.96 -6.83
N TRP A 83 -0.06 9.76 -5.79
CA TRP A 83 1.12 9.74 -4.93
C TRP A 83 0.74 9.34 -3.53
N LEU A 84 1.27 8.21 -3.05
CA LEU A 84 1.13 7.83 -1.65
C LEU A 84 2.34 7.02 -1.19
N GLU A 85 2.65 7.13 0.09
CA GLU A 85 3.75 6.40 0.69
C GLU A 85 3.18 5.31 1.58
N THR A 86 3.73 4.11 1.47
CA THR A 86 3.18 2.96 2.16
C THR A 86 4.10 2.46 3.28
N GLN A 87 3.54 2.39 4.49
CA GLN A 87 4.23 1.80 5.62
C GLN A 87 3.74 0.38 5.81
N MET A 88 4.64 -0.58 5.79
CA MET A 88 4.24 -1.98 5.89
C MET A 88 4.71 -2.60 7.19
N THR A 89 3.86 -3.45 7.72
CA THR A 89 4.06 -4.07 9.01
C THR A 89 3.72 -5.55 8.93
N VAL A 90 4.58 -6.42 9.41
CA VAL A 90 4.24 -7.82 9.49
C VAL A 90 3.37 -8.05 10.71
N ILE A 91 2.18 -8.56 10.50
CA ILE A 91 1.32 -8.89 11.60
C ILE A 91 1.41 -10.37 11.91
N TYR A 92 2.14 -10.66 12.96
CA TYR A 92 2.37 -12.01 13.41
C TYR A 92 1.17 -12.55 14.17
N ASN A 93 1.01 -13.86 14.12
CA ASN A 93 -0.04 -14.53 14.86
C ASN A 93 0.31 -14.56 16.34
N PRO A 94 -0.59 -14.07 17.21
CA PRO A 94 -0.30 -13.87 18.64
C PRO A 94 0.17 -15.14 19.36
N ARG A 95 -0.14 -16.31 18.80
CA ARG A 95 0.16 -17.56 19.47
C ARG A 95 1.58 -18.04 19.24
N ASN A 96 2.01 -18.02 17.99
CA ASN A 96 3.29 -18.61 17.62
C ASN A 96 4.18 -17.57 16.97
N LEU A 97 3.61 -16.39 16.80
CA LEU A 97 4.27 -15.25 16.21
C LEU A 97 4.75 -15.55 14.79
N GLN A 98 3.85 -16.14 14.03
CA GLN A 98 4.09 -16.42 12.63
C GLN A 98 3.33 -15.42 11.76
N PRO A 99 4.07 -14.71 10.88
CA PRO A 99 3.51 -13.75 9.92
C PRO A 99 2.25 -14.25 9.21
N GLN A 100 1.12 -13.62 9.53
CA GLN A 100 -0.15 -13.97 8.91
C GLN A 100 -0.48 -12.98 7.80
N CYS A 101 -0.56 -11.72 8.18
CA CYS A 101 -0.92 -10.67 7.24
C CYS A 101 0.04 -9.49 7.36
N ILE A 102 -0.11 -8.52 6.48
CA ILE A 102 0.71 -7.32 6.52
C ILE A 102 -0.15 -6.08 6.75
N MET A 103 0.19 -5.34 7.78
CA MET A 103 -0.49 -4.10 8.10
C MET A 103 0.13 -2.98 7.29
N ALA A 104 -0.59 -2.51 6.30
CA ALA A 104 -0.04 -1.50 5.40
C ALA A 104 -0.82 -0.20 5.49
N VAL A 105 -0.08 0.87 5.77
CA VAL A 105 -0.64 2.19 5.87
C VAL A 105 -0.26 3.02 4.65
N ASN A 106 -1.24 3.39 3.86
CA ASN A 106 -1.01 4.19 2.68
C ASN A 106 -1.52 5.59 2.91
N TYR A 107 -0.75 6.58 2.52
CA TYR A 107 -1.18 7.96 2.64
C TYR A 107 -0.64 8.76 1.50
N VAL A 108 -1.48 9.60 0.94
CA VAL A 108 -1.19 10.19 -0.34
C VAL A 108 -0.61 11.59 -0.18
N LEU A 109 0.47 11.83 -0.92
CA LEU A 109 1.09 13.13 -0.98
C LEU A 109 0.30 14.02 -1.88
N SER A 110 -0.28 13.42 -2.91
CA SER A 110 -1.03 14.15 -3.91
C SER A 110 -2.07 13.23 -4.53
N GLU A 111 -3.13 13.82 -5.03
CA GLU A 111 -4.20 13.08 -5.66
C GLU A 111 -3.85 12.76 -7.10
N ILE A 112 -4.80 12.18 -7.82
CA ILE A 112 -4.54 11.68 -9.16
C ILE A 112 -3.94 12.72 -10.09
N GLU A 113 -3.05 12.24 -10.93
CA GLU A 113 -2.53 12.99 -12.04
C GLU A 113 -2.94 12.30 -13.33
N LYS A 114 -3.79 12.95 -14.10
CA LYS A 114 -4.30 12.38 -15.33
C LYS A 114 -3.60 13.00 -16.54
N GLY A 1 3.47 11.17 7.31
CA GLY A 1 2.18 11.65 6.76
C GLY A 1 2.37 12.72 5.73
N GLU A 2 2.99 13.83 6.15
CA GLU A 2 3.37 14.93 5.26
C GLU A 2 2.16 15.73 4.77
N PHE A 3 1.24 15.05 4.10
CA PHE A 3 0.05 15.70 3.58
C PHE A 3 -1.04 15.71 4.66
N LEU A 4 -2.18 16.29 4.36
CA LEU A 4 -3.28 16.35 5.32
C LEU A 4 -3.76 14.94 5.70
N ASP A 5 -4.15 14.81 6.96
CA ASP A 5 -4.42 13.50 7.57
C ASP A 5 -5.56 12.75 6.90
N SER A 6 -6.49 13.48 6.29
CA SER A 6 -7.63 12.86 5.65
C SER A 6 -7.24 12.17 4.34
N LYS A 7 -5.97 12.27 3.97
CA LYS A 7 -5.47 11.56 2.81
C LYS A 7 -4.68 10.35 3.23
N THR A 8 -5.40 9.36 3.68
CA THR A 8 -4.79 8.14 4.17
C THR A 8 -5.78 6.99 3.99
N PHE A 9 -5.27 5.81 3.68
CA PHE A 9 -6.11 4.63 3.54
C PHE A 9 -5.36 3.38 3.97
N LEU A 10 -5.97 2.69 4.90
CA LEU A 10 -5.42 1.47 5.46
C LEU A 10 -5.48 0.33 4.46
N SER A 11 -4.58 -0.62 4.61
CA SER A 11 -4.60 -1.83 3.80
C SER A 11 -3.92 -2.96 4.55
N ARG A 12 -4.18 -4.17 4.11
CA ARG A 12 -3.49 -5.34 4.66
C ARG A 12 -3.03 -6.21 3.52
N PHE A 13 -1.79 -6.65 3.60
CA PHE A 13 -1.19 -7.43 2.53
C PHE A 13 -0.74 -8.79 3.04
N SER A 14 -0.62 -9.72 2.11
CA SER A 14 0.04 -10.98 2.39
C SER A 14 1.49 -10.86 1.95
N MET A 15 2.31 -11.89 2.19
CA MET A 15 3.72 -11.81 1.85
C MET A 15 3.93 -11.70 0.33
N ASP A 16 2.90 -12.00 -0.43
CA ASP A 16 2.97 -11.87 -1.88
C ASP A 16 2.51 -10.49 -2.34
N MET A 17 2.30 -9.59 -1.38
CA MET A 17 1.89 -8.22 -1.65
C MET A 17 0.50 -8.17 -2.26
N LYS A 18 -0.32 -9.16 -1.92
CA LYS A 18 -1.70 -9.22 -2.38
C LYS A 18 -2.62 -8.50 -1.41
N PHE A 19 -3.62 -7.85 -1.98
CA PHE A 19 -4.61 -7.09 -1.22
C PHE A 19 -5.56 -8.02 -0.49
N THR A 20 -5.60 -7.87 0.82
CA THR A 20 -6.54 -8.60 1.67
C THR A 20 -7.45 -7.62 2.38
N TYR A 21 -7.01 -6.37 2.46
CA TYR A 21 -7.83 -5.28 2.94
C TYR A 21 -7.34 -3.96 2.37
N CYS A 22 -8.30 -3.08 2.11
CA CYS A 22 -8.04 -1.70 1.80
C CYS A 22 -9.21 -0.86 2.29
N ASP A 23 -8.94 0.32 2.77
CA ASP A 23 -10.00 1.19 3.27
C ASP A 23 -10.55 2.06 2.16
N ASP A 24 -11.82 2.42 2.33
CA ASP A 24 -12.64 3.08 1.30
C ASP A 24 -11.96 4.31 0.70
N ARG A 25 -11.14 4.98 1.50
CA ARG A 25 -10.40 6.17 1.07
C ARG A 25 -9.71 5.95 -0.27
N ILE A 26 -9.28 4.73 -0.53
CA ILE A 26 -8.60 4.39 -1.76
C ILE A 26 -9.38 4.89 -2.99
N THR A 27 -10.69 4.84 -2.91
CA THR A 27 -11.54 5.20 -4.02
C THR A 27 -11.56 6.72 -4.20
N GLU A 28 -11.35 7.40 -3.11
CA GLU A 28 -11.27 8.85 -3.08
C GLU A 28 -9.94 9.33 -3.68
N LEU A 29 -8.90 8.58 -3.42
CA LEU A 29 -7.54 9.01 -3.68
C LEU A 29 -6.97 8.42 -4.96
N ILE A 30 -7.45 7.25 -5.32
CA ILE A 30 -7.00 6.56 -6.53
C ILE A 30 -8.17 6.27 -7.42
N GLY A 31 -9.27 5.95 -6.76
CA GLY A 31 -10.48 5.62 -7.47
C GLY A 31 -10.77 4.13 -7.48
N TYR A 32 -9.91 3.34 -6.86
CA TYR A 32 -10.15 1.92 -6.76
C TYR A 32 -11.06 1.60 -5.61
N HIS A 33 -11.96 0.67 -5.82
CA HIS A 33 -12.71 0.13 -4.70
C HIS A 33 -11.77 -0.79 -3.95
N PRO A 34 -11.81 -0.78 -2.63
CA PRO A 34 -10.98 -1.68 -1.83
C PRO A 34 -11.11 -3.12 -2.36
N GLU A 35 -12.35 -3.54 -2.52
CA GLU A 35 -12.64 -4.89 -2.98
C GLU A 35 -12.13 -5.17 -4.39
N GLU A 36 -11.92 -4.13 -5.20
CA GLU A 36 -11.44 -4.31 -6.55
C GLU A 36 -9.99 -4.74 -6.52
N LEU A 37 -9.37 -4.43 -5.41
CA LEU A 37 -7.99 -4.69 -5.21
C LEU A 37 -7.83 -6.00 -4.45
N LEU A 38 -8.84 -6.29 -3.64
CA LEU A 38 -8.82 -7.49 -2.81
C LEU A 38 -8.88 -8.74 -3.67
N GLY A 39 -7.76 -9.42 -3.76
CA GLY A 39 -7.66 -10.60 -4.60
C GLY A 39 -6.60 -10.41 -5.64
N ARG A 40 -6.02 -9.22 -5.68
CA ARG A 40 -4.96 -8.91 -6.61
C ARG A 40 -3.77 -8.35 -5.86
N SER A 41 -2.83 -7.78 -6.57
CA SER A 41 -1.59 -7.31 -5.95
C SER A 41 -1.43 -5.82 -6.15
N ALA A 42 -0.75 -5.19 -5.19
CA ALA A 42 -0.45 -3.77 -5.26
C ALA A 42 0.65 -3.51 -6.28
N SER A 43 1.48 -4.53 -6.49
CA SER A 43 2.59 -4.44 -7.44
C SER A 43 2.07 -4.13 -8.83
N GLU A 44 0.80 -4.41 -9.04
CA GLU A 44 0.16 -4.20 -10.33
C GLU A 44 0.05 -2.72 -10.65
N PHE A 45 -0.16 -1.89 -9.64
CA PHE A 45 -0.37 -0.48 -9.86
C PHE A 45 0.85 0.34 -9.47
N TRP A 46 1.88 -0.32 -8.99
CA TRP A 46 3.11 0.36 -8.68
C TRP A 46 3.75 0.90 -9.96
N HIS A 47 4.31 2.10 -9.86
CA HIS A 47 5.08 2.68 -10.95
C HIS A 47 6.09 1.66 -11.45
N ALA A 48 5.97 1.28 -12.72
CA ALA A 48 6.67 0.12 -13.28
C ALA A 48 8.16 0.14 -12.98
N LEU A 49 8.79 1.27 -13.26
CA LEU A 49 10.24 1.40 -13.14
C LEU A 49 10.67 1.53 -11.68
N ASP A 50 9.69 1.48 -10.79
CA ASP A 50 9.94 1.63 -9.36
C ASP A 50 9.33 0.47 -8.58
N SER A 51 8.56 -0.37 -9.30
CA SER A 51 7.84 -1.46 -8.67
C SER A 51 8.79 -2.53 -8.14
N GLU A 52 9.92 -2.74 -8.83
CA GLU A 52 10.94 -3.65 -8.36
C GLU A 52 11.52 -3.12 -7.06
N ASN A 53 11.90 -1.85 -7.10
CA ASN A 53 12.41 -1.15 -5.93
C ASN A 53 11.41 -1.27 -4.78
N MET A 54 10.15 -1.00 -5.10
CA MET A 54 9.05 -1.13 -4.15
C MET A 54 8.98 -2.54 -3.56
N THR A 55 9.33 -3.53 -4.37
CA THR A 55 9.33 -4.91 -3.91
C THR A 55 10.39 -5.13 -2.82
N LYS A 56 11.54 -4.48 -3.00
CA LYS A 56 12.63 -4.53 -2.03
C LYS A 56 12.19 -4.01 -0.67
N SER A 57 11.18 -3.14 -0.65
CA SER A 57 10.62 -2.68 0.61
C SER A 57 10.08 -3.87 1.42
N HIS A 58 9.32 -4.75 0.77
CA HIS A 58 8.85 -5.96 1.46
C HIS A 58 10.03 -6.84 1.86
N GLN A 59 11.09 -6.74 1.07
CA GLN A 59 12.32 -7.47 1.34
C GLN A 59 13.02 -6.88 2.57
N ASN A 60 12.98 -5.56 2.67
CA ASN A 60 13.54 -4.84 3.80
C ASN A 60 12.64 -4.98 5.03
N LEU A 61 11.39 -5.32 4.79
CA LEU A 61 10.43 -5.59 5.87
C LEU A 61 10.92 -6.76 6.72
N CYS A 62 11.69 -7.64 6.12
CA CYS A 62 12.28 -8.75 6.84
C CYS A 62 13.63 -8.34 7.41
N THR A 63 14.20 -7.27 6.88
CA THR A 63 15.52 -6.82 7.29
C THR A 63 15.44 -6.06 8.62
N LYS A 64 14.80 -4.90 8.60
CA LYS A 64 14.66 -4.07 9.79
C LYS A 64 13.60 -4.68 10.71
N GLY A 65 12.69 -5.40 10.10
CA GLY A 65 11.55 -5.93 10.82
C GLY A 65 10.33 -5.05 10.66
N GLN A 66 10.54 -3.91 10.03
CA GLN A 66 9.48 -2.97 9.72
C GLN A 66 9.96 -2.13 8.56
N VAL A 67 9.08 -1.74 7.67
CA VAL A 67 9.53 -1.07 6.45
C VAL A 67 8.58 0.03 6.01
N VAL A 68 9.14 1.07 5.45
CA VAL A 68 8.38 2.13 4.82
C VAL A 68 8.88 2.33 3.40
N SER A 69 8.00 2.10 2.43
CA SER A 69 8.40 2.05 1.03
C SER A 69 8.87 3.40 0.51
N GLY A 70 8.34 4.48 1.08
CA GLY A 70 8.67 5.79 0.59
C GLY A 70 7.59 6.34 -0.31
N GLN A 71 7.68 7.62 -0.62
CA GLN A 71 6.71 8.26 -1.50
C GLN A 71 6.84 7.72 -2.90
N TYR A 72 5.87 6.92 -3.31
CA TYR A 72 5.89 6.34 -4.64
C TYR A 72 4.60 6.66 -5.37
N ARG A 73 4.58 6.37 -6.66
CA ARG A 73 3.42 6.63 -7.48
C ARG A 73 2.65 5.34 -7.74
N MET A 74 1.34 5.41 -7.51
CA MET A 74 0.47 4.28 -7.72
C MET A 74 -0.49 4.58 -8.85
N LEU A 75 -0.77 3.59 -9.66
CA LEU A 75 -1.68 3.73 -10.77
C LEU A 75 -3.06 4.07 -10.29
N ALA A 76 -3.71 4.94 -11.03
CA ALA A 76 -5.06 5.37 -10.68
C ALA A 76 -6.07 4.56 -11.46
N LYS A 77 -7.29 4.49 -10.94
CA LYS A 77 -8.34 3.60 -11.48
C LYS A 77 -8.47 3.73 -12.99
N HIS A 78 -8.47 4.95 -13.48
CA HIS A 78 -8.81 5.20 -14.87
C HIS A 78 -7.56 5.53 -15.68
N GLY A 79 -6.42 5.05 -15.20
CA GLY A 79 -5.20 5.08 -15.98
C GLY A 79 -4.35 6.32 -15.77
N GLY A 80 -4.55 7.00 -14.66
CA GLY A 80 -3.67 8.07 -14.32
C GLY A 80 -2.60 7.59 -13.37
N TYR A 81 -2.42 8.30 -12.29
CA TYR A 81 -1.47 7.98 -11.25
C TYR A 81 -1.84 8.72 -9.99
N VAL A 82 -1.15 8.41 -8.93
CA VAL A 82 -1.37 9.06 -7.66
C VAL A 82 -0.16 8.88 -6.76
N TRP A 83 -0.05 9.69 -5.73
CA TRP A 83 1.10 9.64 -4.83
C TRP A 83 0.68 9.25 -3.45
N LEU A 84 1.16 8.11 -2.98
CA LEU A 84 1.01 7.75 -1.57
C LEU A 84 2.21 6.94 -1.10
N GLU A 85 2.56 7.12 0.16
CA GLU A 85 3.65 6.38 0.76
C GLU A 85 3.09 5.26 1.61
N THR A 86 3.55 4.05 1.36
CA THR A 86 3.05 2.89 2.05
C THR A 86 3.97 2.49 3.20
N GLN A 87 3.42 2.51 4.40
CA GLN A 87 4.13 2.06 5.58
C GLN A 87 3.65 0.65 5.93
N MET A 88 4.55 -0.30 5.90
CA MET A 88 4.18 -1.69 6.11
C MET A 88 4.77 -2.25 7.38
N THR A 89 3.93 -2.98 8.07
CA THR A 89 4.25 -3.53 9.36
C THR A 89 3.84 -4.99 9.39
N VAL A 90 4.68 -5.83 9.97
CA VAL A 90 4.39 -7.24 10.07
C VAL A 90 3.35 -7.48 11.16
N ILE A 91 2.29 -8.19 10.82
CA ILE A 91 1.34 -8.62 11.80
C ILE A 91 1.53 -10.10 12.07
N TYR A 92 2.02 -10.39 13.25
CA TYR A 92 2.38 -11.74 13.63
C TYR A 92 1.16 -12.51 14.15
N ASN A 93 1.20 -13.82 13.97
CA ASN A 93 0.15 -14.71 14.44
C ASN A 93 0.19 -14.78 15.96
N PRO A 94 -0.90 -14.43 16.64
CA PRO A 94 -0.95 -14.36 18.11
C PRO A 94 -0.50 -15.65 18.80
N ARG A 95 -0.54 -16.76 18.07
CA ARG A 95 -0.23 -18.06 18.65
C ARG A 95 1.26 -18.34 18.73
N ASN A 96 1.97 -18.07 17.66
CA ASN A 96 3.39 -18.43 17.58
C ASN A 96 4.24 -17.21 17.25
N LEU A 97 3.54 -16.10 17.02
CA LEU A 97 4.14 -14.84 16.67
C LEU A 97 4.98 -14.95 15.41
N GLN A 98 4.38 -15.59 14.42
CA GLN A 98 4.97 -15.73 13.11
C GLN A 98 4.19 -14.88 12.10
N PRO A 99 4.92 -14.08 11.32
CA PRO A 99 4.36 -13.21 10.27
C PRO A 99 3.32 -13.91 9.40
N GLN A 100 2.08 -13.44 9.46
CA GLN A 100 1.00 -14.01 8.68
C GLN A 100 0.33 -12.98 7.78
N CYS A 101 0.18 -11.76 8.29
CA CYS A 101 -0.38 -10.67 7.50
C CYS A 101 0.48 -9.42 7.65
N ILE A 102 0.24 -8.44 6.78
CA ILE A 102 0.96 -7.17 6.84
C ILE A 102 -0.01 -6.02 7.08
N MET A 103 0.35 -5.18 8.03
CA MET A 103 -0.38 -3.98 8.32
C MET A 103 0.20 -2.85 7.49
N ALA A 104 -0.52 -2.43 6.48
CA ALA A 104 -0.02 -1.43 5.57
C ALA A 104 -0.83 -0.16 5.62
N VAL A 105 -0.14 0.92 5.94
CA VAL A 105 -0.75 2.22 6.03
C VAL A 105 -0.35 3.06 4.83
N ASN A 106 -1.32 3.41 4.02
CA ASN A 106 -1.07 4.21 2.83
C ASN A 106 -1.57 5.61 3.05
N TYR A 107 -0.79 6.58 2.63
CA TYR A 107 -1.21 7.96 2.74
C TYR A 107 -0.67 8.77 1.59
N VAL A 108 -1.51 9.58 1.02
CA VAL A 108 -1.24 10.15 -0.28
C VAL A 108 -0.62 11.54 -0.16
N LEU A 109 0.48 11.72 -0.88
CA LEU A 109 1.17 13.00 -0.92
C LEU A 109 0.47 13.92 -1.91
N SER A 110 -0.20 13.31 -2.88
CA SER A 110 -0.92 14.04 -3.89
C SER A 110 -1.96 13.14 -4.50
N GLU A 111 -3.00 13.74 -5.02
CA GLU A 111 -4.09 13.01 -5.64
C GLU A 111 -3.73 12.65 -7.07
N ILE A 112 -4.71 12.11 -7.78
CA ILE A 112 -4.47 11.60 -9.12
C ILE A 112 -3.85 12.63 -10.04
N GLU A 113 -2.99 12.13 -10.90
CA GLU A 113 -2.45 12.88 -12.01
C GLU A 113 -2.91 12.24 -13.30
N LYS A 114 -3.68 12.97 -14.06
CA LYS A 114 -4.33 12.42 -15.23
C LYS A 114 -3.60 12.84 -16.50
N GLY A 1 -11.40 12.58 10.99
CA GLY A 1 -11.25 11.49 10.00
C GLY A 1 -10.01 11.66 9.16
N GLU A 2 -9.43 10.55 8.72
CA GLU A 2 -8.17 10.57 7.98
C GLU A 2 -8.43 10.70 6.48
N PHE A 3 -9.45 11.46 6.13
CA PHE A 3 -9.82 11.67 4.74
C PHE A 3 -9.56 13.12 4.36
N LEU A 4 -9.68 13.41 3.06
CA LEU A 4 -9.66 14.77 2.54
C LEU A 4 -8.36 15.52 2.88
N ASP A 5 -8.27 16.07 4.07
CA ASP A 5 -7.10 16.81 4.48
C ASP A 5 -5.95 15.87 4.83
N SER A 6 -6.29 14.73 5.41
CA SER A 6 -5.28 13.78 5.86
C SER A 6 -4.85 12.84 4.72
N LYS A 7 -5.78 12.51 3.83
CA LYS A 7 -5.50 11.62 2.70
C LYS A 7 -4.74 10.38 3.11
N THR A 8 -5.45 9.43 3.65
CA THR A 8 -4.84 8.20 4.10
C THR A 8 -5.79 7.04 3.87
N PHE A 9 -5.26 5.87 3.55
CA PHE A 9 -6.08 4.69 3.36
C PHE A 9 -5.33 3.44 3.76
N LEU A 10 -5.93 2.73 4.68
CA LEU A 10 -5.38 1.52 5.22
C LEU A 10 -5.47 0.38 4.22
N SER A 11 -4.53 -0.53 4.27
CA SER A 11 -4.60 -1.74 3.49
C SER A 11 -3.90 -2.87 4.22
N ARG A 12 -4.20 -4.10 3.85
CA ARG A 12 -3.53 -5.24 4.44
C ARG A 12 -3.12 -6.18 3.33
N PHE A 13 -1.93 -6.74 3.47
CA PHE A 13 -1.38 -7.61 2.46
C PHE A 13 -1.09 -8.99 3.02
N SER A 14 -1.09 -9.97 2.14
CA SER A 14 -0.56 -11.27 2.45
C SER A 14 0.95 -11.21 2.26
N MET A 15 1.66 -12.27 2.63
CA MET A 15 3.10 -12.33 2.45
C MET A 15 3.46 -12.53 0.97
N ASP A 16 2.47 -12.28 0.12
CA ASP A 16 2.64 -12.30 -1.33
C ASP A 16 2.30 -10.92 -1.89
N MET A 17 2.09 -9.97 -0.97
CA MET A 17 1.72 -8.60 -1.31
C MET A 17 0.42 -8.58 -2.10
N LYS A 18 -0.53 -9.37 -1.66
CA LYS A 18 -1.86 -9.35 -2.22
C LYS A 18 -2.82 -8.66 -1.28
N PHE A 19 -3.73 -7.92 -1.88
CA PHE A 19 -4.72 -7.15 -1.14
C PHE A 19 -5.69 -8.05 -0.40
N THR A 20 -5.74 -7.89 0.90
CA THR A 20 -6.71 -8.60 1.73
C THR A 20 -7.64 -7.59 2.39
N TYR A 21 -7.16 -6.36 2.48
CA TYR A 21 -7.97 -5.25 2.96
C TYR A 21 -7.50 -3.95 2.34
N CYS A 22 -8.45 -3.04 2.15
CA CYS A 22 -8.16 -1.65 1.85
C CYS A 22 -9.32 -0.81 2.35
N ASP A 23 -9.02 0.37 2.84
CA ASP A 23 -10.04 1.29 3.31
C ASP A 23 -10.62 2.07 2.16
N ASP A 24 -11.87 2.48 2.31
CA ASP A 24 -12.67 3.01 1.19
C ASP A 24 -12.10 4.30 0.65
N ARG A 25 -11.25 4.96 1.44
CA ARG A 25 -10.59 6.18 1.03
C ARG A 25 -9.79 5.96 -0.24
N ILE A 26 -9.42 4.72 -0.50
CA ILE A 26 -8.76 4.35 -1.74
C ILE A 26 -9.52 4.89 -2.96
N THR A 27 -10.83 4.94 -2.85
CA THR A 27 -11.66 5.37 -3.94
C THR A 27 -11.62 6.88 -4.10
N GLU A 28 -11.37 7.56 -3.00
CA GLU A 28 -11.21 9.00 -2.97
C GLU A 28 -9.88 9.41 -3.59
N LEU A 29 -8.87 8.60 -3.30
CA LEU A 29 -7.49 8.96 -3.58
C LEU A 29 -6.97 8.33 -4.87
N ILE A 30 -7.51 7.18 -5.22
CA ILE A 30 -7.09 6.47 -6.42
C ILE A 30 -8.28 6.21 -7.30
N GLY A 31 -9.39 5.94 -6.64
CA GLY A 31 -10.60 5.66 -7.36
C GLY A 31 -10.96 4.19 -7.36
N TYR A 32 -10.10 3.33 -6.80
CA TYR A 32 -10.41 1.92 -6.74
C TYR A 32 -11.34 1.63 -5.61
N HIS A 33 -12.08 0.55 -5.75
CA HIS A 33 -12.81 0.02 -4.63
C HIS A 33 -11.86 -0.87 -3.87
N PRO A 34 -11.89 -0.85 -2.55
CA PRO A 34 -11.04 -1.73 -1.76
C PRO A 34 -11.13 -3.16 -2.27
N GLU A 35 -12.36 -3.58 -2.52
CA GLU A 35 -12.64 -4.93 -2.98
C GLU A 35 -12.17 -5.20 -4.41
N GLU A 36 -11.93 -4.15 -5.20
CA GLU A 36 -11.47 -4.34 -6.57
C GLU A 36 -10.04 -4.83 -6.54
N LEU A 37 -9.41 -4.54 -5.43
CA LEU A 37 -8.01 -4.80 -5.25
C LEU A 37 -7.83 -6.09 -4.49
N LEU A 38 -8.81 -6.41 -3.67
CA LEU A 38 -8.74 -7.55 -2.78
C LEU A 38 -8.67 -8.85 -3.55
N GLY A 39 -7.50 -9.44 -3.57
CA GLY A 39 -7.29 -10.66 -4.31
C GLY A 39 -6.20 -10.50 -5.34
N ARG A 40 -5.70 -9.27 -5.46
CA ARG A 40 -4.65 -8.99 -6.43
C ARG A 40 -3.47 -8.34 -5.71
N SER A 41 -2.51 -7.81 -6.45
CA SER A 41 -1.26 -7.37 -5.84
C SER A 41 -1.04 -5.87 -6.00
N ALA A 42 -0.33 -5.29 -5.02
CA ALA A 42 0.00 -3.87 -5.02
C ALA A 42 0.95 -3.54 -6.15
N SER A 43 1.92 -4.42 -6.33
CA SER A 43 2.98 -4.26 -7.33
C SER A 43 2.41 -4.01 -8.73
N GLU A 44 1.15 -4.37 -8.91
CA GLU A 44 0.49 -4.21 -10.19
C GLU A 44 0.27 -2.75 -10.55
N PHE A 45 -0.03 -1.91 -9.54
CA PHE A 45 -0.30 -0.51 -9.81
C PHE A 45 0.92 0.35 -9.57
N TRP A 46 2.01 -0.25 -9.12
CA TRP A 46 3.22 0.50 -8.86
C TRP A 46 3.79 1.08 -10.14
N HIS A 47 4.35 2.27 -10.02
CA HIS A 47 5.10 2.90 -11.10
C HIS A 47 6.25 1.98 -11.50
N ALA A 48 6.22 1.51 -12.73
CA ALA A 48 7.07 0.41 -13.20
C ALA A 48 8.54 0.66 -12.94
N LEU A 49 8.96 1.89 -13.10
CA LEU A 49 10.37 2.23 -13.02
C LEU A 49 10.86 2.24 -11.57
N ASP A 50 9.95 1.98 -10.64
CA ASP A 50 10.30 1.92 -9.22
C ASP A 50 9.67 0.70 -8.58
N SER A 51 8.82 0.02 -9.33
CA SER A 51 8.09 -1.15 -8.84
C SER A 51 9.05 -2.27 -8.48
N GLU A 52 10.07 -2.45 -9.32
CA GLU A 52 11.06 -3.48 -9.12
C GLU A 52 11.78 -3.24 -7.80
N ASN A 53 12.31 -2.04 -7.66
CA ASN A 53 13.00 -1.63 -6.44
C ASN A 53 12.11 -1.80 -5.22
N MET A 54 10.89 -1.30 -5.32
CA MET A 54 9.92 -1.42 -4.24
C MET A 54 9.60 -2.88 -3.91
N THR A 55 9.80 -3.76 -4.87
CA THR A 55 9.64 -5.18 -4.61
C THR A 55 10.70 -5.62 -3.59
N LYS A 56 11.94 -5.18 -3.80
CA LYS A 56 13.03 -5.46 -2.87
C LYS A 56 12.76 -4.80 -1.51
N SER A 57 12.00 -3.70 -1.52
CA SER A 57 11.57 -3.06 -0.30
C SER A 57 10.80 -4.05 0.58
N HIS A 58 9.88 -4.77 -0.03
CA HIS A 58 9.14 -5.82 0.69
C HIS A 58 10.08 -6.96 1.07
N GLN A 59 11.13 -7.14 0.27
CA GLN A 59 12.11 -8.16 0.50
C GLN A 59 13.03 -7.80 1.68
N ASN A 60 13.11 -6.52 1.99
CA ASN A 60 13.97 -6.02 3.06
C ASN A 60 13.34 -6.33 4.43
N LEU A 61 12.64 -5.35 4.99
CA LEU A 61 11.96 -5.49 6.28
C LEU A 61 12.93 -5.88 7.40
N CYS A 62 14.22 -5.65 7.19
CA CYS A 62 15.23 -6.05 8.17
C CYS A 62 16.03 -4.85 8.68
N THR A 63 15.96 -3.73 7.95
CA THR A 63 16.72 -2.53 8.31
C THR A 63 16.44 -2.09 9.75
N LYS A 64 15.21 -1.66 10.01
CA LYS A 64 14.83 -1.18 11.34
C LYS A 64 13.92 -2.20 12.01
N GLY A 65 13.83 -3.37 11.43
CA GLY A 65 12.86 -4.35 11.87
C GLY A 65 11.56 -4.20 11.13
N GLN A 66 11.52 -3.18 10.29
CA GLN A 66 10.36 -2.86 9.48
C GLN A 66 10.86 -2.22 8.19
N VAL A 67 10.01 -2.15 7.17
CA VAL A 67 10.37 -1.48 5.95
C VAL A 67 9.29 -0.48 5.55
N VAL A 68 9.72 0.68 5.09
CA VAL A 68 8.80 1.70 4.62
C VAL A 68 9.32 2.25 3.29
N SER A 69 8.55 2.04 2.23
CA SER A 69 8.95 2.49 0.91
C SER A 69 8.88 4.01 0.80
N GLY A 70 9.67 4.57 -0.12
CA GLY A 70 9.63 6.00 -0.34
C GLY A 70 8.37 6.41 -1.07
N GLN A 71 8.12 7.72 -1.13
CA GLN A 71 6.92 8.24 -1.76
C GLN A 71 6.87 7.78 -3.20
N TYR A 72 5.93 6.91 -3.53
CA TYR A 72 5.88 6.33 -4.85
C TYR A 72 4.58 6.66 -5.54
N ARG A 73 4.52 6.34 -6.82
CA ARG A 73 3.35 6.59 -7.61
C ARG A 73 2.57 5.30 -7.83
N MET A 74 1.28 5.35 -7.50
CA MET A 74 0.40 4.21 -7.68
C MET A 74 -0.58 4.51 -8.78
N LEU A 75 -0.92 3.49 -9.56
CA LEU A 75 -1.85 3.64 -10.65
C LEU A 75 -3.22 4.00 -10.16
N ALA A 76 -3.85 4.89 -10.89
CA ALA A 76 -5.19 5.34 -10.56
C ALA A 76 -6.21 4.58 -11.37
N LYS A 77 -7.45 4.51 -10.89
CA LYS A 77 -8.45 3.62 -11.50
C LYS A 77 -8.58 3.83 -13.00
N HIS A 78 -8.52 5.07 -13.44
CA HIS A 78 -8.83 5.40 -14.82
C HIS A 78 -7.57 5.71 -15.60
N GLY A 79 -6.48 5.12 -15.17
CA GLY A 79 -5.26 5.14 -15.94
C GLY A 79 -4.40 6.36 -15.73
N GLY A 80 -4.61 7.03 -14.61
CA GLY A 80 -3.71 8.08 -14.24
C GLY A 80 -2.66 7.55 -13.29
N TYR A 81 -2.46 8.28 -12.23
CA TYR A 81 -1.49 7.92 -11.19
C TYR A 81 -1.81 8.69 -9.94
N VAL A 82 -1.10 8.38 -8.88
CA VAL A 82 -1.29 9.05 -7.62
C VAL A 82 -0.05 8.86 -6.74
N TRP A 83 0.07 9.68 -5.71
CA TRP A 83 1.24 9.63 -4.83
C TRP A 83 0.84 9.26 -3.44
N LEU A 84 1.32 8.13 -2.95
CA LEU A 84 1.19 7.77 -1.55
C LEU A 84 2.38 6.94 -1.09
N GLU A 85 2.69 7.04 0.19
CA GLU A 85 3.75 6.27 0.80
C GLU A 85 3.14 5.11 1.56
N THR A 86 3.62 3.90 1.31
CA THR A 86 3.07 2.72 1.96
C THR A 86 3.95 2.25 3.09
N GLN A 87 3.43 2.36 4.30
CA GLN A 87 4.09 1.89 5.49
C GLN A 87 3.64 0.47 5.80
N MET A 88 4.52 -0.48 5.63
CA MET A 88 4.19 -1.88 5.81
C MET A 88 4.64 -2.41 7.15
N THR A 89 3.82 -3.25 7.74
CA THR A 89 4.04 -3.76 9.08
C THR A 89 3.56 -5.21 9.16
N VAL A 90 4.34 -6.07 9.77
CA VAL A 90 3.91 -7.43 9.99
C VAL A 90 3.02 -7.49 11.22
N ILE A 91 1.81 -7.99 11.06
CA ILE A 91 0.95 -8.20 12.19
C ILE A 91 0.98 -9.66 12.61
N TYR A 92 1.60 -9.89 13.74
CA TYR A 92 1.75 -11.22 14.27
C TYR A 92 0.51 -11.66 15.02
N ASN A 93 0.27 -12.95 15.04
CA ASN A 93 -0.83 -13.52 15.79
C ASN A 93 -0.47 -13.56 17.26
N PRO A 94 -1.14 -12.77 18.10
CA PRO A 94 -0.81 -12.59 19.53
C PRO A 94 -0.61 -13.90 20.30
N ARG A 95 -1.16 -14.99 19.80
CA ARG A 95 -1.12 -16.27 20.50
C ARG A 95 0.23 -16.98 20.32
N ASN A 96 0.76 -16.99 19.11
CA ASN A 96 1.96 -17.75 18.81
C ASN A 96 3.01 -16.85 18.17
N LEU A 97 2.60 -15.60 17.98
CA LEU A 97 3.43 -14.54 17.42
C LEU A 97 4.01 -14.93 16.08
N GLN A 98 3.15 -15.46 15.25
CA GLN A 98 3.48 -15.77 13.88
C GLN A 98 2.67 -14.86 12.96
N PRO A 99 3.38 -14.19 12.05
CA PRO A 99 2.79 -13.24 11.09
C PRO A 99 1.49 -13.74 10.45
N GLN A 100 0.44 -12.96 10.64
CA GLN A 100 -0.86 -13.25 10.06
C GLN A 100 -1.02 -12.51 8.74
N CYS A 101 -0.95 -11.20 8.83
CA CYS A 101 -1.11 -10.33 7.67
C CYS A 101 -0.19 -9.12 7.79
N ILE A 102 -0.04 -8.39 6.69
CA ILE A 102 0.75 -7.18 6.69
C ILE A 102 -0.14 -5.95 6.82
N MET A 103 0.07 -5.20 7.89
CA MET A 103 -0.64 -3.96 8.12
C MET A 103 0.03 -2.87 7.31
N ALA A 104 -0.63 -2.43 6.27
CA ALA A 104 -0.07 -1.41 5.40
C ALA A 104 -0.85 -0.12 5.51
N VAL A 105 -0.13 0.93 5.81
CA VAL A 105 -0.72 2.24 5.92
C VAL A 105 -0.32 3.08 4.73
N ASN A 106 -1.29 3.44 3.92
CA ASN A 106 -1.03 4.23 2.74
C ASN A 106 -1.54 5.62 2.95
N TYR A 107 -0.76 6.60 2.57
CA TYR A 107 -1.18 7.99 2.69
C TYR A 107 -0.60 8.78 1.55
N VAL A 108 -1.44 9.61 0.97
CA VAL A 108 -1.13 10.19 -0.32
C VAL A 108 -0.52 11.59 -0.16
N LEU A 109 0.56 11.78 -0.88
CA LEU A 109 1.25 13.05 -0.93
C LEU A 109 0.54 13.98 -1.87
N SER A 110 -0.13 13.40 -2.85
CA SER A 110 -0.86 14.16 -3.84
C SER A 110 -1.95 13.31 -4.44
N GLU A 111 -2.95 13.98 -4.97
CA GLU A 111 -4.06 13.31 -5.63
C GLU A 111 -3.67 12.89 -7.04
N ILE A 112 -4.61 12.33 -7.77
CA ILE A 112 -4.33 11.74 -9.07
C ILE A 112 -3.69 12.72 -10.04
N GLU A 113 -2.86 12.18 -10.89
CA GLU A 113 -2.34 12.87 -12.05
C GLU A 113 -2.75 12.09 -13.28
N LYS A 114 -3.72 12.62 -14.00
CA LYS A 114 -4.29 11.93 -15.14
C LYS A 114 -3.60 12.37 -16.43
N GLY A 1 -6.49 18.15 9.25
CA GLY A 1 -7.29 17.26 10.12
C GLY A 1 -7.04 15.79 9.83
N GLU A 2 -7.87 14.93 10.39
CA GLU A 2 -7.71 13.49 10.19
C GLU A 2 -8.57 13.00 9.03
N PHE A 3 -9.55 13.80 8.64
CA PHE A 3 -10.42 13.42 7.55
C PHE A 3 -10.03 14.15 6.28
N LEU A 4 -10.00 13.41 5.17
CA LEU A 4 -9.81 13.99 3.84
C LEU A 4 -8.40 14.52 3.61
N ASP A 5 -8.05 15.61 4.28
CA ASP A 5 -6.78 16.29 4.03
C ASP A 5 -5.61 15.49 4.59
N SER A 6 -5.92 14.50 5.42
CA SER A 6 -4.91 13.58 5.91
C SER A 6 -4.46 12.68 4.78
N LYS A 7 -5.36 12.44 3.83
CA LYS A 7 -5.10 11.58 2.68
C LYS A 7 -4.43 10.29 3.09
N THR A 8 -5.23 9.39 3.61
CA THR A 8 -4.72 8.13 4.08
C THR A 8 -5.74 7.04 3.83
N PHE A 9 -5.26 5.85 3.51
CA PHE A 9 -6.14 4.72 3.34
C PHE A 9 -5.42 3.44 3.75
N LEU A 10 -6.03 2.76 4.69
CA LEU A 10 -5.49 1.55 5.25
C LEU A 10 -5.56 0.40 4.26
N SER A 11 -4.68 -0.57 4.45
CA SER A 11 -4.70 -1.77 3.65
C SER A 11 -4.02 -2.89 4.41
N ARG A 12 -4.32 -4.11 4.04
CA ARG A 12 -3.64 -5.24 4.60
C ARG A 12 -3.29 -6.22 3.50
N PHE A 13 -2.09 -6.76 3.60
CA PHE A 13 -1.60 -7.69 2.61
C PHE A 13 -1.31 -9.02 3.26
N SER A 14 -1.17 -10.04 2.44
CA SER A 14 -0.54 -11.25 2.91
C SER A 14 0.96 -11.07 2.69
N MET A 15 1.79 -12.01 3.11
CA MET A 15 3.23 -11.86 2.95
C MET A 15 3.62 -11.75 1.47
N ASP A 16 2.68 -12.08 0.60
CA ASP A 16 2.90 -12.03 -0.85
C ASP A 16 2.56 -10.66 -1.43
N MET A 17 2.15 -9.72 -0.56
CA MET A 17 1.77 -8.37 -0.97
C MET A 17 0.48 -8.37 -1.80
N LYS A 18 -0.41 -9.28 -1.48
CA LYS A 18 -1.71 -9.33 -2.11
C LYS A 18 -2.77 -8.73 -1.19
N PHE A 19 -3.68 -7.98 -1.79
CA PHE A 19 -4.70 -7.24 -1.07
C PHE A 19 -5.71 -8.15 -0.39
N THR A 20 -5.82 -8.02 0.92
CA THR A 20 -6.84 -8.71 1.68
C THR A 20 -7.77 -7.69 2.33
N TYR A 21 -7.25 -6.48 2.49
CA TYR A 21 -8.04 -5.35 2.98
C TYR A 21 -7.54 -4.04 2.40
N CYS A 22 -8.48 -3.14 2.20
CA CYS A 22 -8.18 -1.76 1.88
C CYS A 22 -9.34 -0.89 2.35
N ASP A 23 -9.02 0.30 2.82
CA ASP A 23 -10.04 1.21 3.33
C ASP A 23 -10.65 2.01 2.21
N ASP A 24 -11.89 2.43 2.44
CA ASP A 24 -12.77 3.01 1.42
C ASP A 24 -12.16 4.24 0.76
N ARG A 25 -11.28 4.92 1.49
CA ARG A 25 -10.65 6.14 1.05
C ARG A 25 -9.84 5.94 -0.22
N ILE A 26 -9.43 4.70 -0.47
CA ILE A 26 -8.73 4.34 -1.71
C ILE A 26 -9.48 4.86 -2.93
N THR A 27 -10.80 4.82 -2.87
CA THR A 27 -11.62 5.22 -4.00
C THR A 27 -11.64 6.73 -4.15
N GLU A 28 -11.43 7.41 -3.04
CA GLU A 28 -11.33 8.85 -3.00
C GLU A 28 -10.00 9.32 -3.59
N LEU A 29 -8.96 8.54 -3.36
CA LEU A 29 -7.60 8.97 -3.62
C LEU A 29 -7.03 8.37 -4.89
N ILE A 30 -7.53 7.21 -5.26
CA ILE A 30 -7.09 6.52 -6.47
C ILE A 30 -8.27 6.23 -7.35
N GLY A 31 -9.37 5.92 -6.69
CA GLY A 31 -10.58 5.62 -7.40
C GLY A 31 -10.90 4.15 -7.44
N TYR A 32 -10.05 3.32 -6.83
CA TYR A 32 -10.31 1.91 -6.75
C TYR A 32 -11.23 1.60 -5.61
N HIS A 33 -12.09 0.63 -5.79
CA HIS A 33 -12.82 0.11 -4.65
C HIS A 33 -11.86 -0.79 -3.91
N PRO A 34 -11.90 -0.81 -2.59
CA PRO A 34 -11.05 -1.71 -1.81
C PRO A 34 -11.17 -3.12 -2.37
N GLU A 35 -12.40 -3.55 -2.57
CA GLU A 35 -12.70 -4.87 -3.08
C GLU A 35 -12.16 -5.12 -4.49
N GLU A 36 -11.87 -4.07 -5.26
CA GLU A 36 -11.33 -4.25 -6.59
C GLU A 36 -9.92 -4.80 -6.49
N LEU A 37 -9.30 -4.43 -5.41
CA LEU A 37 -7.91 -4.70 -5.19
C LEU A 37 -7.76 -6.01 -4.45
N LEU A 38 -8.78 -6.33 -3.68
CA LEU A 38 -8.78 -7.53 -2.87
C LEU A 38 -8.76 -8.77 -3.74
N GLY A 39 -7.61 -9.42 -3.78
CA GLY A 39 -7.43 -10.59 -4.60
C GLY A 39 -6.30 -10.39 -5.58
N ARG A 40 -5.76 -9.19 -5.61
CA ARG A 40 -4.65 -8.86 -6.50
C ARG A 40 -3.49 -8.32 -5.68
N SER A 41 -2.50 -7.74 -6.35
CA SER A 41 -1.30 -7.28 -5.68
C SER A 41 -1.15 -5.78 -5.82
N ALA A 42 -0.42 -5.17 -4.89
CA ALA A 42 -0.18 -3.73 -4.93
C ALA A 42 0.85 -3.39 -6.00
N SER A 43 1.74 -4.33 -6.26
CA SER A 43 2.83 -4.14 -7.22
C SER A 43 2.28 -3.88 -8.62
N GLU A 44 1.02 -4.23 -8.81
CA GLU A 44 0.38 -4.14 -10.10
C GLU A 44 0.11 -2.69 -10.51
N PHE A 45 0.05 -1.80 -9.52
CA PHE A 45 -0.19 -0.39 -9.81
C PHE A 45 1.06 0.43 -9.54
N TRP A 46 2.12 -0.24 -9.10
CA TRP A 46 3.38 0.43 -8.86
C TRP A 46 3.98 0.92 -10.17
N HIS A 47 4.45 2.16 -10.16
CA HIS A 47 5.18 2.70 -11.30
C HIS A 47 6.33 1.75 -11.63
N ALA A 48 6.24 1.14 -12.81
CA ALA A 48 7.14 0.04 -13.20
C ALA A 48 8.60 0.38 -13.04
N LEU A 49 8.93 1.63 -13.31
CA LEU A 49 10.30 2.08 -13.30
C LEU A 49 10.78 2.38 -11.89
N ASP A 50 9.92 2.11 -10.93
CA ASP A 50 10.23 2.35 -9.53
C ASP A 50 9.76 1.18 -8.67
N SER A 51 9.00 0.28 -9.30
CA SER A 51 8.42 -0.87 -8.63
C SER A 51 9.52 -1.78 -8.08
N GLU A 52 10.66 -1.80 -8.75
CA GLU A 52 11.77 -2.63 -8.34
C GLU A 52 12.26 -2.19 -6.98
N ASN A 53 12.61 -0.92 -6.88
CA ASN A 53 13.07 -0.33 -5.62
C ASN A 53 12.03 -0.52 -4.54
N MET A 54 10.78 -0.34 -4.91
CA MET A 54 9.66 -0.52 -4.00
C MET A 54 9.58 -1.95 -3.49
N THR A 55 10.01 -2.88 -4.33
CA THR A 55 10.03 -4.28 -3.96
C THR A 55 11.06 -4.53 -2.85
N LYS A 56 12.18 -3.82 -2.91
CA LYS A 56 13.22 -3.93 -1.89
C LYS A 56 12.68 -3.57 -0.51
N SER A 57 11.67 -2.71 -0.46
CA SER A 57 10.99 -2.42 0.80
C SER A 57 10.33 -3.68 1.32
N HIS A 58 9.61 -4.37 0.44
CA HIS A 58 9.00 -5.65 0.76
C HIS A 58 10.08 -6.68 1.14
N GLN A 59 11.26 -6.50 0.56
CA GLN A 59 12.40 -7.34 0.85
C GLN A 59 12.97 -7.03 2.23
N ASN A 60 13.05 -5.74 2.53
CA ASN A 60 13.60 -5.23 3.79
C ASN A 60 12.60 -5.40 4.93
N LEU A 61 11.42 -5.92 4.61
CA LEU A 61 10.33 -6.08 5.57
C LEU A 61 10.66 -7.19 6.58
N CYS A 62 11.54 -6.85 7.50
CA CYS A 62 11.95 -7.74 8.57
C CYS A 62 12.94 -7.04 9.49
N THR A 63 13.54 -5.95 8.98
CA THR A 63 14.57 -5.20 9.71
C THR A 63 14.16 -4.88 11.15
N LYS A 64 13.11 -4.09 11.31
CA LYS A 64 12.63 -3.72 12.63
C LYS A 64 11.32 -4.43 12.94
N GLY A 65 10.96 -5.35 12.07
CA GLY A 65 9.64 -5.93 12.13
C GLY A 65 8.67 -5.12 11.29
N GLN A 66 9.22 -4.12 10.62
CA GLN A 66 8.44 -3.20 9.81
C GLN A 66 9.33 -2.62 8.73
N VAL A 67 8.73 -2.10 7.67
CA VAL A 67 9.46 -1.40 6.63
C VAL A 67 8.58 -0.26 6.11
N VAL A 68 9.17 0.88 5.86
CA VAL A 68 8.42 2.01 5.37
C VAL A 68 8.95 2.46 4.02
N SER A 69 8.13 2.30 2.99
CA SER A 69 8.50 2.68 1.63
C SER A 69 8.57 4.19 1.51
N GLY A 70 8.93 4.68 0.35
CA GLY A 70 8.97 6.11 0.12
C GLY A 70 7.89 6.56 -0.84
N GLN A 71 7.82 7.85 -1.09
CA GLN A 71 6.89 8.42 -2.05
C GLN A 71 7.02 7.72 -3.40
N TYR A 72 6.01 6.94 -3.74
CA TYR A 72 6.00 6.27 -5.01
C TYR A 72 4.70 6.56 -5.74
N ARG A 73 4.67 6.27 -7.02
CA ARG A 73 3.50 6.50 -7.82
C ARG A 73 2.69 5.23 -7.99
N MET A 74 1.42 5.32 -7.63
CA MET A 74 0.50 4.21 -7.77
C MET A 74 -0.49 4.52 -8.87
N LEU A 75 -0.79 3.51 -9.67
CA LEU A 75 -1.73 3.66 -10.75
C LEU A 75 -3.10 4.02 -10.24
N ALA A 76 -3.73 4.94 -10.93
CA ALA A 76 -5.05 5.39 -10.57
C ALA A 76 -6.09 4.62 -11.36
N LYS A 77 -7.30 4.54 -10.81
CA LYS A 77 -8.37 3.72 -11.39
C LYS A 77 -8.47 3.91 -12.89
N HIS A 78 -8.54 5.17 -13.29
CA HIS A 78 -8.87 5.51 -14.67
C HIS A 78 -7.61 5.77 -15.49
N GLY A 79 -6.53 5.12 -15.09
CA GLY A 79 -5.31 5.13 -15.88
C GLY A 79 -4.45 6.34 -15.68
N GLY A 80 -4.66 7.05 -14.59
CA GLY A 80 -3.77 8.12 -14.25
C GLY A 80 -2.70 7.62 -13.32
N TYR A 81 -2.48 8.36 -12.27
CA TYR A 81 -1.50 8.01 -11.25
C TYR A 81 -1.83 8.73 -9.98
N VAL A 82 -1.11 8.41 -8.94
CA VAL A 82 -1.28 9.05 -7.66
C VAL A 82 -0.05 8.84 -6.80
N TRP A 83 0.11 9.68 -5.79
CA TRP A 83 1.26 9.62 -4.91
C TRP A 83 0.85 9.24 -3.52
N LEU A 84 1.34 8.10 -3.04
CA LEU A 84 1.20 7.75 -1.64
C LEU A 84 2.42 6.97 -1.16
N GLU A 85 2.74 7.16 0.10
CA GLU A 85 3.84 6.43 0.72
C GLU A 85 3.25 5.32 1.59
N THR A 86 3.73 4.11 1.40
CA THR A 86 3.14 2.95 2.05
C THR A 86 4.00 2.45 3.21
N GLN A 87 3.40 2.47 4.39
CA GLN A 87 4.03 1.94 5.58
C GLN A 87 3.59 0.49 5.77
N MET A 88 4.53 -0.42 5.75
CA MET A 88 4.22 -1.84 5.84
C MET A 88 4.82 -2.48 7.06
N THR A 89 3.98 -3.17 7.78
CA THR A 89 4.31 -3.72 9.07
C THR A 89 4.01 -5.21 9.09
N VAL A 90 4.92 -6.02 9.59
CA VAL A 90 4.68 -7.45 9.66
C VAL A 90 3.76 -7.75 10.82
N ILE A 91 2.63 -8.36 10.53
CA ILE A 91 1.75 -8.80 11.57
C ILE A 91 1.92 -10.30 11.79
N TYR A 92 2.54 -10.61 12.90
CA TYR A 92 2.83 -11.98 13.26
C TYR A 92 1.64 -12.62 13.95
N ASN A 93 1.53 -13.93 13.81
CA ASN A 93 0.47 -14.68 14.45
C ASN A 93 0.83 -14.91 15.91
N PRO A 94 -0.03 -14.47 16.85
CA PRO A 94 0.27 -14.48 18.29
C PRO A 94 0.70 -15.84 18.83
N ARG A 95 0.36 -16.91 18.10
CA ARG A 95 0.67 -18.26 18.56
C ARG A 95 2.12 -18.64 18.33
N ASN A 96 2.61 -18.41 17.14
CA ASN A 96 3.94 -18.88 16.74
C ASN A 96 4.83 -17.73 16.34
N LEU A 97 4.22 -16.56 16.29
CA LEU A 97 4.87 -15.33 15.89
C LEU A 97 5.47 -15.44 14.49
N GLN A 98 4.67 -16.02 13.62
CA GLN A 98 5.01 -16.15 12.22
C GLN A 98 4.22 -15.13 11.41
N PRO A 99 4.90 -14.36 10.56
CA PRO A 99 4.29 -13.40 9.65
C PRO A 99 3.11 -13.99 8.87
N GLN A 100 1.92 -13.55 9.21
CA GLN A 100 0.72 -14.03 8.53
C GLN A 100 0.20 -12.99 7.55
N CYS A 101 0.21 -11.73 7.98
CA CYS A 101 -0.30 -10.65 7.15
C CYS A 101 0.54 -9.39 7.35
N ILE A 102 0.29 -8.40 6.51
CA ILE A 102 1.02 -7.14 6.57
C ILE A 102 0.08 -5.99 6.89
N MET A 103 0.41 -5.23 7.91
CA MET A 103 -0.32 -4.03 8.26
C MET A 103 0.23 -2.89 7.41
N ALA A 104 -0.55 -2.45 6.45
CA ALA A 104 -0.08 -1.44 5.51
C ALA A 104 -0.91 -0.18 5.59
N VAL A 105 -0.22 0.91 5.86
CA VAL A 105 -0.82 2.22 5.93
C VAL A 105 -0.39 3.04 4.74
N ASN A 106 -1.34 3.38 3.90
CA ASN A 106 -1.05 4.16 2.71
C ASN A 106 -1.53 5.58 2.91
N TYR A 107 -0.71 6.54 2.54
CA TYR A 107 -1.11 7.92 2.65
C TYR A 107 -0.55 8.72 1.49
N VAL A 108 -1.40 9.51 0.91
CA VAL A 108 -1.11 10.10 -0.38
C VAL A 108 -0.52 11.50 -0.22
N LEU A 109 0.55 11.73 -0.94
CA LEU A 109 1.23 13.01 -0.95
C LEU A 109 0.50 13.94 -1.90
N SER A 110 -0.16 13.34 -2.89
CA SER A 110 -0.90 14.09 -3.88
C SER A 110 -1.95 13.19 -4.49
N GLU A 111 -3.04 13.78 -4.92
CA GLU A 111 -4.12 13.05 -5.55
C GLU A 111 -3.77 12.73 -6.99
N ILE A 112 -4.72 12.17 -7.72
CA ILE A 112 -4.46 11.65 -9.06
C ILE A 112 -3.83 12.68 -9.99
N GLU A 113 -3.01 12.17 -10.88
CA GLU A 113 -2.44 12.96 -11.95
C GLU A 113 -2.90 12.41 -13.29
N LYS A 114 -3.84 13.10 -13.90
CA LYS A 114 -4.41 12.68 -15.16
C LYS A 114 -3.84 13.48 -16.31
N GLY A 1 -0.51 14.22 2.75
CA GLY A 1 -0.36 15.50 2.00
C GLY A 1 -0.48 16.71 2.92
N GLU A 2 0.22 17.78 2.57
CA GLU A 2 0.21 18.98 3.40
C GLU A 2 -1.09 19.77 3.20
N PHE A 3 -1.76 19.54 2.08
CA PHE A 3 -2.97 20.28 1.76
C PHE A 3 -4.14 19.83 2.62
N LEU A 4 -4.05 18.61 3.13
CA LEU A 4 -5.02 18.09 4.09
C LEU A 4 -4.55 16.74 4.62
N ASP A 5 -4.72 16.53 5.91
CA ASP A 5 -4.16 15.39 6.62
C ASP A 5 -4.95 14.09 6.35
N SER A 6 -6.21 14.23 5.95
CA SER A 6 -7.10 13.09 5.78
C SER A 6 -6.77 12.28 4.52
N LYS A 7 -5.58 12.46 3.97
CA LYS A 7 -5.15 11.70 2.82
C LYS A 7 -4.44 10.45 3.26
N THR A 8 -5.20 9.53 3.76
CA THR A 8 -4.67 8.27 4.23
C THR A 8 -5.68 7.16 3.98
N PHE A 9 -5.17 5.97 3.67
CA PHE A 9 -6.03 4.81 3.52
C PHE A 9 -5.31 3.54 3.92
N LEU A 10 -5.93 2.83 4.83
CA LEU A 10 -5.39 1.61 5.38
C LEU A 10 -5.48 0.46 4.39
N SER A 11 -4.60 -0.50 4.54
CA SER A 11 -4.64 -1.72 3.74
C SER A 11 -3.97 -2.85 4.48
N ARG A 12 -4.22 -4.06 4.05
CA ARG A 12 -3.51 -5.22 4.56
C ARG A 12 -3.02 -6.05 3.40
N PHE A 13 -1.79 -6.51 3.49
CA PHE A 13 -1.19 -7.27 2.41
C PHE A 13 -0.81 -8.66 2.88
N SER A 14 -0.85 -9.60 1.96
CA SER A 14 -0.34 -10.92 2.21
C SER A 14 1.18 -10.90 2.03
N MET A 15 1.85 -12.03 2.22
CA MET A 15 3.31 -12.06 2.17
C MET A 15 3.83 -11.72 0.77
N ASP A 16 2.96 -11.75 -0.24
CA ASP A 16 3.37 -11.44 -1.60
C ASP A 16 2.70 -10.16 -2.11
N MET A 17 2.41 -9.23 -1.20
CA MET A 17 1.89 -7.91 -1.54
C MET A 17 0.54 -8.00 -2.23
N LYS A 18 -0.24 -9.01 -1.85
CA LYS A 18 -1.61 -9.14 -2.35
C LYS A 18 -2.58 -8.41 -1.43
N PHE A 19 -3.60 -7.84 -2.05
CA PHE A 19 -4.60 -7.08 -1.33
C PHE A 19 -5.58 -7.98 -0.61
N THR A 20 -5.59 -7.87 0.72
CA THR A 20 -6.56 -8.58 1.53
C THR A 20 -7.51 -7.58 2.18
N TYR A 21 -7.02 -6.36 2.33
CA TYR A 21 -7.83 -5.26 2.83
C TYR A 21 -7.37 -3.93 2.25
N CYS A 22 -8.32 -3.05 2.01
CA CYS A 22 -8.04 -1.66 1.75
C CYS A 22 -9.23 -0.85 2.23
N ASP A 23 -8.98 0.34 2.75
CA ASP A 23 -10.04 1.19 3.24
C ASP A 23 -10.57 2.07 2.13
N ASP A 24 -11.84 2.43 2.24
CA ASP A 24 -12.60 3.02 1.13
C ASP A 24 -12.01 4.33 0.62
N ARG A 25 -11.14 4.95 1.43
CA ARG A 25 -10.40 6.14 1.00
C ARG A 25 -9.71 5.90 -0.33
N ILE A 26 -9.29 4.67 -0.57
CA ILE A 26 -8.64 4.28 -1.82
C ILE A 26 -9.43 4.75 -3.03
N THR A 27 -10.75 4.72 -2.93
CA THR A 27 -11.60 5.07 -4.05
C THR A 27 -11.62 6.59 -4.24
N GLU A 28 -11.41 7.28 -3.15
CA GLU A 28 -11.30 8.73 -3.15
C GLU A 28 -9.96 9.17 -3.74
N LEU A 29 -8.91 8.48 -3.35
CA LEU A 29 -7.55 8.91 -3.59
C LEU A 29 -6.96 8.28 -4.85
N ILE A 30 -7.46 7.13 -5.21
CA ILE A 30 -7.02 6.44 -6.42
C ILE A 30 -8.20 6.15 -7.31
N GLY A 31 -9.30 5.84 -6.66
CA GLY A 31 -10.51 5.53 -7.39
C GLY A 31 -10.81 4.05 -7.40
N TYR A 32 -9.94 3.25 -6.80
CA TYR A 32 -10.17 1.83 -6.72
C TYR A 32 -11.09 1.49 -5.58
N HIS A 33 -12.00 0.57 -5.83
CA HIS A 33 -12.77 0.00 -4.75
C HIS A 33 -11.84 -0.91 -3.98
N PRO A 34 -11.89 -0.88 -2.64
CA PRO A 34 -11.05 -1.76 -1.84
C PRO A 34 -11.12 -3.19 -2.34
N GLU A 35 -12.35 -3.64 -2.56
CA GLU A 35 -12.61 -5.01 -3.01
C GLU A 35 -12.13 -5.27 -4.44
N GLU A 36 -11.94 -4.21 -5.24
CA GLU A 36 -11.48 -4.38 -6.61
C GLU A 36 -10.03 -4.83 -6.58
N LEU A 37 -9.40 -4.52 -5.47
CA LEU A 37 -8.02 -4.78 -5.29
C LEU A 37 -7.85 -6.09 -4.53
N LEU A 38 -8.84 -6.38 -3.71
CA LEU A 38 -8.80 -7.56 -2.85
C LEU A 38 -8.86 -8.82 -3.68
N GLY A 39 -7.72 -9.49 -3.78
CA GLY A 39 -7.60 -10.67 -4.58
C GLY A 39 -6.53 -10.50 -5.63
N ARG A 40 -6.02 -9.29 -5.74
CA ARG A 40 -4.97 -8.99 -6.68
C ARG A 40 -3.75 -8.48 -5.92
N SER A 41 -2.79 -7.93 -6.65
CA SER A 41 -1.54 -7.51 -6.04
C SER A 41 -1.34 -6.00 -6.15
N ALA A 42 -0.61 -5.44 -5.20
CA ALA A 42 -0.32 -4.03 -5.18
C ALA A 42 0.67 -3.66 -6.28
N SER A 43 1.58 -4.59 -6.53
CA SER A 43 2.65 -4.39 -7.51
C SER A 43 2.09 -4.14 -8.91
N GLU A 44 0.80 -4.39 -9.08
CA GLU A 44 0.13 -4.16 -10.34
C GLU A 44 0.05 -2.67 -10.66
N PHE A 45 -0.12 -1.84 -9.62
CA PHE A 45 -0.29 -0.42 -9.82
C PHE A 45 0.95 0.36 -9.41
N TRP A 46 1.96 -0.35 -8.93
CA TRP A 46 3.21 0.28 -8.53
C TRP A 46 3.94 0.83 -9.74
N HIS A 47 4.25 2.11 -9.69
CA HIS A 47 5.08 2.74 -10.72
C HIS A 47 6.35 1.92 -10.90
N ALA A 48 6.57 1.39 -12.10
CA ALA A 48 7.58 0.37 -12.34
C ALA A 48 8.94 0.74 -11.78
N LEU A 49 9.35 1.96 -12.04
CA LEU A 49 10.69 2.43 -11.69
C LEU A 49 10.84 2.59 -10.18
N ASP A 50 9.73 2.49 -9.48
CA ASP A 50 9.74 2.54 -8.02
C ASP A 50 9.40 1.18 -7.45
N SER A 51 8.62 0.44 -8.22
CA SER A 51 8.11 -0.87 -7.79
C SER A 51 9.26 -1.78 -7.43
N GLU A 52 10.26 -1.84 -8.29
CA GLU A 52 11.42 -2.66 -8.06
C GLU A 52 12.05 -2.32 -6.73
N ASN A 53 12.37 -1.05 -6.59
CA ASN A 53 13.07 -0.54 -5.43
C ASN A 53 12.31 -0.83 -4.15
N MET A 54 11.03 -0.49 -4.14
CA MET A 54 10.22 -0.67 -2.94
C MET A 54 9.87 -2.14 -2.70
N THR A 55 9.96 -2.96 -3.75
CA THR A 55 9.83 -4.39 -3.58
C THR A 55 10.96 -4.89 -2.69
N LYS A 56 12.15 -4.36 -2.93
CA LYS A 56 13.33 -4.62 -2.12
C LYS A 56 13.12 -4.10 -0.70
N SER A 57 12.31 -3.05 -0.57
CA SER A 57 11.92 -2.54 0.72
C SER A 57 11.09 -3.60 1.46
N HIS A 58 10.16 -4.24 0.75
CA HIS A 58 9.41 -5.35 1.33
C HIS A 58 10.36 -6.52 1.61
N GLN A 59 11.38 -6.67 0.77
CA GLN A 59 12.42 -7.65 1.00
C GLN A 59 13.18 -7.32 2.29
N ASN A 60 13.35 -6.03 2.52
CA ASN A 60 14.03 -5.51 3.71
C ASN A 60 13.14 -5.59 4.95
N LEU A 61 11.91 -6.06 4.78
CA LEU A 61 10.98 -6.19 5.90
C LEU A 61 11.53 -7.17 6.93
N CYS A 62 12.14 -8.24 6.44
CA CYS A 62 12.76 -9.23 7.31
C CYS A 62 14.10 -8.70 7.86
N THR A 63 14.63 -7.68 7.21
CA THR A 63 15.90 -7.10 7.60
C THR A 63 15.78 -6.32 8.90
N LYS A 64 14.96 -5.27 8.89
CA LYS A 64 14.82 -4.41 10.05
C LYS A 64 13.77 -4.96 11.01
N GLY A 65 12.97 -5.86 10.47
CA GLY A 65 11.84 -6.40 11.21
C GLY A 65 10.58 -5.61 10.91
N GLN A 66 10.78 -4.49 10.23
CA GLN A 66 9.69 -3.69 9.70
C GLN A 66 10.23 -2.79 8.59
N VAL A 67 9.36 -2.31 7.71
CA VAL A 67 9.78 -1.42 6.64
C VAL A 67 8.70 -0.40 6.31
N VAL A 68 9.09 0.87 6.28
CA VAL A 68 8.22 1.91 5.79
C VAL A 68 8.70 2.34 4.40
N SER A 69 8.01 1.85 3.38
CA SER A 69 8.38 2.12 2.00
C SER A 69 8.32 3.61 1.71
N GLY A 70 9.25 4.10 0.91
CA GLY A 70 9.23 5.48 0.51
C GLY A 70 8.08 5.79 -0.42
N GLN A 71 7.74 7.06 -0.55
CA GLN A 71 6.62 7.47 -1.37
C GLN A 71 6.81 7.06 -2.82
N TYR A 72 5.80 6.40 -3.35
CA TYR A 72 5.85 5.94 -4.73
C TYR A 72 4.58 6.39 -5.43
N ARG A 73 4.57 6.27 -6.75
CA ARG A 73 3.39 6.58 -7.52
C ARG A 73 2.60 5.31 -7.76
N MET A 74 1.31 5.38 -7.51
CA MET A 74 0.43 4.25 -7.70
C MET A 74 -0.54 4.55 -8.83
N LEU A 75 -0.79 3.55 -9.64
CA LEU A 75 -1.71 3.70 -10.75
C LEU A 75 -3.09 4.03 -10.25
N ALA A 76 -3.74 4.93 -10.95
CA ALA A 76 -5.07 5.36 -10.59
C ALA A 76 -6.11 4.58 -11.36
N LYS A 77 -7.32 4.50 -10.81
CA LYS A 77 -8.38 3.66 -11.37
C LYS A 77 -8.52 3.84 -12.87
N HIS A 78 -8.59 5.08 -13.29
CA HIS A 78 -8.95 5.39 -14.67
C HIS A 78 -7.71 5.64 -15.51
N GLY A 79 -6.58 5.13 -15.03
CA GLY A 79 -5.37 5.08 -15.83
C GLY A 79 -4.42 6.23 -15.59
N GLY A 80 -4.68 7.02 -14.57
CA GLY A 80 -3.76 8.06 -14.23
C GLY A 80 -2.71 7.56 -13.26
N TYR A 81 -2.50 8.32 -12.23
CA TYR A 81 -1.53 8.01 -11.21
C TYR A 81 -1.87 8.73 -9.94
N VAL A 82 -1.13 8.44 -8.90
CA VAL A 82 -1.31 9.10 -7.62
C VAL A 82 -0.08 8.91 -6.75
N TRP A 83 0.07 9.74 -5.74
CA TRP A 83 1.24 9.68 -4.86
C TRP A 83 0.83 9.31 -3.45
N LEU A 84 1.28 8.16 -2.97
CA LEU A 84 1.13 7.82 -1.56
C LEU A 84 2.34 7.01 -1.07
N GLU A 85 2.59 7.06 0.22
CA GLU A 85 3.68 6.32 0.84
C GLU A 85 3.11 5.21 1.72
N THR A 86 3.66 4.01 1.58
CA THR A 86 3.10 2.85 2.27
C THR A 86 3.98 2.37 3.43
N GLN A 87 3.43 2.44 4.64
CA GLN A 87 4.07 1.84 5.80
C GLN A 87 3.64 0.38 5.89
N MET A 88 4.60 -0.52 5.99
CA MET A 88 4.28 -1.93 6.09
C MET A 88 4.75 -2.52 7.41
N THR A 89 3.88 -3.32 7.99
CA THR A 89 4.10 -3.89 9.30
C THR A 89 3.59 -5.33 9.32
N VAL A 90 4.38 -6.25 9.84
CA VAL A 90 3.95 -7.63 9.94
C VAL A 90 3.05 -7.79 11.14
N ILE A 91 1.81 -8.19 10.91
CA ILE A 91 0.92 -8.48 12.00
C ILE A 91 0.80 -9.98 12.17
N TYR A 92 1.50 -10.46 13.17
CA TYR A 92 1.56 -11.87 13.47
C TYR A 92 0.28 -12.36 14.12
N ASN A 93 0.02 -13.64 13.98
CA ASN A 93 -1.12 -14.27 14.63
C ASN A 93 -0.75 -14.62 16.08
N PRO A 94 -1.48 -14.08 17.06
CA PRO A 94 -1.15 -14.23 18.49
C PRO A 94 -0.97 -15.68 18.95
N ARG A 95 -1.53 -16.62 18.19
CA ARG A 95 -1.48 -18.03 18.56
C ARG A 95 -0.11 -18.65 18.26
N ASN A 96 0.42 -18.41 17.07
CA ASN A 96 1.64 -19.09 16.63
C ASN A 96 2.71 -18.08 16.25
N LEU A 97 2.31 -16.82 16.28
CA LEU A 97 3.15 -15.69 15.91
C LEU A 97 3.70 -15.84 14.51
N GLN A 98 2.81 -16.21 13.61
CA GLN A 98 3.14 -16.33 12.21
C GLN A 98 2.60 -15.14 11.42
N PRO A 99 3.48 -14.50 10.65
CA PRO A 99 3.10 -13.44 9.71
C PRO A 99 1.95 -13.83 8.79
N GLN A 100 0.77 -13.34 9.13
CA GLN A 100 -0.42 -13.60 8.33
C GLN A 100 -0.70 -12.43 7.41
N CYS A 101 -0.85 -11.27 8.02
CA CYS A 101 -1.21 -10.07 7.30
C CYS A 101 -0.19 -8.97 7.55
N ILE A 102 -0.03 -8.11 6.56
CA ILE A 102 0.79 -6.94 6.70
C ILE A 102 -0.07 -5.72 6.92
N MET A 103 0.10 -5.08 8.06
CA MET A 103 -0.60 -3.85 8.36
C MET A 103 0.04 -2.73 7.57
N ALA A 104 -0.66 -2.28 6.56
CA ALA A 104 -0.10 -1.30 5.64
C ALA A 104 -0.87 -0.01 5.68
N VAL A 105 -0.15 1.05 5.97
CA VAL A 105 -0.72 2.38 6.03
C VAL A 105 -0.29 3.18 4.81
N ASN A 106 -1.27 3.52 3.99
CA ASN A 106 -1.00 4.31 2.80
C ASN A 106 -1.48 5.72 3.02
N TYR A 107 -0.72 6.69 2.59
CA TYR A 107 -1.14 8.06 2.69
C TYR A 107 -0.58 8.87 1.54
N VAL A 108 -1.44 9.67 0.96
CA VAL A 108 -1.15 10.26 -0.33
C VAL A 108 -0.49 11.63 -0.15
N LEU A 109 0.59 11.84 -0.88
CA LEU A 109 1.29 13.10 -0.91
C LEU A 109 0.57 14.03 -1.87
N SER A 110 -0.04 13.44 -2.89
CA SER A 110 -0.80 14.17 -3.88
C SER A 110 -1.80 13.24 -4.52
N GLU A 111 -2.88 13.80 -4.98
CA GLU A 111 -3.96 13.03 -5.56
C GLU A 111 -3.70 12.71 -7.01
N ILE A 112 -4.68 12.13 -7.67
CA ILE A 112 -4.50 11.61 -9.02
C ILE A 112 -3.93 12.62 -10.00
N GLU A 113 -3.14 12.11 -10.93
CA GLU A 113 -2.64 12.88 -12.04
C GLU A 113 -3.37 12.48 -13.30
N LYS A 114 -4.39 13.25 -13.64
CA LYS A 114 -5.24 12.93 -14.76
C LYS A 114 -4.83 13.72 -16.00
N GLY A 1 5.97 12.65 7.77
CA GLY A 1 5.18 13.69 8.47
C GLY A 1 3.69 13.46 8.30
N GLU A 2 2.98 13.36 9.42
CA GLU A 2 1.56 13.07 9.40
C GLU A 2 0.75 14.35 9.20
N PHE A 3 1.11 15.11 8.17
CA PHE A 3 0.44 16.37 7.88
C PHE A 3 -0.91 16.12 7.23
N LEU A 4 -1.04 14.98 6.60
CA LEU A 4 -2.28 14.63 5.92
C LEU A 4 -3.14 13.74 6.81
N ASP A 5 -4.16 14.34 7.38
CA ASP A 5 -5.08 13.63 8.26
C ASP A 5 -6.04 12.76 7.45
N SER A 6 -6.67 13.38 6.47
CA SER A 6 -7.70 12.72 5.68
C SER A 6 -7.09 11.85 4.58
N LYS A 7 -5.94 12.26 4.08
CA LYS A 7 -5.29 11.57 2.98
C LYS A 7 -4.49 10.38 3.46
N THR A 8 -5.20 9.39 3.90
CA THR A 8 -4.61 8.14 4.32
C THR A 8 -5.61 7.02 4.11
N PHE A 9 -5.12 5.85 3.73
CA PHE A 9 -5.96 4.68 3.57
C PHE A 9 -5.20 3.43 3.94
N LEU A 10 -5.80 2.70 4.86
CA LEU A 10 -5.24 1.48 5.37
C LEU A 10 -5.42 0.34 4.39
N SER A 11 -4.51 -0.61 4.42
CA SER A 11 -4.66 -1.82 3.65
C SER A 11 -3.93 -2.96 4.35
N ARG A 12 -4.34 -4.17 4.07
CA ARG A 12 -3.65 -5.32 4.60
C ARG A 12 -3.30 -6.27 3.47
N PHE A 13 -2.12 -6.85 3.57
CA PHE A 13 -1.62 -7.76 2.54
C PHE A 13 -1.37 -9.12 3.11
N SER A 14 -1.50 -10.12 2.26
CA SER A 14 -1.04 -11.45 2.60
C SER A 14 0.48 -11.47 2.49
N MET A 15 1.12 -12.59 2.80
CA MET A 15 2.58 -12.66 2.71
C MET A 15 3.04 -12.38 1.27
N ASP A 16 2.13 -12.57 0.32
CA ASP A 16 2.45 -12.45 -1.09
C ASP A 16 2.05 -11.07 -1.64
N MET A 17 1.85 -10.10 -0.75
CA MET A 17 1.51 -8.74 -1.14
C MET A 17 0.22 -8.70 -1.94
N LYS A 18 -0.74 -9.50 -1.52
CA LYS A 18 -2.03 -9.49 -2.16
C LYS A 18 -3.06 -8.86 -1.25
N PHE A 19 -3.97 -8.12 -1.87
CA PHE A 19 -4.94 -7.31 -1.16
C PHE A 19 -5.98 -8.17 -0.45
N THR A 20 -5.97 -8.08 0.87
CA THR A 20 -6.96 -8.75 1.70
C THR A 20 -7.84 -7.71 2.37
N TYR A 21 -7.31 -6.51 2.50
CA TYR A 21 -8.06 -5.37 2.99
C TYR A 21 -7.53 -4.08 2.39
N CYS A 22 -8.44 -3.16 2.16
CA CYS A 22 -8.12 -1.79 1.84
C CYS A 22 -9.27 -0.91 2.31
N ASP A 23 -8.96 0.25 2.84
CA ASP A 23 -9.96 1.16 3.34
C ASP A 23 -10.50 2.02 2.22
N ASP A 24 -11.76 2.42 2.36
CA ASP A 24 -12.54 3.03 1.28
C ASP A 24 -11.95 4.34 0.78
N ARG A 25 -11.06 4.93 1.57
CA ARG A 25 -10.34 6.14 1.17
C ARG A 25 -9.66 5.94 -0.18
N ILE A 26 -9.22 4.72 -0.44
CA ILE A 26 -8.56 4.37 -1.70
C ILE A 26 -9.36 4.85 -2.91
N THR A 27 -10.66 4.78 -2.81
CA THR A 27 -11.51 5.13 -3.93
C THR A 27 -11.58 6.64 -4.09
N GLU A 28 -11.39 7.34 -2.99
CA GLU A 28 -11.33 8.78 -2.97
C GLU A 28 -10.02 9.28 -3.59
N LEU A 29 -8.95 8.56 -3.32
CA LEU A 29 -7.61 9.02 -3.61
C LEU A 29 -7.04 8.44 -4.89
N ILE A 30 -7.48 7.25 -5.23
CA ILE A 30 -7.02 6.58 -6.45
C ILE A 30 -8.19 6.27 -7.34
N GLY A 31 -9.29 5.95 -6.69
CA GLY A 31 -10.48 5.60 -7.41
C GLY A 31 -10.75 4.12 -7.40
N TYR A 32 -9.87 3.35 -6.78
CA TYR A 32 -10.10 1.92 -6.66
C TYR A 32 -11.01 1.61 -5.51
N HIS A 33 -11.96 0.74 -5.76
CA HIS A 33 -12.71 0.17 -4.67
C HIS A 33 -11.78 -0.77 -3.94
N PRO A 34 -11.81 -0.80 -2.62
CA PRO A 34 -11.00 -1.74 -1.85
C PRO A 34 -11.13 -3.13 -2.44
N GLU A 35 -12.36 -3.55 -2.64
CA GLU A 35 -12.67 -4.88 -3.15
C GLU A 35 -12.22 -5.08 -4.60
N GLU A 36 -11.94 -4.00 -5.32
CA GLU A 36 -11.43 -4.12 -6.67
C GLU A 36 -10.00 -4.59 -6.62
N LEU A 37 -9.40 -4.33 -5.49
CA LEU A 37 -8.01 -4.63 -5.27
C LEU A 37 -7.90 -5.96 -4.56
N LEU A 38 -8.90 -6.26 -3.76
CA LEU A 38 -8.91 -7.47 -2.97
C LEU A 38 -8.90 -8.70 -3.85
N GLY A 39 -7.75 -9.36 -3.90
CA GLY A 39 -7.58 -10.53 -4.73
C GLY A 39 -6.46 -10.34 -5.72
N ARG A 40 -5.89 -9.14 -5.73
CA ARG A 40 -4.77 -8.84 -6.61
C ARG A 40 -3.59 -8.34 -5.80
N SER A 41 -2.59 -7.78 -6.46
CA SER A 41 -1.36 -7.39 -5.80
C SER A 41 -1.16 -5.88 -5.83
N ALA A 42 -0.36 -5.38 -4.89
CA ALA A 42 -0.05 -3.95 -4.81
C ALA A 42 0.84 -3.54 -5.97
N SER A 43 1.84 -4.38 -6.24
CA SER A 43 2.83 -4.14 -7.27
C SER A 43 2.19 -3.89 -8.63
N GLU A 44 0.94 -4.28 -8.78
CA GLU A 44 0.19 -4.09 -10.00
C GLU A 44 0.02 -2.61 -10.34
N PHE A 45 0.03 -1.75 -9.32
CA PHE A 45 -0.14 -0.32 -9.56
C PHE A 45 1.11 0.44 -9.11
N TRP A 46 2.18 -0.29 -8.84
CA TRP A 46 3.44 0.31 -8.48
C TRP A 46 4.13 0.85 -9.72
N HIS A 47 4.43 2.15 -9.72
CA HIS A 47 5.21 2.75 -10.79
C HIS A 47 6.48 1.94 -11.03
N ALA A 48 6.70 1.50 -12.27
CA ALA A 48 7.72 0.52 -12.59
C ALA A 48 9.07 0.87 -12.00
N LEU A 49 9.48 2.12 -12.19
CA LEU A 49 10.83 2.56 -11.84
C LEU A 49 10.99 2.71 -10.33
N ASP A 50 9.95 2.36 -9.60
CA ASP A 50 9.99 2.39 -8.13
C ASP A 50 9.63 1.02 -7.58
N SER A 51 8.87 0.27 -8.36
CA SER A 51 8.33 -1.01 -7.95
C SER A 51 9.43 -1.99 -7.54
N GLU A 52 10.49 -2.06 -8.32
CA GLU A 52 11.56 -3.00 -8.07
C GLU A 52 12.15 -2.77 -6.69
N ASN A 53 12.58 -1.56 -6.46
CA ASN A 53 13.21 -1.19 -5.21
C ASN A 53 12.27 -1.41 -4.04
N MET A 54 11.03 -1.01 -4.23
CA MET A 54 10.01 -1.17 -3.20
C MET A 54 9.75 -2.63 -2.88
N THR A 55 9.94 -3.49 -3.87
CA THR A 55 9.80 -4.91 -3.66
C THR A 55 10.85 -5.39 -2.66
N LYS A 56 12.08 -4.89 -2.83
CA LYS A 56 13.17 -5.18 -1.91
C LYS A 56 12.89 -4.56 -0.54
N SER A 57 12.12 -3.48 -0.52
CA SER A 57 11.67 -2.89 0.74
C SER A 57 10.81 -3.90 1.48
N HIS A 58 9.91 -4.57 0.77
CA HIS A 58 9.10 -5.61 1.39
C HIS A 58 9.97 -6.79 1.77
N GLN A 59 11.07 -6.95 1.04
CA GLN A 59 12.08 -7.93 1.38
C GLN A 59 12.84 -7.51 2.64
N ASN A 60 12.97 -6.20 2.82
CA ASN A 60 13.59 -5.61 4.00
C ASN A 60 12.63 -5.68 5.19
N LEU A 61 11.35 -5.86 4.89
CA LEU A 61 10.35 -6.08 5.93
C LEU A 61 10.71 -7.35 6.69
N CYS A 62 10.36 -7.38 7.97
CA CYS A 62 10.73 -8.47 8.88
C CYS A 62 12.18 -8.34 9.33
N THR A 63 12.99 -7.54 8.61
CA THR A 63 14.37 -7.33 8.99
C THR A 63 14.44 -6.38 10.18
N LYS A 64 13.78 -5.24 10.05
CA LYS A 64 13.67 -4.29 11.15
C LYS A 64 12.44 -4.62 11.97
N GLY A 65 11.72 -5.64 11.51
CA GLY A 65 10.42 -5.96 12.07
C GLY A 65 9.34 -5.16 11.41
N GLN A 66 9.76 -4.18 10.61
CA GLN A 66 8.86 -3.37 9.82
C GLN A 66 9.65 -2.76 8.66
N VAL A 67 8.96 -2.18 7.71
CA VAL A 67 9.63 -1.48 6.61
C VAL A 67 8.74 -0.34 6.11
N VAL A 68 9.37 0.78 5.76
CA VAL A 68 8.64 1.92 5.26
C VAL A 68 9.19 2.33 3.91
N SER A 69 8.39 2.15 2.87
CA SER A 69 8.80 2.50 1.52
C SER A 69 8.54 3.98 1.27
N GLY A 70 9.54 4.67 0.71
CA GLY A 70 9.38 6.07 0.36
C GLY A 70 8.26 6.28 -0.64
N GLN A 71 7.75 7.50 -0.73
CA GLN A 71 6.58 7.78 -1.54
C GLN A 71 6.79 7.39 -2.99
N TYR A 72 5.82 6.66 -3.51
CA TYR A 72 5.84 6.24 -4.88
C TYR A 72 4.56 6.70 -5.57
N ARG A 73 4.55 6.61 -6.88
CA ARG A 73 3.38 6.95 -7.64
C ARG A 73 2.61 5.68 -7.97
N MET A 74 1.37 5.63 -7.54
CA MET A 74 0.53 4.45 -7.71
C MET A 74 -0.43 4.68 -8.85
N LEU A 75 -0.73 3.62 -9.58
CA LEU A 75 -1.65 3.71 -10.68
C LEU A 75 -3.03 4.03 -10.20
N ALA A 76 -3.70 4.88 -10.96
CA ALA A 76 -5.05 5.31 -10.62
C ALA A 76 -6.07 4.49 -11.38
N LYS A 77 -7.30 4.47 -10.87
CA LYS A 77 -8.35 3.56 -11.36
C LYS A 77 -8.46 3.56 -12.88
N HIS A 78 -8.43 4.73 -13.47
CA HIS A 78 -8.72 4.85 -14.89
C HIS A 78 -7.44 5.11 -15.68
N GLY A 79 -6.31 4.71 -15.10
CA GLY A 79 -5.06 4.73 -15.83
C GLY A 79 -4.26 6.00 -15.67
N GLY A 80 -4.57 6.78 -14.64
CA GLY A 80 -3.75 7.91 -14.34
C GLY A 80 -2.65 7.50 -13.38
N TYR A 81 -2.51 8.26 -12.33
CA TYR A 81 -1.53 7.99 -11.29
C TYR A 81 -1.89 8.76 -10.05
N VAL A 82 -1.19 8.48 -8.98
CA VAL A 82 -1.43 9.13 -7.71
C VAL A 82 -0.21 8.97 -6.82
N TRP A 83 -0.11 9.78 -5.78
CA TRP A 83 1.05 9.73 -4.90
C TRP A 83 0.66 9.35 -3.50
N LEU A 84 1.19 8.23 -3.01
CA LEU A 84 1.06 7.87 -1.60
C LEU A 84 2.28 7.08 -1.15
N GLU A 85 2.56 7.15 0.14
CA GLU A 85 3.68 6.44 0.73
C GLU A 85 3.16 5.30 1.59
N THR A 86 3.84 4.15 1.54
CA THR A 86 3.34 2.95 2.17
C THR A 86 4.23 2.46 3.32
N GLN A 87 3.64 2.31 4.48
CA GLN A 87 4.30 1.66 5.60
C GLN A 87 3.77 0.24 5.74
N MET A 88 4.67 -0.73 5.69
CA MET A 88 4.26 -2.12 5.76
C MET A 88 4.74 -2.77 7.04
N THR A 89 3.82 -3.46 7.68
CA THR A 89 4.01 -3.96 9.03
C THR A 89 3.52 -5.40 9.12
N VAL A 90 4.34 -6.29 9.66
CA VAL A 90 3.88 -7.66 9.90
C VAL A 90 3.00 -7.69 11.13
N ILE A 91 1.78 -8.16 10.98
CA ILE A 91 0.92 -8.32 12.12
C ILE A 91 0.84 -9.78 12.52
N TYR A 92 1.47 -10.08 13.64
CA TYR A 92 1.53 -11.44 14.15
C TYR A 92 0.29 -11.77 14.98
N ASN A 93 -0.08 -13.03 14.97
CA ASN A 93 -1.19 -13.52 15.78
C ASN A 93 -0.74 -13.70 17.22
N PRO A 94 -1.29 -12.90 18.16
CA PRO A 94 -0.85 -12.88 19.57
C PRO A 94 -0.74 -14.25 20.23
N ARG A 95 -1.42 -15.24 19.68
CA ARG A 95 -1.45 -16.57 20.26
C ARG A 95 -0.16 -17.35 20.00
N ASN A 96 0.35 -17.28 18.77
CA ASN A 96 1.53 -18.07 18.40
C ASN A 96 2.61 -17.17 17.83
N LEU A 97 2.22 -15.92 17.59
CA LEU A 97 3.08 -14.91 17.01
C LEU A 97 3.55 -15.28 15.62
N GLN A 98 2.59 -15.72 14.83
CA GLN A 98 2.81 -16.03 13.44
C GLN A 98 2.17 -14.97 12.56
N PRO A 99 2.96 -14.40 11.63
CA PRO A 99 2.50 -13.40 10.67
C PRO A 99 1.17 -13.75 10.01
N GLN A 100 0.13 -13.04 10.40
CA GLN A 100 -1.20 -13.25 9.84
C GLN A 100 -1.37 -12.44 8.57
N CYS A 101 -1.22 -11.14 8.71
CA CYS A 101 -1.36 -10.23 7.59
C CYS A 101 -0.43 -9.06 7.75
N ILE A 102 -0.25 -8.31 6.68
CA ILE A 102 0.64 -7.16 6.70
C ILE A 102 -0.16 -5.86 6.81
N MET A 103 0.05 -5.15 7.90
CA MET A 103 -0.57 -3.86 8.12
C MET A 103 0.11 -2.83 7.25
N ALA A 104 -0.58 -2.39 6.23
CA ALA A 104 -0.03 -1.42 5.32
C ALA A 104 -0.76 -0.10 5.44
N VAL A 105 0.00 0.92 5.75
CA VAL A 105 -0.54 2.25 5.87
C VAL A 105 -0.14 3.07 4.66
N ASN A 106 -1.12 3.43 3.87
CA ASN A 106 -0.90 4.23 2.69
C ASN A 106 -1.45 5.62 2.92
N TYR A 107 -0.72 6.63 2.50
CA TYR A 107 -1.18 7.99 2.64
C TYR A 107 -0.65 8.83 1.50
N VAL A 108 -1.52 9.64 0.95
CA VAL A 108 -1.26 10.25 -0.33
C VAL A 108 -0.63 11.63 -0.19
N LEU A 109 0.40 11.86 -0.98
CA LEU A 109 1.06 13.14 -1.04
C LEU A 109 0.34 14.04 -2.01
N SER A 110 -0.32 13.42 -2.99
CA SER A 110 -1.04 14.14 -4.01
C SER A 110 -2.12 13.24 -4.59
N GLU A 111 -3.15 13.86 -5.14
CA GLU A 111 -4.25 13.13 -5.74
C GLU A 111 -3.88 12.70 -7.14
N ILE A 112 -4.85 12.16 -7.86
CA ILE A 112 -4.60 11.62 -9.18
C ILE A 112 -4.01 12.65 -10.13
N GLU A 113 -3.17 12.17 -11.02
CA GLU A 113 -2.69 12.95 -12.14
C GLU A 113 -3.11 12.27 -13.43
N LYS A 114 -4.20 12.75 -14.00
CA LYS A 114 -4.76 12.16 -15.20
C LYS A 114 -4.11 12.77 -16.44
#